data_3FG5
# 
_entry.id   3FG5 
# 
_audit_conform.dict_name       mmcif_pdbx.dic 
_audit_conform.dict_version    5.399 
_audit_conform.dict_location   http://mmcif.pdb.org/dictionaries/ascii/mmcif_pdbx.dic 
# 
loop_
_database_2.database_id 
_database_2.database_code 
_database_2.pdbx_database_accession 
_database_2.pdbx_DOI 
PDB   3FG5         pdb_00003fg5 10.2210/pdb3fg5/pdb 
RCSB  RCSB050549   ?            ?                   
WWPDB D_1000050549 ?            ?                   
# 
loop_
_pdbx_audit_revision_history.ordinal 
_pdbx_audit_revision_history.data_content_type 
_pdbx_audit_revision_history.major_revision 
_pdbx_audit_revision_history.minor_revision 
_pdbx_audit_revision_history.revision_date 
1 'Structure model' 1 0 2008-12-23 
2 'Structure model' 1 1 2011-07-13 
3 'Structure model' 1 2 2023-11-01 
4 'Structure model' 1 3 2024-11-20 
# 
_pdbx_audit_revision_details.ordinal             1 
_pdbx_audit_revision_details.revision_ordinal    1 
_pdbx_audit_revision_details.data_content_type   'Structure model' 
_pdbx_audit_revision_details.provider            repository 
_pdbx_audit_revision_details.type                'Initial release' 
_pdbx_audit_revision_details.description         ? 
_pdbx_audit_revision_details.details             ? 
# 
loop_
_pdbx_audit_revision_group.ordinal 
_pdbx_audit_revision_group.revision_ordinal 
_pdbx_audit_revision_group.data_content_type 
_pdbx_audit_revision_group.group 
1 2 'Structure model' 'Version format compliance' 
2 3 'Structure model' 'Data collection'           
3 3 'Structure model' 'Database references'       
4 3 'Structure model' 'Derived calculations'      
5 3 'Structure model' 'Refinement description'    
6 4 'Structure model' 'Structure summary'         
# 
loop_
_pdbx_audit_revision_category.ordinal 
_pdbx_audit_revision_category.revision_ordinal 
_pdbx_audit_revision_category.data_content_type 
_pdbx_audit_revision_category.category 
1 3 'Structure model' chem_comp_atom                
2 3 'Structure model' chem_comp_bond                
3 3 'Structure model' database_2                    
4 3 'Structure model' pdbx_initial_refinement_model 
5 3 'Structure model' struct_site                   
6 4 'Structure model' pdbx_entry_details            
7 4 'Structure model' pdbx_modification_feature     
# 
loop_
_pdbx_audit_revision_item.ordinal 
_pdbx_audit_revision_item.revision_ordinal 
_pdbx_audit_revision_item.data_content_type 
_pdbx_audit_revision_item.item 
1 3 'Structure model' '_database_2.pdbx_DOI'                         
2 3 'Structure model' '_database_2.pdbx_database_accession'          
3 3 'Structure model' '_struct_site.pdbx_auth_asym_id'               
4 3 'Structure model' '_struct_site.pdbx_auth_comp_id'               
5 3 'Structure model' '_struct_site.pdbx_auth_seq_id'                
6 4 'Structure model' '_pdbx_entry_details.has_protein_modification' 
# 
_pdbx_database_status.status_code                     REL 
_pdbx_database_status.entry_id                        3FG5 
_pdbx_database_status.recvd_initial_deposition_date   2008-12-05 
_pdbx_database_status.deposit_site                    RCSB 
_pdbx_database_status.process_site                    PDBJ 
_pdbx_database_status.status_code_sf                  REL 
_pdbx_database_status.status_code_mr                  ? 
_pdbx_database_status.SG_entry                        ? 
_pdbx_database_status.pdb_format_compatible           Y 
_pdbx_database_status.status_code_cs                  ? 
_pdbx_database_status.status_code_nmr_data            ? 
_pdbx_database_status.methods_development_category    ? 
# 
_pdbx_database_related.db_name        PDB 
_pdbx_database_related.db_id          1ZR8 
_pdbx_database_related.details        'group II phospholipase A2 complexed with alkaloid ajmaline at 2.0A resolution' 
_pdbx_database_related.content_type   unspecified 
# 
loop_
_audit_author.name 
_audit_author.pdbx_ordinal 
'Kumar, M.'      1  
'Kumar, S.'      2  
'Vikram, G.'     3  
'Singh, N.'      4  
'Sinha, M.'      5  
'Bhushan, A.'    6  
'Kaur, P.'       7  
'Srinivasan, A.' 8  
'Sharma, S.'     9  
'Singh, T.P.'    10 
# 
_citation.id                        primary 
_citation.title                     
'Crystal structure determination of a ternary complex of phospholipase A2 with a pentapeptide FLSYK and Ajmaline at 2.5 A resolution' 
_citation.journal_abbrev            'To be Published' 
_citation.journal_volume            ? 
_citation.page_first                ? 
_citation.page_last                 ? 
_citation.year                      ? 
_citation.journal_id_ASTM           ? 
_citation.country                   ? 
_citation.journal_id_ISSN           ? 
_citation.journal_id_CSD            0353 
_citation.book_publisher            ? 
_citation.pdbx_database_id_PubMed   ? 
_citation.pdbx_database_id_DOI      ? 
# 
loop_
_citation_author.citation_id 
_citation_author.name 
_citation_author.ordinal 
_citation_author.identifier_ORCID 
primary 'Kumar, M.'      1  ? 
primary 'Kumar, S.'      2  ? 
primary 'Vikram, G.'     3  ? 
primary 'Singh, N.'      4  ? 
primary 'Sinha, M.'      5  ? 
primary 'Bhushan, A.'    6  ? 
primary 'Kaur, P.'       7  ? 
primary 'Srinivasan, A.' 8  ? 
primary 'Sharma, S.'     9  ? 
primary 'Singh, T.P.'    10 ? 
# 
loop_
_entity.id 
_entity.type 
_entity.src_method 
_entity.pdbx_description 
_entity.formula_weight 
_entity.pdbx_number_of_molecules 
_entity.pdbx_ec 
_entity.pdbx_mutation 
_entity.pdbx_fragment 
_entity.details 
1 polymer     nat 'Group II Phospholipase A2' 13629.767 1  3.1.1.4 ? ? ? 
2 polymer     syn 'pentapeptide FLSYK'        657.778   1  ?       ? ? ? 
3 non-polymer syn AJMALINE                    298.379   1  ?       ? ? ? 
4 water       nat water                       18.015    61 ?       ? ? ? 
# 
loop_
_entity_poly.entity_id 
_entity_poly.type 
_entity_poly.nstd_linkage 
_entity_poly.nstd_monomer 
_entity_poly.pdbx_seq_one_letter_code 
_entity_poly.pdbx_seq_one_letter_code_can 
_entity_poly.pdbx_strand_id 
_entity_poly.pdbx_target_identifier 
1 'polypeptide(L)' no no 
;SLLEFGKMILEETGKLAIPSYSSYGCYCGWGGKGTPKDATDRCCFVHDCCYGNLPDCNPKSDRYKYKRVNGAIVCEKGTS
CENRICECDKAAAICFRQNLNTYSKKYMLYPDFLCKGELKC
;
;SLLEFGKMILEETGKLAIPSYSSYGCYCGWGGKGTPKDATDRCCFVHDCCYGNLPDCNPKSDRYKYKRVNGAIVCEKGTS
CENRICECDKAAAICFRQNLNTYSKKYMLYPDFLCKGELKC
;
A ? 
2 'polypeptide(L)' no no FLSYK FLSYK C ? 
# 
loop_
_pdbx_entity_nonpoly.entity_id 
_pdbx_entity_nonpoly.name 
_pdbx_entity_nonpoly.comp_id 
3 AJMALINE AJM 
4 water    HOH 
# 
loop_
_entity_poly_seq.entity_id 
_entity_poly_seq.num 
_entity_poly_seq.mon_id 
_entity_poly_seq.hetero 
1 1   SER n 
1 2   LEU n 
1 3   LEU n 
1 4   GLU n 
1 5   PHE n 
1 6   GLY n 
1 7   LYS n 
1 8   MET n 
1 9   ILE n 
1 10  LEU n 
1 11  GLU n 
1 12  GLU n 
1 13  THR n 
1 14  GLY n 
1 15  LYS n 
1 16  LEU n 
1 17  ALA n 
1 18  ILE n 
1 19  PRO n 
1 20  SER n 
1 21  TYR n 
1 22  SER n 
1 23  SER n 
1 24  TYR n 
1 25  GLY n 
1 26  CYS n 
1 27  TYR n 
1 28  CYS n 
1 29  GLY n 
1 30  TRP n 
1 31  GLY n 
1 32  GLY n 
1 33  LYS n 
1 34  GLY n 
1 35  THR n 
1 36  PRO n 
1 37  LYS n 
1 38  ASP n 
1 39  ALA n 
1 40  THR n 
1 41  ASP n 
1 42  ARG n 
1 43  CYS n 
1 44  CYS n 
1 45  PHE n 
1 46  VAL n 
1 47  HIS n 
1 48  ASP n 
1 49  CYS n 
1 50  CYS n 
1 51  TYR n 
1 52  GLY n 
1 53  ASN n 
1 54  LEU n 
1 55  PRO n 
1 56  ASP n 
1 57  CYS n 
1 58  ASN n 
1 59  PRO n 
1 60  LYS n 
1 61  SER n 
1 62  ASP n 
1 63  ARG n 
1 64  TYR n 
1 65  LYS n 
1 66  TYR n 
1 67  LYS n 
1 68  ARG n 
1 69  VAL n 
1 70  ASN n 
1 71  GLY n 
1 72  ALA n 
1 73  ILE n 
1 74  VAL n 
1 75  CYS n 
1 76  GLU n 
1 77  LYS n 
1 78  GLY n 
1 79  THR n 
1 80  SER n 
1 81  CYS n 
1 82  GLU n 
1 83  ASN n 
1 84  ARG n 
1 85  ILE n 
1 86  CYS n 
1 87  GLU n 
1 88  CYS n 
1 89  ASP n 
1 90  LYS n 
1 91  ALA n 
1 92  ALA n 
1 93  ALA n 
1 94  ILE n 
1 95  CYS n 
1 96  PHE n 
1 97  ARG n 
1 98  GLN n 
1 99  ASN n 
1 100 LEU n 
1 101 ASN n 
1 102 THR n 
1 103 TYR n 
1 104 SER n 
1 105 LYS n 
1 106 LYS n 
1 107 TYR n 
1 108 MET n 
1 109 LEU n 
1 110 TYR n 
1 111 PRO n 
1 112 ASP n 
1 113 PHE n 
1 114 LEU n 
1 115 CYS n 
1 116 LYS n 
1 117 GLY n 
1 118 GLU n 
1 119 LEU n 
1 120 LYS n 
1 121 CYS n 
2 1   PHE n 
2 2   LEU n 
2 3   SER n 
2 4   TYR n 
2 5   LYS n 
# 
_entity_src_nat.entity_id                  1 
_entity_src_nat.pdbx_src_id                1 
_entity_src_nat.pdbx_alt_source_flag       sample 
_entity_src_nat.pdbx_beg_seq_num           ? 
_entity_src_nat.pdbx_end_seq_num           ? 
_entity_src_nat.common_name                
;Russell's viper
;
_entity_src_nat.pdbx_organism_scientific   'Daboia russelli pulchella' 
_entity_src_nat.pdbx_ncbi_taxonomy_id      97228 
_entity_src_nat.genus                      ? 
_entity_src_nat.species                    ? 
_entity_src_nat.strain                     ? 
_entity_src_nat.tissue                     ? 
_entity_src_nat.tissue_fraction            ? 
_entity_src_nat.pdbx_secretion             ? 
_entity_src_nat.pdbx_fragment              ? 
_entity_src_nat.pdbx_variant               ? 
_entity_src_nat.pdbx_cell_line             ? 
_entity_src_nat.pdbx_atcc                  ? 
_entity_src_nat.pdbx_cellular_location     ? 
_entity_src_nat.pdbx_organ                 ? 
_entity_src_nat.pdbx_organelle             ? 
_entity_src_nat.pdbx_cell                  ? 
_entity_src_nat.pdbx_plasmid_name          ? 
_entity_src_nat.pdbx_plasmid_details       ? 
_entity_src_nat.details                    ? 
# 
_pdbx_entity_src_syn.entity_id              2 
_pdbx_entity_src_syn.pdbx_src_id            1 
_pdbx_entity_src_syn.pdbx_alt_source_flag   sample 
_pdbx_entity_src_syn.pdbx_beg_seq_num       ? 
_pdbx_entity_src_syn.pdbx_end_seq_num       ? 
_pdbx_entity_src_syn.organism_scientific    ? 
_pdbx_entity_src_syn.organism_common_name   ? 
_pdbx_entity_src_syn.ncbi_taxonomy_id       ? 
_pdbx_entity_src_syn.details                'SYNTHESIZED SHORT PEPTIDE' 
# 
loop_
_chem_comp.id 
_chem_comp.type 
_chem_comp.mon_nstd_flag 
_chem_comp.name 
_chem_comp.pdbx_synonyms 
_chem_comp.formula 
_chem_comp.formula_weight 
AJM non-polymer         . AJMALINE        ? 'C18 H22 N2 O2'  298.379 
ALA 'L-peptide linking' y ALANINE         ? 'C3 H7 N O2'     89.093  
ARG 'L-peptide linking' y ARGININE        ? 'C6 H15 N4 O2 1' 175.209 
ASN 'L-peptide linking' y ASPARAGINE      ? 'C4 H8 N2 O3'    132.118 
ASP 'L-peptide linking' y 'ASPARTIC ACID' ? 'C4 H7 N O4'     133.103 
CYS 'L-peptide linking' y CYSTEINE        ? 'C3 H7 N O2 S'   121.158 
GLN 'L-peptide linking' y GLUTAMINE       ? 'C5 H10 N2 O3'   146.144 
GLU 'L-peptide linking' y 'GLUTAMIC ACID' ? 'C5 H9 N O4'     147.129 
GLY 'peptide linking'   y GLYCINE         ? 'C2 H5 N O2'     75.067  
HIS 'L-peptide linking' y HISTIDINE       ? 'C6 H10 N3 O2 1' 156.162 
HOH non-polymer         . WATER           ? 'H2 O'           18.015  
ILE 'L-peptide linking' y ISOLEUCINE      ? 'C6 H13 N O2'    131.173 
LEU 'L-peptide linking' y LEUCINE         ? 'C6 H13 N O2'    131.173 
LYS 'L-peptide linking' y LYSINE          ? 'C6 H15 N2 O2 1' 147.195 
MET 'L-peptide linking' y METHIONINE      ? 'C5 H11 N O2 S'  149.211 
PHE 'L-peptide linking' y PHENYLALANINE   ? 'C9 H11 N O2'    165.189 
PRO 'L-peptide linking' y PROLINE         ? 'C5 H9 N O2'     115.130 
SER 'L-peptide linking' y SERINE          ? 'C3 H7 N O3'     105.093 
THR 'L-peptide linking' y THREONINE       ? 'C4 H9 N O3'     119.119 
TRP 'L-peptide linking' y TRYPTOPHAN      ? 'C11 H12 N2 O2'  204.225 
TYR 'L-peptide linking' y TYROSINE        ? 'C9 H11 N O3'    181.189 
VAL 'L-peptide linking' y VALINE          ? 'C5 H11 N O2'    117.146 
# 
loop_
_pdbx_poly_seq_scheme.asym_id 
_pdbx_poly_seq_scheme.entity_id 
_pdbx_poly_seq_scheme.seq_id 
_pdbx_poly_seq_scheme.mon_id 
_pdbx_poly_seq_scheme.ndb_seq_num 
_pdbx_poly_seq_scheme.pdb_seq_num 
_pdbx_poly_seq_scheme.auth_seq_num 
_pdbx_poly_seq_scheme.pdb_mon_id 
_pdbx_poly_seq_scheme.auth_mon_id 
_pdbx_poly_seq_scheme.pdb_strand_id 
_pdbx_poly_seq_scheme.pdb_ins_code 
_pdbx_poly_seq_scheme.hetero 
A 1 1   SER 1   1   1   SER SER A . n 
A 1 2   LEU 2   2   2   LEU LEU A . n 
A 1 3   LEU 3   3   3   LEU LEU A . n 
A 1 4   GLU 4   4   4   GLU GLU A . n 
A 1 5   PHE 5   5   5   PHE PHE A . n 
A 1 6   GLY 6   6   6   GLY GLY A . n 
A 1 7   LYS 7   7   7   LYS LYS A . n 
A 1 8   MET 8   8   8   MET MET A . n 
A 1 9   ILE 9   9   9   ILE ILE A . n 
A 1 10  LEU 10  10  10  LEU LEU A . n 
A 1 11  GLU 11  11  11  GLU GLU A . n 
A 1 12  GLU 12  12  12  GLU GLU A . n 
A 1 13  THR 13  13  13  THR THR A . n 
A 1 14  GLY 14  14  14  GLY GLY A . n 
A 1 15  LYS 15  16  16  LYS LYS A . n 
A 1 16  LEU 16  17  17  LEU LEU A . n 
A 1 17  ALA 17  18  18  ALA ALA A . n 
A 1 18  ILE 18  19  19  ILE ILE A . n 
A 1 19  PRO 19  20  20  PRO PRO A . n 
A 1 20  SER 20  21  21  SER SER A . n 
A 1 21  TYR 21  22  22  TYR TYR A . n 
A 1 22  SER 22  23  23  SER SER A . n 
A 1 23  SER 23  24  24  SER SER A . n 
A 1 24  TYR 24  25  25  TYR TYR A . n 
A 1 25  GLY 25  26  26  GLY GLY A . n 
A 1 26  CYS 26  27  27  CYS CYS A . n 
A 1 27  TYR 27  28  28  TYR TYR A . n 
A 1 28  CYS 28  29  29  CYS CYS A . n 
A 1 29  GLY 29  30  30  GLY GLY A . n 
A 1 30  TRP 30  31  31  TRP TRP A . n 
A 1 31  GLY 31  32  32  GLY GLY A . n 
A 1 32  GLY 32  33  33  GLY GLY A . n 
A 1 33  LYS 33  34  34  LYS LYS A . n 
A 1 34  GLY 34  35  35  GLY GLY A . n 
A 1 35  THR 35  36  36  THR THR A . n 
A 1 36  PRO 36  37  37  PRO PRO A . n 
A 1 37  LYS 37  38  38  LYS LYS A . n 
A 1 38  ASP 38  39  39  ASP ASP A . n 
A 1 39  ALA 39  40  40  ALA ALA A . n 
A 1 40  THR 40  41  41  THR THR A . n 
A 1 41  ASP 41  42  42  ASP ASP A . n 
A 1 42  ARG 42  43  43  ARG ARG A . n 
A 1 43  CYS 43  44  44  CYS CYS A . n 
A 1 44  CYS 44  45  45  CYS CYS A . n 
A 1 45  PHE 45  46  46  PHE PHE A . n 
A 1 46  VAL 46  47  47  VAL VAL A . n 
A 1 47  HIS 47  48  48  HIS HIS A . n 
A 1 48  ASP 48  49  49  ASP ASP A . n 
A 1 49  CYS 49  50  50  CYS CYS A . n 
A 1 50  CYS 50  51  51  CYS CYS A . n 
A 1 51  TYR 51  52  52  TYR TYR A . n 
A 1 52  GLY 52  53  53  GLY GLY A . n 
A 1 53  ASN 53  54  54  ASN ASN A . n 
A 1 54  LEU 54  55  55  LEU LEU A . n 
A 1 55  PRO 55  56  56  PRO PRO A . n 
A 1 56  ASP 56  59  59  ASP ASP A . n 
A 1 57  CYS 57  61  61  CYS CYS A . n 
A 1 58  ASN 58  67  67  ASN ASN A . n 
A 1 59  PRO 59  68  68  PRO PRO A . n 
A 1 60  LYS 60  69  69  LYS LYS A . n 
A 1 61  SER 61  70  70  SER SER A . n 
A 1 62  ASP 62  71  71  ASP ASP A . n 
A 1 63  ARG 63  72  72  ARG ARG A . n 
A 1 64  TYR 64  73  73  TYR TYR A . n 
A 1 65  LYS 65  74  74  LYS LYS A . n 
A 1 66  TYR 66  75  75  TYR TYR A . n 
A 1 67  LYS 67  76  76  LYS LYS A . n 
A 1 68  ARG 68  77  77  ARG ARG A . n 
A 1 69  VAL 69  78  78  VAL VAL A . n 
A 1 70  ASN 70  79  79  ASN ASN A . n 
A 1 71  GLY 71  80  80  GLY GLY A . n 
A 1 72  ALA 72  81  81  ALA ALA A . n 
A 1 73  ILE 73  82  82  ILE ILE A . n 
A 1 74  VAL 74  83  83  VAL VAL A . n 
A 1 75  CYS 75  84  84  CYS CYS A . n 
A 1 76  GLU 76  85  85  GLU GLU A . n 
A 1 77  LYS 77  86  86  LYS LYS A . n 
A 1 78  GLY 78  88  88  GLY GLY A . n 
A 1 79  THR 79  89  89  THR THR A . n 
A 1 80  SER 80  90  90  SER SER A . n 
A 1 81  CYS 81  91  91  CYS CYS A . n 
A 1 82  GLU 82  92  92  GLU GLU A . n 
A 1 83  ASN 83  93  93  ASN ASN A . n 
A 1 84  ARG 84  94  94  ARG ARG A . n 
A 1 85  ILE 85  95  95  ILE ILE A . n 
A 1 86  CYS 86  96  96  CYS CYS A . n 
A 1 87  GLU 87  97  97  GLU GLU A . n 
A 1 88  CYS 88  98  98  CYS CYS A . n 
A 1 89  ASP 89  99  99  ASP ASP A . n 
A 1 90  LYS 90  100 100 LYS LYS A . n 
A 1 91  ALA 91  101 101 ALA ALA A . n 
A 1 92  ALA 92  102 102 ALA ALA A . n 
A 1 93  ALA 93  103 103 ALA ALA A . n 
A 1 94  ILE 94  104 104 ILE ILE A . n 
A 1 95  CYS 95  105 105 CYS CYS A . n 
A 1 96  PHE 96  106 106 PHE PHE A . n 
A 1 97  ARG 97  107 107 ARG ARG A . n 
A 1 98  GLN 98  108 108 GLN GLN A . n 
A 1 99  ASN 99  109 109 ASN ASN A . n 
A 1 100 LEU 100 110 110 LEU LEU A . n 
A 1 101 ASN 101 111 111 ASN ASN A . n 
A 1 102 THR 102 112 112 THR THR A . n 
A 1 103 TYR 103 113 113 TYR TYR A . n 
A 1 104 SER 104 114 114 SER SER A . n 
A 1 105 LYS 105 115 115 LYS LYS A . n 
A 1 106 LYS 106 116 116 LYS LYS A . n 
A 1 107 TYR 107 117 117 TYR TYR A . n 
A 1 108 MET 108 118 118 MET MET A . n 
A 1 109 LEU 109 119 119 LEU LEU A . n 
A 1 110 TYR 110 120 120 TYR TYR A . n 
A 1 111 PRO 111 121 121 PRO PRO A . n 
A 1 112 ASP 112 122 122 ASP ASP A . n 
A 1 113 PHE 113 124 124 PHE PHE A . n 
A 1 114 LEU 114 125 125 LEU LEU A . n 
A 1 115 CYS 115 126 126 CYS CYS A . n 
A 1 116 LYS 116 127 127 LYS LYS A . n 
A 1 117 GLY 117 128 128 GLY GLY A . n 
A 1 118 GLU 118 129 129 GLU GLU A . n 
A 1 119 LEU 119 130 130 LEU LEU A . n 
A 1 120 LYS 120 131 131 LYS LYS A . n 
A 1 121 CYS 121 133 133 CYS CYS A . n 
B 2 1   PHE 1   1   1   PHE PHE C . n 
B 2 2   LEU 2   2   2   LEU LEU C . n 
B 2 3   SER 3   3   3   SER SER C . n 
B 2 4   TYR 4   4   4   TYR TYR C . n 
B 2 5   LYS 5   5   5   LYS LYS C . n 
# 
loop_
_pdbx_nonpoly_scheme.asym_id 
_pdbx_nonpoly_scheme.entity_id 
_pdbx_nonpoly_scheme.mon_id 
_pdbx_nonpoly_scheme.ndb_seq_num 
_pdbx_nonpoly_scheme.pdb_seq_num 
_pdbx_nonpoly_scheme.auth_seq_num 
_pdbx_nonpoly_scheme.pdb_mon_id 
_pdbx_nonpoly_scheme.auth_mon_id 
_pdbx_nonpoly_scheme.pdb_strand_id 
_pdbx_nonpoly_scheme.pdb_ins_code 
C 3 AJM 1  134 1   AJM AJM A . 
D 4 HOH 1  15  15  HOH HOH A . 
D 4 HOH 2  58  58  HOH HOH A . 
D 4 HOH 3  60  60  HOH HOH A . 
D 4 HOH 4  63  63  HOH HOH A . 
D 4 HOH 5  135 1   HOH HOH A . 
D 4 HOH 6  136 2   HOH HOH A . 
D 4 HOH 7  137 3   HOH HOH A . 
D 4 HOH 8  138 4   HOH HOH A . 
D 4 HOH 9  139 6   HOH HOH A . 
D 4 HOH 10 140 7   HOH HOH A . 
D 4 HOH 11 141 8   HOH HOH A . 
D 4 HOH 12 142 9   HOH HOH A . 
D 4 HOH 13 143 10  HOH HOH A . 
D 4 HOH 14 144 11  HOH HOH A . 
D 4 HOH 15 145 12  HOH HOH A . 
D 4 HOH 16 146 13  HOH HOH A . 
D 4 HOH 17 147 14  HOH HOH A . 
D 4 HOH 18 148 16  HOH HOH A . 
D 4 HOH 19 149 17  HOH HOH A . 
D 4 HOH 20 150 19  HOH HOH A . 
D 4 HOH 21 151 20  HOH HOH A . 
D 4 HOH 22 152 21  HOH HOH A . 
D 4 HOH 23 153 22  HOH HOH A . 
D 4 HOH 24 154 23  HOH HOH A . 
D 4 HOH 25 155 25  HOH HOH A . 
D 4 HOH 26 156 26  HOH HOH A . 
D 4 HOH 27 157 28  HOH HOH A . 
D 4 HOH 28 158 31  HOH HOH A . 
D 4 HOH 29 159 32  HOH HOH A . 
D 4 HOH 30 160 33  HOH HOH A . 
D 4 HOH 31 161 34  HOH HOH A . 
D 4 HOH 32 162 36  HOH HOH A . 
D 4 HOH 33 163 37  HOH HOH A . 
D 4 HOH 34 164 39  HOH HOH A . 
D 4 HOH 35 165 41  HOH HOH A . 
D 4 HOH 36 166 42  HOH HOH A . 
D 4 HOH 37 167 49  HOH HOH A . 
D 4 HOH 38 168 50  HOH HOH A . 
D 4 HOH 39 169 51  HOH HOH A . 
D 4 HOH 40 170 52  HOH HOH A . 
D 4 HOH 41 171 54  HOH HOH A . 
D 4 HOH 42 172 56  HOH HOH A . 
D 4 HOH 43 173 59  HOH HOH A . 
D 4 HOH 44 174 61  HOH HOH A . 
D 4 HOH 45 175 67  HOH HOH A . 
D 4 HOH 46 176 68  HOH HOH A . 
D 4 HOH 47 177 69  HOH HOH A . 
D 4 HOH 48 178 70  HOH HOH A . 
D 4 HOH 49 179 71  HOH HOH A . 
D 4 HOH 50 180 74  HOH HOH A . 
D 4 HOH 51 181 79  HOH HOH A . 
D 4 HOH 52 182 80  HOH HOH A . 
D 4 HOH 53 183 88  HOH HOH A . 
D 4 HOH 54 184 91  HOH HOH A . 
D 4 HOH 55 185 92  HOH HOH A . 
D 4 HOH 56 186 93  HOH HOH A . 
D 4 HOH 57 187 98  HOH HOH A . 
D 4 HOH 58 188 101 HOH HOH A . 
D 4 HOH 59 189 106 HOH HOH A . 
D 4 HOH 60 190 108 HOH HOH A . 
D 4 HOH 61 191 110 HOH HOH A . 
# 
loop_
_software.name 
_software.classification 
_software.version 
_software.citation_id 
_software.pdbx_ordinal 
DENZO     'data reduction' . ? 1 
MOLREP    phasing          . ? 2 
CNS       refinement       . ? 3 
AUTOMAR   'data reduction' . ? 4 
SCALEPACK 'data scaling'   . ? 5 
# 
_cell.entry_id           3FG5 
_cell.length_a           52.949 
_cell.length_b           52.949 
_cell.length_c           48.445 
_cell.angle_alpha        90.00 
_cell.angle_beta         90.00 
_cell.angle_gamma        90.00 
_cell.Z_PDB              4 
_cell.pdbx_unique_axis   ? 
_cell.length_a_esd       ? 
_cell.length_b_esd       ? 
_cell.length_c_esd       ? 
_cell.angle_alpha_esd    ? 
_cell.angle_beta_esd     ? 
_cell.angle_gamma_esd    ? 
# 
_symmetry.entry_id                         3FG5 
_symmetry.space_group_name_H-M             'P 43' 
_symmetry.pdbx_full_space_group_name_H-M   ? 
_symmetry.cell_setting                     ? 
_symmetry.Int_Tables_number                78 
_symmetry.space_group_name_Hall            ? 
# 
_exptl.entry_id          3FG5 
_exptl.method            'X-RAY DIFFRACTION' 
_exptl.crystals_number   1 
# 
_exptl_crystal.id                    1 
_exptl_crystal.density_meas          ? 
_exptl_crystal.density_Matthews      2.38 
_exptl_crystal.density_percent_sol   48.24 
_exptl_crystal.description           ? 
_exptl_crystal.F_000                 ? 
_exptl_crystal.preparation           ? 
# 
_exptl_crystal_grow.crystal_id      1 
_exptl_crystal_grow.method          'VAPOR DIFFUSION, HANGING DROP' 
_exptl_crystal_grow.temp            298 
_exptl_crystal_grow.temp_details    ? 
_exptl_crystal_grow.pH              6.8 
_exptl_crystal_grow.pdbx_details    
'0.2M AMMONIUM SULPHATE, 0.2M AMMONIUM ACETATE, 30% PEG 4000, pH 6.8, VAPOR DIFFUSION, HANGING DROP, temperature 298K' 
_exptl_crystal_grow.pdbx_pH_range   ? 
# 
_diffrn.id                     1 
_diffrn.ambient_temp           300 
_diffrn.ambient_temp_details   ? 
_diffrn.crystal_id             1 
# 
_diffrn_detector.diffrn_id              1 
_diffrn_detector.detector               'IMAGE PLATE' 
_diffrn_detector.type                   MARRESEARCH 
_diffrn_detector.pdbx_collection_date   2007-11-02 
_diffrn_detector.details                Mirror 
# 
_diffrn_radiation.diffrn_id                        1 
_diffrn_radiation.wavelength_id                    1 
_diffrn_radiation.pdbx_monochromatic_or_laue_m_l   M 
_diffrn_radiation.monochromator                    Graphite 
_diffrn_radiation.pdbx_diffrn_protocol             'SINGLE WAVELENGTH' 
_diffrn_radiation.pdbx_scattering_type             x-ray 
# 
_diffrn_radiation_wavelength.id           1 
_diffrn_radiation_wavelength.wavelength   1.5418 
_diffrn_radiation_wavelength.wt           1.0 
# 
_diffrn_source.diffrn_id                   1 
_diffrn_source.source                      'ROTATING ANODE' 
_diffrn_source.type                        'RIGAKU RU300' 
_diffrn_source.pdbx_synchrotron_site       ? 
_diffrn_source.pdbx_synchrotron_beamline   ? 
_diffrn_source.pdbx_wavelength             ? 
_diffrn_source.pdbx_wavelength_list        1.5418 
# 
_reflns.entry_id                     3FG5 
_reflns.observed_criterion_sigma_I   0.0 
_reflns.observed_criterion_sigma_F   0.0 
_reflns.d_resolution_low             20.0 
_reflns.d_resolution_high            2.5 
_reflns.number_obs                   4392 
_reflns.number_all                   4639 
_reflns.percent_possible_obs         93.2 
_reflns.pdbx_Rmerge_I_obs            ? 
_reflns.pdbx_Rsym_value              0.096 
_reflns.pdbx_netI_over_sigmaI        6.4 
_reflns.B_iso_Wilson_estimate        ? 
_reflns.pdbx_redundancy              ? 
_reflns.R_free_details               ? 
_reflns.limit_h_max                  ? 
_reflns.limit_h_min                  ? 
_reflns.limit_k_max                  ? 
_reflns.limit_k_min                  ? 
_reflns.limit_l_max                  ? 
_reflns.limit_l_min                  ? 
_reflns.observed_criterion_F_max     ? 
_reflns.observed_criterion_F_min     ? 
_reflns.pdbx_chi_squared             ? 
_reflns.pdbx_scaling_rejects         ? 
_reflns.pdbx_diffrn_id               1 
_reflns.pdbx_ordinal                 1 
# 
_reflns_shell.d_res_high             2.5 
_reflns_shell.d_res_low              2.59 
_reflns_shell.percent_possible_all   98.5 
_reflns_shell.Rmerge_I_obs           ? 
_reflns_shell.pdbx_Rsym_value        0.439 
_reflns_shell.meanI_over_sigI_obs    1.7 
_reflns_shell.pdbx_redundancy        ? 
_reflns_shell.percent_possible_obs   ? 
_reflns_shell.number_unique_all      ? 
_reflns_shell.number_measured_all    ? 
_reflns_shell.number_measured_obs    ? 
_reflns_shell.number_unique_obs      ? 
_reflns_shell.pdbx_chi_squared       ? 
_reflns_shell.pdbx_diffrn_id         ? 
_reflns_shell.pdbx_ordinal           1 
# 
_refine.entry_id                                 3FG5 
_refine.ls_number_reflns_obs                     4392 
_refine.ls_number_reflns_all                     4639 
_refine.pdbx_ls_sigma_I                          0.0 
_refine.pdbx_ls_sigma_F                          0.0 
_refine.pdbx_data_cutoff_high_absF               ? 
_refine.pdbx_data_cutoff_low_absF                ? 
_refine.pdbx_data_cutoff_high_rms_absF           ? 
_refine.ls_d_res_low                             20.0 
_refine.ls_d_res_high                            2.5 
_refine.ls_percent_reflns_obs                    93.2 
_refine.ls_R_factor_obs                          0.1880 
_refine.ls_R_factor_all                          0.2270 
_refine.ls_R_factor_R_work                       0.1876 
_refine.ls_R_factor_R_free                       0.2270 
_refine.ls_R_factor_R_free_error                 ? 
_refine.ls_R_factor_R_free_error_details         ? 
_refine.ls_percent_reflns_R_free                 ? 
_refine.ls_number_reflns_R_free                  247 
_refine.ls_number_parameters                     ? 
_refine.ls_number_restraints                     ? 
_refine.occupancy_min                            ? 
_refine.occupancy_max                            ? 
_refine.correlation_coeff_Fo_to_Fc               ? 
_refine.correlation_coeff_Fo_to_Fc_free          ? 
_refine.B_iso_mean                               ? 
_refine.aniso_B[1][1]                            -1.218 
_refine.aniso_B[2][2]                            -1.218 
_refine.aniso_B[3][3]                            2.436 
_refine.aniso_B[1][2]                            0.000 
_refine.aniso_B[1][3]                            0.000 
_refine.aniso_B[2][3]                            0.000 
_refine.solvent_model_details                    ? 
_refine.solvent_model_param_ksol                 ? 
_refine.solvent_model_param_bsol                 ? 
_refine.pdbx_solvent_vdw_probe_radii             ? 
_refine.pdbx_solvent_ion_probe_radii             ? 
_refine.pdbx_solvent_shrinkage_radii             ? 
_refine.pdbx_ls_cross_valid_method               THROUGHOUT 
_refine.details                                  ? 
_refine.pdbx_starting_model                      'PDB ENTRY 1ZR8' 
_refine.pdbx_method_to_determine_struct          'MOLECULAR REPLACEMENT' 
_refine.pdbx_isotropic_thermal_model             ? 
_refine.pdbx_stereochemistry_target_values       'MAXIMUM LIKELIHOOD' 
_refine.pdbx_stereochem_target_val_spec_case     ? 
_refine.pdbx_R_Free_selection_details            RANDOM 
_refine.pdbx_overall_ESU_R                       ? 
_refine.pdbx_overall_ESU_R_Free                  ? 
_refine.overall_SU_ML                            ? 
_refine.overall_SU_B                             ? 
_refine.ls_redundancy_reflns_obs                 ? 
_refine.B_iso_min                                11.91 
_refine.B_iso_max                                98.14 
_refine.overall_SU_R_Cruickshank_DPI             ? 
_refine.overall_SU_R_free                        ? 
_refine.ls_wR_factor_R_free                      ? 
_refine.ls_wR_factor_R_work                      ? 
_refine.overall_FOM_free_R_set                   ? 
_refine.overall_FOM_work_R_set                   ? 
_refine.pdbx_overall_phase_error                 ? 
_refine.pdbx_refine_id                           'X-RAY DIFFRACTION' 
_refine.pdbx_diffrn_id                           1 
_refine.pdbx_TLS_residual_ADP_flag               ? 
_refine.pdbx_overall_SU_R_free_Cruickshank_DPI   ? 
_refine.pdbx_overall_SU_R_Blow_DPI               ? 
_refine.pdbx_overall_SU_R_free_Blow_DPI          ? 
# 
_refine_hist.pdbx_refine_id                   'X-RAY DIFFRACTION' 
_refine_hist.cycle_id                         LAST 
_refine_hist.pdbx_number_atoms_protein        990 
_refine_hist.pdbx_number_atoms_nucleic_acid   0 
_refine_hist.pdbx_number_atoms_ligand         22 
_refine_hist.number_atoms_solvent             61 
_refine_hist.number_atoms_total               1073 
_refine_hist.d_res_high                       2.5 
_refine_hist.d_res_low                        20.0 
# 
loop_
_refine_ls_restr.type 
_refine_ls_restr.number 
_refine_ls_restr.dev_ideal 
_refine_ls_restr.dev_ideal_target 
_refine_ls_restr.weight 
_refine_ls_restr.pdbx_refine_id 
_refine_ls_restr.pdbx_restraint_function 
c_mcbond_it  ? 1.574 1.500 ? 'X-RAY DIFFRACTION' ? 
c_scbond_it  ? 2.142 2.000 ? 'X-RAY DIFFRACTION' ? 
c_mcangle_it ? 2.702 2.000 ? 'X-RAY DIFFRACTION' ? 
c_scangle_it ? 3.321 2.500 ? 'X-RAY DIFFRACTION' ? 
# 
_struct.entry_id                  3FG5 
_struct.title                     
'Crystal structure determination of a ternary complex of phospholipase A2 with a pentapeptide FLSYK and Ajmaline at 2.5 A resolution' 
_struct.pdbx_model_details        ? 
_struct.pdbx_CASP_flag            ? 
_struct.pdbx_model_type_details   ? 
# 
_struct_keywords.entry_id        3FG5 
_struct_keywords.pdbx_keywords   HYDROLASE 
_struct_keywords.text            'pla2, pentapeptide, FLSYK, ajmaline, ternary complex, HYDROLASE' 
# 
loop_
_struct_asym.id 
_struct_asym.pdbx_blank_PDB_chainid_flag 
_struct_asym.pdbx_modified 
_struct_asym.entity_id 
_struct_asym.details 
A N N 1 ? 
B N N 2 ? 
C N N 3 ? 
D N N 4 ? 
# 
loop_
_struct_ref.id 
_struct_ref.db_name 
_struct_ref.db_code 
_struct_ref.pdbx_db_accession 
_struct_ref.entity_id 
_struct_ref.pdbx_align_begin 
_struct_ref.pdbx_seq_one_letter_code 
_struct_ref.pdbx_db_isoform 
1 PDB 3FG5 3FG5 1 ? ? ? 
2 PDB 3FG5 3FG5 2 ? ? ? 
# 
loop_
_struct_ref_seq.align_id 
_struct_ref_seq.ref_id 
_struct_ref_seq.pdbx_PDB_id_code 
_struct_ref_seq.pdbx_strand_id 
_struct_ref_seq.seq_align_beg 
_struct_ref_seq.pdbx_seq_align_beg_ins_code 
_struct_ref_seq.seq_align_end 
_struct_ref_seq.pdbx_seq_align_end_ins_code 
_struct_ref_seq.pdbx_db_accession 
_struct_ref_seq.db_align_beg 
_struct_ref_seq.pdbx_db_align_beg_ins_code 
_struct_ref_seq.db_align_end 
_struct_ref_seq.pdbx_db_align_end_ins_code 
_struct_ref_seq.pdbx_auth_seq_align_beg 
_struct_ref_seq.pdbx_auth_seq_align_end 
1 1 3FG5 A 1 ? 121 ? 3FG5 1 ? 133 ? 1 133 
2 2 3FG5 C 1 ? 5   ? 3FG5 1 ? 5   ? 1 5   
# 
_pdbx_struct_assembly.id                   1 
_pdbx_struct_assembly.details              author_and_software_defined_assembly 
_pdbx_struct_assembly.method_details       PISA 
_pdbx_struct_assembly.oligomeric_details   dimeric 
_pdbx_struct_assembly.oligomeric_count     2 
# 
loop_
_pdbx_struct_assembly_prop.biol_id 
_pdbx_struct_assembly_prop.type 
_pdbx_struct_assembly_prop.value 
_pdbx_struct_assembly_prop.details 
1 'ABSA (A^2)' 1390 ? 
1 MORE         -2   ? 
1 'SSA (A^2)'  7370 ? 
# 
_pdbx_struct_assembly_gen.assembly_id       1 
_pdbx_struct_assembly_gen.oper_expression   1 
_pdbx_struct_assembly_gen.asym_id_list      A,B,C,D 
# 
_pdbx_struct_oper_list.id                   1 
_pdbx_struct_oper_list.type                 'identity operation' 
_pdbx_struct_oper_list.name                 1_555 
_pdbx_struct_oper_list.symmetry_operation   x,y,z 
_pdbx_struct_oper_list.matrix[1][1]         1.0000000000 
_pdbx_struct_oper_list.matrix[1][2]         0.0000000000 
_pdbx_struct_oper_list.matrix[1][3]         0.0000000000 
_pdbx_struct_oper_list.vector[1]            0.0000000000 
_pdbx_struct_oper_list.matrix[2][1]         0.0000000000 
_pdbx_struct_oper_list.matrix[2][2]         1.0000000000 
_pdbx_struct_oper_list.matrix[2][3]         0.0000000000 
_pdbx_struct_oper_list.vector[2]            0.0000000000 
_pdbx_struct_oper_list.matrix[3][1]         0.0000000000 
_pdbx_struct_oper_list.matrix[3][2]         0.0000000000 
_pdbx_struct_oper_list.matrix[3][3]         1.0000000000 
_pdbx_struct_oper_list.vector[3]            0.0000000000 
# 
_struct_biol.id        1 
_struct_biol.details   ? 
# 
loop_
_struct_conf.conf_type_id 
_struct_conf.id 
_struct_conf.pdbx_PDB_helix_id 
_struct_conf.beg_label_comp_id 
_struct_conf.beg_label_asym_id 
_struct_conf.beg_label_seq_id 
_struct_conf.pdbx_beg_PDB_ins_code 
_struct_conf.end_label_comp_id 
_struct_conf.end_label_asym_id 
_struct_conf.end_label_seq_id 
_struct_conf.pdbx_end_PDB_ins_code 
_struct_conf.beg_auth_comp_id 
_struct_conf.beg_auth_asym_id 
_struct_conf.beg_auth_seq_id 
_struct_conf.end_auth_comp_id 
_struct_conf.end_auth_asym_id 
_struct_conf.end_auth_seq_id 
_struct_conf.pdbx_PDB_helix_class 
_struct_conf.details 
_struct_conf.pdbx_PDB_helix_length 
HELX_P HELX_P1 1 SER A 1   ? GLY A 14  ? SER A 1   GLY A 14  1 ? 14 
HELX_P HELX_P2 2 LEU A 16  ? TYR A 21  ? LEU A 17  TYR A 22  1 ? 6  
HELX_P HELX_P3 3 ASP A 38  ? ASN A 53  ? ASP A 39  ASN A 54  1 ? 16 
HELX_P HELX_P4 4 THR A 79  ? ASN A 99  ? THR A 89  ASN A 109 1 ? 21 
HELX_P HELX_P5 5 LEU A 100 ? TYR A 103 ? LEU A 110 TYR A 113 5 ? 4  
HELX_P HELX_P6 6 SER A 104 ? MET A 108 ? SER A 114 MET A 118 5 ? 5  
HELX_P HELX_P7 7 PRO A 111 ? CYS A 115 ? PRO A 121 CYS A 126 5 ? 5  
# 
_struct_conf_type.id          HELX_P 
_struct_conf_type.criteria    ? 
_struct_conf_type.reference   ? 
# 
loop_
_struct_conn.id 
_struct_conn.conn_type_id 
_struct_conn.pdbx_leaving_atom_flag 
_struct_conn.pdbx_PDB_id 
_struct_conn.ptnr1_label_asym_id 
_struct_conn.ptnr1_label_comp_id 
_struct_conn.ptnr1_label_seq_id 
_struct_conn.ptnr1_label_atom_id 
_struct_conn.pdbx_ptnr1_label_alt_id 
_struct_conn.pdbx_ptnr1_PDB_ins_code 
_struct_conn.pdbx_ptnr1_standard_comp_id 
_struct_conn.ptnr1_symmetry 
_struct_conn.ptnr2_label_asym_id 
_struct_conn.ptnr2_label_comp_id 
_struct_conn.ptnr2_label_seq_id 
_struct_conn.ptnr2_label_atom_id 
_struct_conn.pdbx_ptnr2_label_alt_id 
_struct_conn.pdbx_ptnr2_PDB_ins_code 
_struct_conn.ptnr1_auth_asym_id 
_struct_conn.ptnr1_auth_comp_id 
_struct_conn.ptnr1_auth_seq_id 
_struct_conn.ptnr2_auth_asym_id 
_struct_conn.ptnr2_auth_comp_id 
_struct_conn.ptnr2_auth_seq_id 
_struct_conn.ptnr2_symmetry 
_struct_conn.pdbx_ptnr3_label_atom_id 
_struct_conn.pdbx_ptnr3_label_seq_id 
_struct_conn.pdbx_ptnr3_label_comp_id 
_struct_conn.pdbx_ptnr3_label_asym_id 
_struct_conn.pdbx_ptnr3_label_alt_id 
_struct_conn.pdbx_ptnr3_PDB_ins_code 
_struct_conn.details 
_struct_conn.pdbx_dist_value 
_struct_conn.pdbx_value_order 
_struct_conn.pdbx_role 
disulf1 disulf ? ? A CYS 26 SG ? ? ? 1_555 A CYS 115 SG ? ? A CYS 27 A CYS 126 1_555 ? ? ? ? ? ? ? 2.030 ? ? 
disulf2 disulf ? ? A CYS 28 SG ? ? ? 1_555 A CYS 44  SG ? ? A CYS 29 A CYS 45  1_555 ? ? ? ? ? ? ? 2.030 ? ? 
disulf3 disulf ? ? A CYS 43 SG ? ? ? 1_555 A CYS 95  SG ? ? A CYS 44 A CYS 105 1_555 ? ? ? ? ? ? ? 2.030 ? ? 
disulf4 disulf ? ? A CYS 49 SG ? ? ? 1_555 A CYS 121 SG ? ? A CYS 50 A CYS 133 1_555 ? ? ? ? ? ? ? 2.030 ? ? 
disulf5 disulf ? ? A CYS 50 SG ? ? ? 1_555 A CYS 88  SG ? ? A CYS 51 A CYS 98  1_555 ? ? ? ? ? ? ? 2.027 ? ? 
disulf6 disulf ? ? A CYS 57 SG ? ? ? 1_555 A CYS 81  SG ? ? A CYS 61 A CYS 91  1_555 ? ? ? ? ? ? ? 2.033 ? ? 
disulf7 disulf ? ? A CYS 75 SG ? ? ? 1_555 A CYS 86  SG ? ? A CYS 84 A CYS 96  1_555 ? ? ? ? ? ? ? 2.029 ? ? 
# 
_struct_conn_type.id          disulf 
_struct_conn_type.criteria    ? 
_struct_conn_type.reference   ? 
# 
loop_
_pdbx_modification_feature.ordinal 
_pdbx_modification_feature.label_comp_id 
_pdbx_modification_feature.label_asym_id 
_pdbx_modification_feature.label_seq_id 
_pdbx_modification_feature.label_alt_id 
_pdbx_modification_feature.modified_residue_label_comp_id 
_pdbx_modification_feature.modified_residue_label_asym_id 
_pdbx_modification_feature.modified_residue_label_seq_id 
_pdbx_modification_feature.modified_residue_label_alt_id 
_pdbx_modification_feature.auth_comp_id 
_pdbx_modification_feature.auth_asym_id 
_pdbx_modification_feature.auth_seq_id 
_pdbx_modification_feature.PDB_ins_code 
_pdbx_modification_feature.symmetry 
_pdbx_modification_feature.modified_residue_auth_comp_id 
_pdbx_modification_feature.modified_residue_auth_asym_id 
_pdbx_modification_feature.modified_residue_auth_seq_id 
_pdbx_modification_feature.modified_residue_PDB_ins_code 
_pdbx_modification_feature.modified_residue_symmetry 
_pdbx_modification_feature.comp_id_linking_atom 
_pdbx_modification_feature.modified_residue_id_linking_atom 
_pdbx_modification_feature.modified_residue_id 
_pdbx_modification_feature.ref_pcm_id 
_pdbx_modification_feature.ref_comp_id 
_pdbx_modification_feature.type 
_pdbx_modification_feature.category 
1 CYS A 26 ? CYS A 115 ? CYS A 27 ? 1_555 CYS A 126 ? 1_555 SG SG . . . None 'Disulfide bridge' 
2 CYS A 28 ? CYS A 44  ? CYS A 29 ? 1_555 CYS A 45  ? 1_555 SG SG . . . None 'Disulfide bridge' 
3 CYS A 43 ? CYS A 95  ? CYS A 44 ? 1_555 CYS A 105 ? 1_555 SG SG . . . None 'Disulfide bridge' 
4 CYS A 49 ? CYS A 121 ? CYS A 50 ? 1_555 CYS A 133 ? 1_555 SG SG . . . None 'Disulfide bridge' 
5 CYS A 50 ? CYS A 88  ? CYS A 51 ? 1_555 CYS A 98  ? 1_555 SG SG . . . None 'Disulfide bridge' 
6 CYS A 57 ? CYS A 81  ? CYS A 61 ? 1_555 CYS A 91  ? 1_555 SG SG . . . None 'Disulfide bridge' 
7 CYS A 75 ? CYS A 86  ? CYS A 84 ? 1_555 CYS A 96  ? 1_555 SG SG . . . None 'Disulfide bridge' 
# 
_struct_mon_prot_cis.pdbx_id                1 
_struct_mon_prot_cis.label_comp_id          ILE 
_struct_mon_prot_cis.label_seq_id           18 
_struct_mon_prot_cis.label_asym_id          A 
_struct_mon_prot_cis.label_alt_id           . 
_struct_mon_prot_cis.pdbx_PDB_ins_code      ? 
_struct_mon_prot_cis.auth_comp_id           ILE 
_struct_mon_prot_cis.auth_seq_id            19 
_struct_mon_prot_cis.auth_asym_id           A 
_struct_mon_prot_cis.pdbx_label_comp_id_2   PRO 
_struct_mon_prot_cis.pdbx_label_seq_id_2    19 
_struct_mon_prot_cis.pdbx_label_asym_id_2   A 
_struct_mon_prot_cis.pdbx_PDB_ins_code_2    ? 
_struct_mon_prot_cis.pdbx_auth_comp_id_2    PRO 
_struct_mon_prot_cis.pdbx_auth_seq_id_2     20 
_struct_mon_prot_cis.pdbx_auth_asym_id_2    A 
_struct_mon_prot_cis.pdbx_PDB_model_num     1 
_struct_mon_prot_cis.pdbx_omega_angle       -0.35 
# 
loop_
_struct_sheet.id 
_struct_sheet.type 
_struct_sheet.number_strands 
_struct_sheet.details 
A ? 2 ? 
B ? 2 ? 
# 
loop_
_struct_sheet_order.sheet_id 
_struct_sheet_order.range_id_1 
_struct_sheet_order.range_id_2 
_struct_sheet_order.offset 
_struct_sheet_order.sense 
A 1 2 ? anti-parallel 
B 1 2 ? anti-parallel 
# 
loop_
_struct_sheet_range.sheet_id 
_struct_sheet_range.id 
_struct_sheet_range.beg_label_comp_id 
_struct_sheet_range.beg_label_asym_id 
_struct_sheet_range.beg_label_seq_id 
_struct_sheet_range.pdbx_beg_PDB_ins_code 
_struct_sheet_range.end_label_comp_id 
_struct_sheet_range.end_label_asym_id 
_struct_sheet_range.end_label_seq_id 
_struct_sheet_range.pdbx_end_PDB_ins_code 
_struct_sheet_range.beg_auth_comp_id 
_struct_sheet_range.beg_auth_asym_id 
_struct_sheet_range.beg_auth_seq_id 
_struct_sheet_range.end_auth_comp_id 
_struct_sheet_range.end_auth_asym_id 
_struct_sheet_range.end_auth_seq_id 
A 1 SER A 23 ? TYR A 24 ? SER A 24 TYR A 25 
A 2 CYS A 28 ? GLY A 29 ? CYS A 29 GLY A 30 
B 1 TYR A 66 ? VAL A 69 ? TYR A 75 VAL A 78 
B 2 ALA A 72 ? CYS A 75 ? ALA A 81 CYS A 84 
# 
loop_
_pdbx_struct_sheet_hbond.sheet_id 
_pdbx_struct_sheet_hbond.range_id_1 
_pdbx_struct_sheet_hbond.range_id_2 
_pdbx_struct_sheet_hbond.range_1_label_atom_id 
_pdbx_struct_sheet_hbond.range_1_label_comp_id 
_pdbx_struct_sheet_hbond.range_1_label_asym_id 
_pdbx_struct_sheet_hbond.range_1_label_seq_id 
_pdbx_struct_sheet_hbond.range_1_PDB_ins_code 
_pdbx_struct_sheet_hbond.range_1_auth_atom_id 
_pdbx_struct_sheet_hbond.range_1_auth_comp_id 
_pdbx_struct_sheet_hbond.range_1_auth_asym_id 
_pdbx_struct_sheet_hbond.range_1_auth_seq_id 
_pdbx_struct_sheet_hbond.range_2_label_atom_id 
_pdbx_struct_sheet_hbond.range_2_label_comp_id 
_pdbx_struct_sheet_hbond.range_2_label_asym_id 
_pdbx_struct_sheet_hbond.range_2_label_seq_id 
_pdbx_struct_sheet_hbond.range_2_PDB_ins_code 
_pdbx_struct_sheet_hbond.range_2_auth_atom_id 
_pdbx_struct_sheet_hbond.range_2_auth_comp_id 
_pdbx_struct_sheet_hbond.range_2_auth_asym_id 
_pdbx_struct_sheet_hbond.range_2_auth_seq_id 
A 1 2 N TYR A 24 ? N TYR A 25 O CYS A 28 ? O CYS A 29 
B 1 2 N LYS A 67 ? N LYS A 76 O VAL A 74 ? O VAL A 83 
# 
_struct_site.id                   AC1 
_struct_site.pdbx_evidence_code   Software 
_struct_site.pdbx_auth_asym_id    A 
_struct_site.pdbx_auth_comp_id    AJM 
_struct_site.pdbx_auth_seq_id     134 
_struct_site.pdbx_auth_ins_code   ? 
_struct_site.pdbx_num_residues    4 
_struct_site.details              'BINDING SITE FOR RESIDUE AJM A 134' 
# 
loop_
_struct_site_gen.id 
_struct_site_gen.site_id 
_struct_site_gen.pdbx_num_res 
_struct_site_gen.label_comp_id 
_struct_site_gen.label_asym_id 
_struct_site_gen.label_seq_id 
_struct_site_gen.pdbx_auth_ins_code 
_struct_site_gen.auth_comp_id 
_struct_site_gen.auth_asym_id 
_struct_site_gen.auth_seq_id 
_struct_site_gen.label_atom_id 
_struct_site_gen.label_alt_id 
_struct_site_gen.symmetry 
_struct_site_gen.details 
1 AC1 4 GLY A 32 ? GLY A 33 . ? 1_555 ? 
2 AC1 4 ASP A 48 ? ASP A 49 . ? 1_555 ? 
3 AC1 4 TYR A 51 ? TYR A 52 . ? 1_555 ? 
4 AC1 4 GLY A 52 ? GLY A 53 . ? 1_555 ? 
# 
_pdbx_entry_details.entry_id                   3FG5 
_pdbx_entry_details.sequence_details           
'THE SEQUENCE OF ENTITY 1 IS THE SAME WITH UNP P59071 PA28_DABRP, WHICH HAS DIFFERENT SOURCE.' 
_pdbx_entry_details.nonpolymer_details         ? 
_pdbx_entry_details.compound_details           ? 
_pdbx_entry_details.source_details             ? 
_pdbx_entry_details.has_ligand_of_interest     ? 
_pdbx_entry_details.has_protein_modification   Y 
# 
loop_
_pdbx_validate_rmsd_angle.id 
_pdbx_validate_rmsd_angle.PDB_model_num 
_pdbx_validate_rmsd_angle.auth_atom_id_1 
_pdbx_validate_rmsd_angle.auth_asym_id_1 
_pdbx_validate_rmsd_angle.auth_comp_id_1 
_pdbx_validate_rmsd_angle.auth_seq_id_1 
_pdbx_validate_rmsd_angle.PDB_ins_code_1 
_pdbx_validate_rmsd_angle.label_alt_id_1 
_pdbx_validate_rmsd_angle.auth_atom_id_2 
_pdbx_validate_rmsd_angle.auth_asym_id_2 
_pdbx_validate_rmsd_angle.auth_comp_id_2 
_pdbx_validate_rmsd_angle.auth_seq_id_2 
_pdbx_validate_rmsd_angle.PDB_ins_code_2 
_pdbx_validate_rmsd_angle.label_alt_id_2 
_pdbx_validate_rmsd_angle.auth_atom_id_3 
_pdbx_validate_rmsd_angle.auth_asym_id_3 
_pdbx_validate_rmsd_angle.auth_comp_id_3 
_pdbx_validate_rmsd_angle.auth_seq_id_3 
_pdbx_validate_rmsd_angle.PDB_ins_code_3 
_pdbx_validate_rmsd_angle.label_alt_id_3 
_pdbx_validate_rmsd_angle.angle_value 
_pdbx_validate_rmsd_angle.angle_target_value 
_pdbx_validate_rmsd_angle.angle_deviation 
_pdbx_validate_rmsd_angle.angle_standard_deviation 
_pdbx_validate_rmsd_angle.linker_flag 
1 1 CA A ASN 79 ? ? C  A ASN 79 ? ? N  A GLY 80 ? ? 135.10 116.20 18.90  2.00 Y 
2 1 O  A ASN 79 ? ? C  A ASN 79 ? ? N  A GLY 80 ? ? 104.08 123.20 -19.12 1.70 Y 
3 1 CA C PHE 1  ? ? C  C PHE 1  ? ? N  C LEU 2  ? ? 101.68 117.20 -15.52 2.20 Y 
4 1 N  C TYR 4  ? ? CA C TYR 4  ? ? C  C TYR 4  ? ? 91.93  111.00 -19.07 2.70 N 
5 1 CD C LYS 5  ? ? CE C LYS 5  ? ? NZ C LYS 5  ? ? 146.52 111.70 34.82  2.30 N 
# 
loop_
_pdbx_validate_torsion.id 
_pdbx_validate_torsion.PDB_model_num 
_pdbx_validate_torsion.auth_comp_id 
_pdbx_validate_torsion.auth_asym_id 
_pdbx_validate_torsion.auth_seq_id 
_pdbx_validate_torsion.PDB_ins_code 
_pdbx_validate_torsion.label_alt_id 
_pdbx_validate_torsion.phi 
_pdbx_validate_torsion.psi 
1 1 SER A 24  ? ? -148.43 43.76   
2 1 LEU A 55  ? ? -118.35 69.31   
3 1 ASN A 79  ? ? 56.27   -124.59 
4 1 LEU A 130 ? ? -161.16 111.66  
5 1 TYR C 4   ? ? -169.38 86.12   
# 
_pdbx_validate_planes.id              1 
_pdbx_validate_planes.PDB_model_num   1 
_pdbx_validate_planes.auth_comp_id    TYR 
_pdbx_validate_planes.auth_asym_id    C 
_pdbx_validate_planes.auth_seq_id     4 
_pdbx_validate_planes.PDB_ins_code    ? 
_pdbx_validate_planes.label_alt_id    ? 
_pdbx_validate_planes.rmsd            0.097 
_pdbx_validate_planes.type            'SIDE CHAIN' 
# 
loop_
_chem_comp_atom.comp_id 
_chem_comp_atom.atom_id 
_chem_comp_atom.type_symbol 
_chem_comp_atom.pdbx_aromatic_flag 
_chem_comp_atom.pdbx_stereo_config 
_chem_comp_atom.pdbx_ordinal 
AJM O1   O N N 1   
AJM C15  C N R 2   
AJM C5   C N R 3   
AJM C4   C N N 4   
AJM C6   C Y N 5   
AJM C7   C Y N 6   
AJM C8   C Y N 7   
AJM C9   C Y N 8   
AJM C11  C Y N 9   
AJM C10  C Y N 10  
AJM C14  C N S 11  
AJM C13  C N S 12  
AJM C16  C N N 13  
AJM C3   C N S 14  
AJM N2   N N N 15  
AJM C17  C N S 16  
AJM O2   O N N 17  
AJM C2   C N S 18  
AJM C12  C N N 19  
AJM C1   C N R 20  
AJM N1   N N N 21  
AJM C18  C N N 22  
AJM HO1  H N N 23  
AJM H15  H N N 24  
AJM H41  H N N 25  
AJM H42  H N N 26  
AJM H7   H N N 27  
AJM H8   H N N 28  
AJM H9   H N N 29  
AJM H10  H N N 30  
AJM H14  H N N 31  
AJM H13  H N N 32  
AJM H161 H N N 33  
AJM H162 H N N 34  
AJM H3   H N N 35  
AJM H17  H N N 36  
AJM HO2  H N N 37  
AJM H2   H N N 38  
AJM H121 H N N 39  
AJM H122 H N N 40  
AJM H1   H N N 41  
AJM H181 H N N 42  
AJM H182 H N N 43  
AJM H183 H N N 44  
ALA N    N N N 45  
ALA CA   C N S 46  
ALA C    C N N 47  
ALA O    O N N 48  
ALA CB   C N N 49  
ALA OXT  O N N 50  
ALA H    H N N 51  
ALA H2   H N N 52  
ALA HA   H N N 53  
ALA HB1  H N N 54  
ALA HB2  H N N 55  
ALA HB3  H N N 56  
ALA HXT  H N N 57  
ARG N    N N N 58  
ARG CA   C N S 59  
ARG C    C N N 60  
ARG O    O N N 61  
ARG CB   C N N 62  
ARG CG   C N N 63  
ARG CD   C N N 64  
ARG NE   N N N 65  
ARG CZ   C N N 66  
ARG NH1  N N N 67  
ARG NH2  N N N 68  
ARG OXT  O N N 69  
ARG H    H N N 70  
ARG H2   H N N 71  
ARG HA   H N N 72  
ARG HB2  H N N 73  
ARG HB3  H N N 74  
ARG HG2  H N N 75  
ARG HG3  H N N 76  
ARG HD2  H N N 77  
ARG HD3  H N N 78  
ARG HE   H N N 79  
ARG HH11 H N N 80  
ARG HH12 H N N 81  
ARG HH21 H N N 82  
ARG HH22 H N N 83  
ARG HXT  H N N 84  
ASN N    N N N 85  
ASN CA   C N S 86  
ASN C    C N N 87  
ASN O    O N N 88  
ASN CB   C N N 89  
ASN CG   C N N 90  
ASN OD1  O N N 91  
ASN ND2  N N N 92  
ASN OXT  O N N 93  
ASN H    H N N 94  
ASN H2   H N N 95  
ASN HA   H N N 96  
ASN HB2  H N N 97  
ASN HB3  H N N 98  
ASN HD21 H N N 99  
ASN HD22 H N N 100 
ASN HXT  H N N 101 
ASP N    N N N 102 
ASP CA   C N S 103 
ASP C    C N N 104 
ASP O    O N N 105 
ASP CB   C N N 106 
ASP CG   C N N 107 
ASP OD1  O N N 108 
ASP OD2  O N N 109 
ASP OXT  O N N 110 
ASP H    H N N 111 
ASP H2   H N N 112 
ASP HA   H N N 113 
ASP HB2  H N N 114 
ASP HB3  H N N 115 
ASP HD2  H N N 116 
ASP HXT  H N N 117 
CYS N    N N N 118 
CYS CA   C N R 119 
CYS C    C N N 120 
CYS O    O N N 121 
CYS CB   C N N 122 
CYS SG   S N N 123 
CYS OXT  O N N 124 
CYS H    H N N 125 
CYS H2   H N N 126 
CYS HA   H N N 127 
CYS HB2  H N N 128 
CYS HB3  H N N 129 
CYS HG   H N N 130 
CYS HXT  H N N 131 
GLN N    N N N 132 
GLN CA   C N S 133 
GLN C    C N N 134 
GLN O    O N N 135 
GLN CB   C N N 136 
GLN CG   C N N 137 
GLN CD   C N N 138 
GLN OE1  O N N 139 
GLN NE2  N N N 140 
GLN OXT  O N N 141 
GLN H    H N N 142 
GLN H2   H N N 143 
GLN HA   H N N 144 
GLN HB2  H N N 145 
GLN HB3  H N N 146 
GLN HG2  H N N 147 
GLN HG3  H N N 148 
GLN HE21 H N N 149 
GLN HE22 H N N 150 
GLN HXT  H N N 151 
GLU N    N N N 152 
GLU CA   C N S 153 
GLU C    C N N 154 
GLU O    O N N 155 
GLU CB   C N N 156 
GLU CG   C N N 157 
GLU CD   C N N 158 
GLU OE1  O N N 159 
GLU OE2  O N N 160 
GLU OXT  O N N 161 
GLU H    H N N 162 
GLU H2   H N N 163 
GLU HA   H N N 164 
GLU HB2  H N N 165 
GLU HB3  H N N 166 
GLU HG2  H N N 167 
GLU HG3  H N N 168 
GLU HE2  H N N 169 
GLU HXT  H N N 170 
GLY N    N N N 171 
GLY CA   C N N 172 
GLY C    C N N 173 
GLY O    O N N 174 
GLY OXT  O N N 175 
GLY H    H N N 176 
GLY H2   H N N 177 
GLY HA2  H N N 178 
GLY HA3  H N N 179 
GLY HXT  H N N 180 
HIS N    N N N 181 
HIS CA   C N S 182 
HIS C    C N N 183 
HIS O    O N N 184 
HIS CB   C N N 185 
HIS CG   C Y N 186 
HIS ND1  N Y N 187 
HIS CD2  C Y N 188 
HIS CE1  C Y N 189 
HIS NE2  N Y N 190 
HIS OXT  O N N 191 
HIS H    H N N 192 
HIS H2   H N N 193 
HIS HA   H N N 194 
HIS HB2  H N N 195 
HIS HB3  H N N 196 
HIS HD1  H N N 197 
HIS HD2  H N N 198 
HIS HE1  H N N 199 
HIS HE2  H N N 200 
HIS HXT  H N N 201 
HOH O    O N N 202 
HOH H1   H N N 203 
HOH H2   H N N 204 
ILE N    N N N 205 
ILE CA   C N S 206 
ILE C    C N N 207 
ILE O    O N N 208 
ILE CB   C N S 209 
ILE CG1  C N N 210 
ILE CG2  C N N 211 
ILE CD1  C N N 212 
ILE OXT  O N N 213 
ILE H    H N N 214 
ILE H2   H N N 215 
ILE HA   H N N 216 
ILE HB   H N N 217 
ILE HG12 H N N 218 
ILE HG13 H N N 219 
ILE HG21 H N N 220 
ILE HG22 H N N 221 
ILE HG23 H N N 222 
ILE HD11 H N N 223 
ILE HD12 H N N 224 
ILE HD13 H N N 225 
ILE HXT  H N N 226 
LEU N    N N N 227 
LEU CA   C N S 228 
LEU C    C N N 229 
LEU O    O N N 230 
LEU CB   C N N 231 
LEU CG   C N N 232 
LEU CD1  C N N 233 
LEU CD2  C N N 234 
LEU OXT  O N N 235 
LEU H    H N N 236 
LEU H2   H N N 237 
LEU HA   H N N 238 
LEU HB2  H N N 239 
LEU HB3  H N N 240 
LEU HG   H N N 241 
LEU HD11 H N N 242 
LEU HD12 H N N 243 
LEU HD13 H N N 244 
LEU HD21 H N N 245 
LEU HD22 H N N 246 
LEU HD23 H N N 247 
LEU HXT  H N N 248 
LYS N    N N N 249 
LYS CA   C N S 250 
LYS C    C N N 251 
LYS O    O N N 252 
LYS CB   C N N 253 
LYS CG   C N N 254 
LYS CD   C N N 255 
LYS CE   C N N 256 
LYS NZ   N N N 257 
LYS OXT  O N N 258 
LYS H    H N N 259 
LYS H2   H N N 260 
LYS HA   H N N 261 
LYS HB2  H N N 262 
LYS HB3  H N N 263 
LYS HG2  H N N 264 
LYS HG3  H N N 265 
LYS HD2  H N N 266 
LYS HD3  H N N 267 
LYS HE2  H N N 268 
LYS HE3  H N N 269 
LYS HZ1  H N N 270 
LYS HZ2  H N N 271 
LYS HZ3  H N N 272 
LYS HXT  H N N 273 
MET N    N N N 274 
MET CA   C N S 275 
MET C    C N N 276 
MET O    O N N 277 
MET CB   C N N 278 
MET CG   C N N 279 
MET SD   S N N 280 
MET CE   C N N 281 
MET OXT  O N N 282 
MET H    H N N 283 
MET H2   H N N 284 
MET HA   H N N 285 
MET HB2  H N N 286 
MET HB3  H N N 287 
MET HG2  H N N 288 
MET HG3  H N N 289 
MET HE1  H N N 290 
MET HE2  H N N 291 
MET HE3  H N N 292 
MET HXT  H N N 293 
PHE N    N N N 294 
PHE CA   C N S 295 
PHE C    C N N 296 
PHE O    O N N 297 
PHE CB   C N N 298 
PHE CG   C Y N 299 
PHE CD1  C Y N 300 
PHE CD2  C Y N 301 
PHE CE1  C Y N 302 
PHE CE2  C Y N 303 
PHE CZ   C Y N 304 
PHE OXT  O N N 305 
PHE H    H N N 306 
PHE H2   H N N 307 
PHE HA   H N N 308 
PHE HB2  H N N 309 
PHE HB3  H N N 310 
PHE HD1  H N N 311 
PHE HD2  H N N 312 
PHE HE1  H N N 313 
PHE HE2  H N N 314 
PHE HZ   H N N 315 
PHE HXT  H N N 316 
PRO N    N N N 317 
PRO CA   C N S 318 
PRO C    C N N 319 
PRO O    O N N 320 
PRO CB   C N N 321 
PRO CG   C N N 322 
PRO CD   C N N 323 
PRO OXT  O N N 324 
PRO H    H N N 325 
PRO HA   H N N 326 
PRO HB2  H N N 327 
PRO HB3  H N N 328 
PRO HG2  H N N 329 
PRO HG3  H N N 330 
PRO HD2  H N N 331 
PRO HD3  H N N 332 
PRO HXT  H N N 333 
SER N    N N N 334 
SER CA   C N S 335 
SER C    C N N 336 
SER O    O N N 337 
SER CB   C N N 338 
SER OG   O N N 339 
SER OXT  O N N 340 
SER H    H N N 341 
SER H2   H N N 342 
SER HA   H N N 343 
SER HB2  H N N 344 
SER HB3  H N N 345 
SER HG   H N N 346 
SER HXT  H N N 347 
THR N    N N N 348 
THR CA   C N S 349 
THR C    C N N 350 
THR O    O N N 351 
THR CB   C N R 352 
THR OG1  O N N 353 
THR CG2  C N N 354 
THR OXT  O N N 355 
THR H    H N N 356 
THR H2   H N N 357 
THR HA   H N N 358 
THR HB   H N N 359 
THR HG1  H N N 360 
THR HG21 H N N 361 
THR HG22 H N N 362 
THR HG23 H N N 363 
THR HXT  H N N 364 
TRP N    N N N 365 
TRP CA   C N S 366 
TRP C    C N N 367 
TRP O    O N N 368 
TRP CB   C N N 369 
TRP CG   C Y N 370 
TRP CD1  C Y N 371 
TRP CD2  C Y N 372 
TRP NE1  N Y N 373 
TRP CE2  C Y N 374 
TRP CE3  C Y N 375 
TRP CZ2  C Y N 376 
TRP CZ3  C Y N 377 
TRP CH2  C Y N 378 
TRP OXT  O N N 379 
TRP H    H N N 380 
TRP H2   H N N 381 
TRP HA   H N N 382 
TRP HB2  H N N 383 
TRP HB3  H N N 384 
TRP HD1  H N N 385 
TRP HE1  H N N 386 
TRP HE3  H N N 387 
TRP HZ2  H N N 388 
TRP HZ3  H N N 389 
TRP HH2  H N N 390 
TRP HXT  H N N 391 
TYR N    N N N 392 
TYR CA   C N S 393 
TYR C    C N N 394 
TYR O    O N N 395 
TYR CB   C N N 396 
TYR CG   C Y N 397 
TYR CD1  C Y N 398 
TYR CD2  C Y N 399 
TYR CE1  C Y N 400 
TYR CE2  C Y N 401 
TYR CZ   C Y N 402 
TYR OH   O N N 403 
TYR OXT  O N N 404 
TYR H    H N N 405 
TYR H2   H N N 406 
TYR HA   H N N 407 
TYR HB2  H N N 408 
TYR HB3  H N N 409 
TYR HD1  H N N 410 
TYR HD2  H N N 411 
TYR HE1  H N N 412 
TYR HE2  H N N 413 
TYR HH   H N N 414 
TYR HXT  H N N 415 
VAL N    N N N 416 
VAL CA   C N S 417 
VAL C    C N N 418 
VAL O    O N N 419 
VAL CB   C N N 420 
VAL CG1  C N N 421 
VAL CG2  C N N 422 
VAL OXT  O N N 423 
VAL H    H N N 424 
VAL H2   H N N 425 
VAL HA   H N N 426 
VAL HB   H N N 427 
VAL HG11 H N N 428 
VAL HG12 H N N 429 
VAL HG13 H N N 430 
VAL HG21 H N N 431 
VAL HG22 H N N 432 
VAL HG23 H N N 433 
VAL HXT  H N N 434 
# 
loop_
_chem_comp_bond.comp_id 
_chem_comp_bond.atom_id_1 
_chem_comp_bond.atom_id_2 
_chem_comp_bond.value_order 
_chem_comp_bond.pdbx_aromatic_flag 
_chem_comp_bond.pdbx_stereo_config 
_chem_comp_bond.pdbx_ordinal 
AJM O1  C15  sing N N 1   
AJM O1  HO1  sing N N 2   
AJM C15 C5   sing N N 3   
AJM C15 C14  sing N N 4   
AJM C15 H15  sing N N 5   
AJM C5  C4   sing N N 6   
AJM C5  C6   sing N N 7   
AJM C5  C1   sing N N 8   
AJM C4  C3   sing N N 9   
AJM C4  H41  sing N N 10  
AJM C4  H42  sing N N 11  
AJM C6  C7   doub Y N 12  
AJM C6  C11  sing Y N 13  
AJM C7  C8   sing Y N 14  
AJM C7  H7   sing N N 15  
AJM C8  C9   doub Y N 16  
AJM C8  H8   sing N N 17  
AJM C9  C10  sing Y N 18  
AJM C9  H9   sing N N 19  
AJM C11 C10  doub Y N 20  
AJM C11 N1   sing N N 21  
AJM C10 H10  sing N N 22  
AJM C14 C13  sing N N 23  
AJM C14 C3   sing N N 24  
AJM C14 H14  sing N N 25  
AJM C13 C16  sing N N 26  
AJM C13 C12  sing N N 27  
AJM C13 H13  sing N N 28  
AJM C16 C17  sing N N 29  
AJM C16 H161 sing N N 30  
AJM C16 H162 sing N N 31  
AJM C3  N2   sing N N 32  
AJM C3  H3   sing N N 33  
AJM N2  C17  sing N N 34  
AJM N2  C2   sing N N 35  
AJM C17 O2   sing N N 36  
AJM C17 H17  sing N N 37  
AJM O2  HO2  sing N N 38  
AJM C2  C12  sing N N 39  
AJM C2  C1   sing N N 40  
AJM C2  H2   sing N N 41  
AJM C12 H121 sing N N 42  
AJM C12 H122 sing N N 43  
AJM C1  N1   sing N N 44  
AJM C1  H1   sing N N 45  
AJM N1  C18  sing N N 46  
AJM C18 H181 sing N N 47  
AJM C18 H182 sing N N 48  
AJM C18 H183 sing N N 49  
ALA N   CA   sing N N 50  
ALA N   H    sing N N 51  
ALA N   H2   sing N N 52  
ALA CA  C    sing N N 53  
ALA CA  CB   sing N N 54  
ALA CA  HA   sing N N 55  
ALA C   O    doub N N 56  
ALA C   OXT  sing N N 57  
ALA CB  HB1  sing N N 58  
ALA CB  HB2  sing N N 59  
ALA CB  HB3  sing N N 60  
ALA OXT HXT  sing N N 61  
ARG N   CA   sing N N 62  
ARG N   H    sing N N 63  
ARG N   H2   sing N N 64  
ARG CA  C    sing N N 65  
ARG CA  CB   sing N N 66  
ARG CA  HA   sing N N 67  
ARG C   O    doub N N 68  
ARG C   OXT  sing N N 69  
ARG CB  CG   sing N N 70  
ARG CB  HB2  sing N N 71  
ARG CB  HB3  sing N N 72  
ARG CG  CD   sing N N 73  
ARG CG  HG2  sing N N 74  
ARG CG  HG3  sing N N 75  
ARG CD  NE   sing N N 76  
ARG CD  HD2  sing N N 77  
ARG CD  HD3  sing N N 78  
ARG NE  CZ   sing N N 79  
ARG NE  HE   sing N N 80  
ARG CZ  NH1  sing N N 81  
ARG CZ  NH2  doub N N 82  
ARG NH1 HH11 sing N N 83  
ARG NH1 HH12 sing N N 84  
ARG NH2 HH21 sing N N 85  
ARG NH2 HH22 sing N N 86  
ARG OXT HXT  sing N N 87  
ASN N   CA   sing N N 88  
ASN N   H    sing N N 89  
ASN N   H2   sing N N 90  
ASN CA  C    sing N N 91  
ASN CA  CB   sing N N 92  
ASN CA  HA   sing N N 93  
ASN C   O    doub N N 94  
ASN C   OXT  sing N N 95  
ASN CB  CG   sing N N 96  
ASN CB  HB2  sing N N 97  
ASN CB  HB3  sing N N 98  
ASN CG  OD1  doub N N 99  
ASN CG  ND2  sing N N 100 
ASN ND2 HD21 sing N N 101 
ASN ND2 HD22 sing N N 102 
ASN OXT HXT  sing N N 103 
ASP N   CA   sing N N 104 
ASP N   H    sing N N 105 
ASP N   H2   sing N N 106 
ASP CA  C    sing N N 107 
ASP CA  CB   sing N N 108 
ASP CA  HA   sing N N 109 
ASP C   O    doub N N 110 
ASP C   OXT  sing N N 111 
ASP CB  CG   sing N N 112 
ASP CB  HB2  sing N N 113 
ASP CB  HB3  sing N N 114 
ASP CG  OD1  doub N N 115 
ASP CG  OD2  sing N N 116 
ASP OD2 HD2  sing N N 117 
ASP OXT HXT  sing N N 118 
CYS N   CA   sing N N 119 
CYS N   H    sing N N 120 
CYS N   H2   sing N N 121 
CYS CA  C    sing N N 122 
CYS CA  CB   sing N N 123 
CYS CA  HA   sing N N 124 
CYS C   O    doub N N 125 
CYS C   OXT  sing N N 126 
CYS CB  SG   sing N N 127 
CYS CB  HB2  sing N N 128 
CYS CB  HB3  sing N N 129 
CYS SG  HG   sing N N 130 
CYS OXT HXT  sing N N 131 
GLN N   CA   sing N N 132 
GLN N   H    sing N N 133 
GLN N   H2   sing N N 134 
GLN CA  C    sing N N 135 
GLN CA  CB   sing N N 136 
GLN CA  HA   sing N N 137 
GLN C   O    doub N N 138 
GLN C   OXT  sing N N 139 
GLN CB  CG   sing N N 140 
GLN CB  HB2  sing N N 141 
GLN CB  HB3  sing N N 142 
GLN CG  CD   sing N N 143 
GLN CG  HG2  sing N N 144 
GLN CG  HG3  sing N N 145 
GLN CD  OE1  doub N N 146 
GLN CD  NE2  sing N N 147 
GLN NE2 HE21 sing N N 148 
GLN NE2 HE22 sing N N 149 
GLN OXT HXT  sing N N 150 
GLU N   CA   sing N N 151 
GLU N   H    sing N N 152 
GLU N   H2   sing N N 153 
GLU CA  C    sing N N 154 
GLU CA  CB   sing N N 155 
GLU CA  HA   sing N N 156 
GLU C   O    doub N N 157 
GLU C   OXT  sing N N 158 
GLU CB  CG   sing N N 159 
GLU CB  HB2  sing N N 160 
GLU CB  HB3  sing N N 161 
GLU CG  CD   sing N N 162 
GLU CG  HG2  sing N N 163 
GLU CG  HG3  sing N N 164 
GLU CD  OE1  doub N N 165 
GLU CD  OE2  sing N N 166 
GLU OE2 HE2  sing N N 167 
GLU OXT HXT  sing N N 168 
GLY N   CA   sing N N 169 
GLY N   H    sing N N 170 
GLY N   H2   sing N N 171 
GLY CA  C    sing N N 172 
GLY CA  HA2  sing N N 173 
GLY CA  HA3  sing N N 174 
GLY C   O    doub N N 175 
GLY C   OXT  sing N N 176 
GLY OXT HXT  sing N N 177 
HIS N   CA   sing N N 178 
HIS N   H    sing N N 179 
HIS N   H2   sing N N 180 
HIS CA  C    sing N N 181 
HIS CA  CB   sing N N 182 
HIS CA  HA   sing N N 183 
HIS C   O    doub N N 184 
HIS C   OXT  sing N N 185 
HIS CB  CG   sing N N 186 
HIS CB  HB2  sing N N 187 
HIS CB  HB3  sing N N 188 
HIS CG  ND1  sing Y N 189 
HIS CG  CD2  doub Y N 190 
HIS ND1 CE1  doub Y N 191 
HIS ND1 HD1  sing N N 192 
HIS CD2 NE2  sing Y N 193 
HIS CD2 HD2  sing N N 194 
HIS CE1 NE2  sing Y N 195 
HIS CE1 HE1  sing N N 196 
HIS NE2 HE2  sing N N 197 
HIS OXT HXT  sing N N 198 
HOH O   H1   sing N N 199 
HOH O   H2   sing N N 200 
ILE N   CA   sing N N 201 
ILE N   H    sing N N 202 
ILE N   H2   sing N N 203 
ILE CA  C    sing N N 204 
ILE CA  CB   sing N N 205 
ILE CA  HA   sing N N 206 
ILE C   O    doub N N 207 
ILE C   OXT  sing N N 208 
ILE CB  CG1  sing N N 209 
ILE CB  CG2  sing N N 210 
ILE CB  HB   sing N N 211 
ILE CG1 CD1  sing N N 212 
ILE CG1 HG12 sing N N 213 
ILE CG1 HG13 sing N N 214 
ILE CG2 HG21 sing N N 215 
ILE CG2 HG22 sing N N 216 
ILE CG2 HG23 sing N N 217 
ILE CD1 HD11 sing N N 218 
ILE CD1 HD12 sing N N 219 
ILE CD1 HD13 sing N N 220 
ILE OXT HXT  sing N N 221 
LEU N   CA   sing N N 222 
LEU N   H    sing N N 223 
LEU N   H2   sing N N 224 
LEU CA  C    sing N N 225 
LEU CA  CB   sing N N 226 
LEU CA  HA   sing N N 227 
LEU C   O    doub N N 228 
LEU C   OXT  sing N N 229 
LEU CB  CG   sing N N 230 
LEU CB  HB2  sing N N 231 
LEU CB  HB3  sing N N 232 
LEU CG  CD1  sing N N 233 
LEU CG  CD2  sing N N 234 
LEU CG  HG   sing N N 235 
LEU CD1 HD11 sing N N 236 
LEU CD1 HD12 sing N N 237 
LEU CD1 HD13 sing N N 238 
LEU CD2 HD21 sing N N 239 
LEU CD2 HD22 sing N N 240 
LEU CD2 HD23 sing N N 241 
LEU OXT HXT  sing N N 242 
LYS N   CA   sing N N 243 
LYS N   H    sing N N 244 
LYS N   H2   sing N N 245 
LYS CA  C    sing N N 246 
LYS CA  CB   sing N N 247 
LYS CA  HA   sing N N 248 
LYS C   O    doub N N 249 
LYS C   OXT  sing N N 250 
LYS CB  CG   sing N N 251 
LYS CB  HB2  sing N N 252 
LYS CB  HB3  sing N N 253 
LYS CG  CD   sing N N 254 
LYS CG  HG2  sing N N 255 
LYS CG  HG3  sing N N 256 
LYS CD  CE   sing N N 257 
LYS CD  HD2  sing N N 258 
LYS CD  HD3  sing N N 259 
LYS CE  NZ   sing N N 260 
LYS CE  HE2  sing N N 261 
LYS CE  HE3  sing N N 262 
LYS NZ  HZ1  sing N N 263 
LYS NZ  HZ2  sing N N 264 
LYS NZ  HZ3  sing N N 265 
LYS OXT HXT  sing N N 266 
MET N   CA   sing N N 267 
MET N   H    sing N N 268 
MET N   H2   sing N N 269 
MET CA  C    sing N N 270 
MET CA  CB   sing N N 271 
MET CA  HA   sing N N 272 
MET C   O    doub N N 273 
MET C   OXT  sing N N 274 
MET CB  CG   sing N N 275 
MET CB  HB2  sing N N 276 
MET CB  HB3  sing N N 277 
MET CG  SD   sing N N 278 
MET CG  HG2  sing N N 279 
MET CG  HG3  sing N N 280 
MET SD  CE   sing N N 281 
MET CE  HE1  sing N N 282 
MET CE  HE2  sing N N 283 
MET CE  HE3  sing N N 284 
MET OXT HXT  sing N N 285 
PHE N   CA   sing N N 286 
PHE N   H    sing N N 287 
PHE N   H2   sing N N 288 
PHE CA  C    sing N N 289 
PHE CA  CB   sing N N 290 
PHE CA  HA   sing N N 291 
PHE C   O    doub N N 292 
PHE C   OXT  sing N N 293 
PHE CB  CG   sing N N 294 
PHE CB  HB2  sing N N 295 
PHE CB  HB3  sing N N 296 
PHE CG  CD1  doub Y N 297 
PHE CG  CD2  sing Y N 298 
PHE CD1 CE1  sing Y N 299 
PHE CD1 HD1  sing N N 300 
PHE CD2 CE2  doub Y N 301 
PHE CD2 HD2  sing N N 302 
PHE CE1 CZ   doub Y N 303 
PHE CE1 HE1  sing N N 304 
PHE CE2 CZ   sing Y N 305 
PHE CE2 HE2  sing N N 306 
PHE CZ  HZ   sing N N 307 
PHE OXT HXT  sing N N 308 
PRO N   CA   sing N N 309 
PRO N   CD   sing N N 310 
PRO N   H    sing N N 311 
PRO CA  C    sing N N 312 
PRO CA  CB   sing N N 313 
PRO CA  HA   sing N N 314 
PRO C   O    doub N N 315 
PRO C   OXT  sing N N 316 
PRO CB  CG   sing N N 317 
PRO CB  HB2  sing N N 318 
PRO CB  HB3  sing N N 319 
PRO CG  CD   sing N N 320 
PRO CG  HG2  sing N N 321 
PRO CG  HG3  sing N N 322 
PRO CD  HD2  sing N N 323 
PRO CD  HD3  sing N N 324 
PRO OXT HXT  sing N N 325 
SER N   CA   sing N N 326 
SER N   H    sing N N 327 
SER N   H2   sing N N 328 
SER CA  C    sing N N 329 
SER CA  CB   sing N N 330 
SER CA  HA   sing N N 331 
SER C   O    doub N N 332 
SER C   OXT  sing N N 333 
SER CB  OG   sing N N 334 
SER CB  HB2  sing N N 335 
SER CB  HB3  sing N N 336 
SER OG  HG   sing N N 337 
SER OXT HXT  sing N N 338 
THR N   CA   sing N N 339 
THR N   H    sing N N 340 
THR N   H2   sing N N 341 
THR CA  C    sing N N 342 
THR CA  CB   sing N N 343 
THR CA  HA   sing N N 344 
THR C   O    doub N N 345 
THR C   OXT  sing N N 346 
THR CB  OG1  sing N N 347 
THR CB  CG2  sing N N 348 
THR CB  HB   sing N N 349 
THR OG1 HG1  sing N N 350 
THR CG2 HG21 sing N N 351 
THR CG2 HG22 sing N N 352 
THR CG2 HG23 sing N N 353 
THR OXT HXT  sing N N 354 
TRP N   CA   sing N N 355 
TRP N   H    sing N N 356 
TRP N   H2   sing N N 357 
TRP CA  C    sing N N 358 
TRP CA  CB   sing N N 359 
TRP CA  HA   sing N N 360 
TRP C   O    doub N N 361 
TRP C   OXT  sing N N 362 
TRP CB  CG   sing N N 363 
TRP CB  HB2  sing N N 364 
TRP CB  HB3  sing N N 365 
TRP CG  CD1  doub Y N 366 
TRP CG  CD2  sing Y N 367 
TRP CD1 NE1  sing Y N 368 
TRP CD1 HD1  sing N N 369 
TRP CD2 CE2  doub Y N 370 
TRP CD2 CE3  sing Y N 371 
TRP NE1 CE2  sing Y N 372 
TRP NE1 HE1  sing N N 373 
TRP CE2 CZ2  sing Y N 374 
TRP CE3 CZ3  doub Y N 375 
TRP CE3 HE3  sing N N 376 
TRP CZ2 CH2  doub Y N 377 
TRP CZ2 HZ2  sing N N 378 
TRP CZ3 CH2  sing Y N 379 
TRP CZ3 HZ3  sing N N 380 
TRP CH2 HH2  sing N N 381 
TRP OXT HXT  sing N N 382 
TYR N   CA   sing N N 383 
TYR N   H    sing N N 384 
TYR N   H2   sing N N 385 
TYR CA  C    sing N N 386 
TYR CA  CB   sing N N 387 
TYR CA  HA   sing N N 388 
TYR C   O    doub N N 389 
TYR C   OXT  sing N N 390 
TYR CB  CG   sing N N 391 
TYR CB  HB2  sing N N 392 
TYR CB  HB3  sing N N 393 
TYR CG  CD1  doub Y N 394 
TYR CG  CD2  sing Y N 395 
TYR CD1 CE1  sing Y N 396 
TYR CD1 HD1  sing N N 397 
TYR CD2 CE2  doub Y N 398 
TYR CD2 HD2  sing N N 399 
TYR CE1 CZ   doub Y N 400 
TYR CE1 HE1  sing N N 401 
TYR CE2 CZ   sing Y N 402 
TYR CE2 HE2  sing N N 403 
TYR CZ  OH   sing N N 404 
TYR OH  HH   sing N N 405 
TYR OXT HXT  sing N N 406 
VAL N   CA   sing N N 407 
VAL N   H    sing N N 408 
VAL N   H2   sing N N 409 
VAL CA  C    sing N N 410 
VAL CA  CB   sing N N 411 
VAL CA  HA   sing N N 412 
VAL C   O    doub N N 413 
VAL C   OXT  sing N N 414 
VAL CB  CG1  sing N N 415 
VAL CB  CG2  sing N N 416 
VAL CB  HB   sing N N 417 
VAL CG1 HG11 sing N N 418 
VAL CG1 HG12 sing N N 419 
VAL CG1 HG13 sing N N 420 
VAL CG2 HG21 sing N N 421 
VAL CG2 HG22 sing N N 422 
VAL CG2 HG23 sing N N 423 
VAL OXT HXT  sing N N 424 
# 
_pdbx_initial_refinement_model.id               1 
_pdbx_initial_refinement_model.entity_id_list   ? 
_pdbx_initial_refinement_model.type             'experimental model' 
_pdbx_initial_refinement_model.source_name      PDB 
_pdbx_initial_refinement_model.accession_code   1ZR8 
_pdbx_initial_refinement_model.details          'PDB ENTRY 1ZR8' 
# 
_atom_sites.entry_id                    3FG5 
_atom_sites.fract_transf_matrix[1][1]   -0.00976798 
_atom_sites.fract_transf_matrix[1][2]   -0.01265631 
_atom_sites.fract_transf_matrix[1][3]   0.01005412 
_atom_sites.fract_transf_matrix[2][1]   -0.01602070 
_atom_sites.fract_transf_matrix[2][2]   0.00914024 
_atom_sites.fract_transf_matrix[2][3]   -0.00405884 
_atom_sites.fract_transf_matrix[3][1]   -0.00234541 
_atom_sites.fract_transf_matrix[3][2]   -0.01161620 
_atom_sites.fract_transf_matrix[3][3]   -0.01690134 
_atom_sites.fract_transf_vector[1]      -0.159444 
_atom_sites.fract_transf_vector[2]      0.464263 
_atom_sites.fract_transf_vector[3]      0.018817 
# 
loop_
_atom_type.symbol 
C 
N 
O 
S 
# 
loop_
_atom_site.group_PDB 
_atom_site.id 
_atom_site.type_symbol 
_atom_site.label_atom_id 
_atom_site.label_alt_id 
_atom_site.label_comp_id 
_atom_site.label_asym_id 
_atom_site.label_entity_id 
_atom_site.label_seq_id 
_atom_site.pdbx_PDB_ins_code 
_atom_site.Cartn_x 
_atom_site.Cartn_y 
_atom_site.Cartn_z 
_atom_site.occupancy 
_atom_site.B_iso_or_equiv 
_atom_site.pdbx_formal_charge 
_atom_site.auth_seq_id 
_atom_site.auth_comp_id 
_atom_site.auth_asym_id 
_atom_site.auth_atom_id 
_atom_site.pdbx_PDB_model_num 
ATOM   1    N N   . SER A 1 1   ? 10.358  -2.693  -3.783  1.00 20.46 ? 1   SER A N   1 
ATOM   2    C CA  . SER A 1 1   ? 9.680   -3.923  -4.270  1.00 22.91 ? 1   SER A CA  1 
ATOM   3    C C   . SER A 1 1   ? 8.661   -4.388  -3.241  1.00 25.42 ? 1   SER A C   1 
ATOM   4    O O   . SER A 1 1   ? 8.647   -3.898  -2.113  1.00 25.38 ? 1   SER A O   1 
ATOM   5    C CB  . SER A 1 1   ? 10.699  -5.034  -4.500  1.00 22.02 ? 1   SER A CB  1 
ATOM   6    O OG  . SER A 1 1   ? 11.270  -5.453  -3.274  1.00 24.03 ? 1   SER A OG  1 
ATOM   7    N N   . LEU A 1 2   ? 7.816   -5.338  -3.633  1.00 27.60 ? 2   LEU A N   1 
ATOM   8    C CA  . LEU A 1 2   ? 6.799   -5.861  -2.739  1.00 29.57 ? 2   LEU A CA  1 
ATOM   9    C C   . LEU A 1 2   ? 7.412   -6.531  -1.517  1.00 31.01 ? 2   LEU A C   1 
ATOM   10   O O   . LEU A 1 2   ? 6.727   -6.735  -0.521  1.00 32.42 ? 2   LEU A O   1 
ATOM   11   C CB  . LEU A 1 2   ? 5.878   -6.830  -3.489  1.00 30.62 ? 2   LEU A CB  1 
ATOM   12   C CG  . LEU A 1 2   ? 4.580   -6.212  -4.039  1.00 34.27 ? 2   LEU A CG  1 
ATOM   13   C CD1 . LEU A 1 2   ? 4.846   -4.852  -4.651  1.00 35.21 ? 2   LEU A CD1 1 
ATOM   14   C CD2 . LEU A 1 2   ? 3.973   -7.133  -5.079  1.00 35.02 ? 2   LEU A CD2 1 
ATOM   15   N N   . LEU A 1 3   ? 8.697   -6.872  -1.587  1.00 32.21 ? 3   LEU A N   1 
ATOM   16   C CA  . LEU A 1 3   ? 9.374   -7.488  -0.444  1.00 33.30 ? 3   LEU A CA  1 
ATOM   17   C C   . LEU A 1 3   ? 9.488   -6.468  0.691   1.00 32.69 ? 3   LEU A C   1 
ATOM   18   O O   . LEU A 1 3   ? 9.218   -6.783  1.846   1.00 31.82 ? 3   LEU A O   1 
ATOM   19   C CB  . LEU A 1 3   ? 10.779  -7.972  -0.828  1.00 36.52 ? 3   LEU A CB  1 
ATOM   20   C CG  . LEU A 1 3   ? 11.012  -9.382  -1.393  1.00 40.37 ? 3   LEU A CG  1 
ATOM   21   C CD1 . LEU A 1 3   ? 9.721   -10.179 -1.414  1.00 39.65 ? 3   LEU A CD1 1 
ATOM   22   C CD2 . LEU A 1 3   ? 11.592  -9.274  -2.794  1.00 40.93 ? 3   LEU A CD2 1 
ATOM   23   N N   . GLU A 1 4   ? 9.898   -5.246  0.359   1.00 31.63 ? 4   GLU A N   1 
ATOM   24   C CA  . GLU A 1 4   ? 10.026  -4.197  1.362   1.00 29.55 ? 4   GLU A CA  1 
ATOM   25   C C   . GLU A 1 4   ? 8.655   -3.721  1.843   1.00 29.55 ? 4   GLU A C   1 
ATOM   26   O O   . GLU A 1 4   ? 8.439   -3.523  3.041   1.00 30.85 ? 4   GLU A O   1 
ATOM   27   C CB  . GLU A 1 4   ? 10.800  -2.996  0.808   1.00 29.47 ? 4   GLU A CB  1 
ATOM   28   C CG  . GLU A 1 4   ? 12.288  -3.217  0.569   1.00 31.36 ? 4   GLU A CG  1 
ATOM   29   C CD  . GLU A 1 4   ? 12.579  -3.911  -0.749  1.00 33.42 ? 4   GLU A CD  1 
ATOM   30   O OE1 . GLU A 1 4   ? 12.090  -3.425  -1.788  1.00 32.99 ? 4   GLU A OE1 1 
ATOM   31   O OE2 . GLU A 1 4   ? 13.301  -4.933  -0.752  1.00 34.94 ? 4   GLU A OE2 1 
ATOM   32   N N   . PHE A 1 5   ? 7.727   -3.539  0.912   1.00 27.51 ? 5   PHE A N   1 
ATOM   33   C CA  . PHE A 1 5   ? 6.401   -3.064  1.271   1.00 25.56 ? 5   PHE A CA  1 
ATOM   34   C C   . PHE A 1 5   ? 5.724   -3.996  2.271   1.00 27.00 ? 5   PHE A C   1 
ATOM   35   O O   . PHE A 1 5   ? 5.128   -3.537  3.245   1.00 28.72 ? 5   PHE A O   1 
ATOM   36   C CB  . PHE A 1 5   ? 5.533   -2.907  0.018   1.00 21.68 ? 5   PHE A CB  1 
ATOM   37   C CG  . PHE A 1 5   ? 4.260   -2.133  0.254   1.00 19.73 ? 5   PHE A CG  1 
ATOM   38   C CD1 . PHE A 1 5   ? 4.214   -1.115  1.202   1.00 18.86 ? 5   PHE A CD1 1 
ATOM   39   C CD2 . PHE A 1 5   ? 3.119   -2.402  -0.489  1.00 17.28 ? 5   PHE A CD2 1 
ATOM   40   C CE1 . PHE A 1 5   ? 3.054   -0.378  1.406   1.00 18.78 ? 5   PHE A CE1 1 
ATOM   41   C CE2 . PHE A 1 5   ? 1.951   -1.671  -0.293  1.00 18.89 ? 5   PHE A CE2 1 
ATOM   42   C CZ  . PHE A 1 5   ? 1.919   -0.655  0.658   1.00 20.25 ? 5   PHE A CZ  1 
ATOM   43   N N   . GLY A 1 6   ? 5.829   -5.301  2.039   1.00 26.14 ? 6   GLY A N   1 
ATOM   44   C CA  . GLY A 1 6   ? 5.210   -6.266  2.928   1.00 25.18 ? 6   GLY A CA  1 
ATOM   45   C C   . GLY A 1 6   ? 5.825   -6.312  4.317   1.00 26.13 ? 6   GLY A C   1 
ATOM   46   O O   . GLY A 1 6   ? 5.118   -6.518  5.302   1.00 24.47 ? 6   GLY A O   1 
ATOM   47   N N   . LYS A 1 7   ? 7.139   -6.134  4.407   1.00 26.18 ? 7   LYS A N   1 
ATOM   48   C CA  . LYS A 1 7   ? 7.796   -6.148  5.702   1.00 27.47 ? 7   LYS A CA  1 
ATOM   49   C C   . LYS A 1 7   ? 7.360   -4.884  6.445   1.00 28.66 ? 7   LYS A C   1 
ATOM   50   O O   . LYS A 1 7   ? 7.088   -4.913  7.645   1.00 29.94 ? 7   LYS A O   1 
ATOM   51   C CB  . LYS A 1 7   ? 9.319   -6.157  5.544   1.00 29.61 ? 7   LYS A CB  1 
ATOM   52   C CG  . LYS A 1 7   ? 10.032  -6.447  6.855   1.00 34.88 ? 7   LYS A CG  1 
ATOM   53   C CD  . LYS A 1 7   ? 11.341  -5.683  7.021   1.00 38.19 ? 7   LYS A CD  1 
ATOM   54   C CE  . LYS A 1 7   ? 12.461  -6.274  6.193   1.00 40.82 ? 7   LYS A CE  1 
ATOM   55   N NZ  . LYS A 1 7   ? 13.742  -6.247  6.957   1.00 44.74 ? 7   LYS A NZ  1 
ATOM   56   N N   . MET A 1 8   ? 7.282   -3.780  5.709   1.00 27.46 ? 8   MET A N   1 
ATOM   57   C CA  . MET A 1 8   ? 6.873   -2.488  6.255   1.00 26.12 ? 8   MET A CA  1 
ATOM   58   C C   . MET A 1 8   ? 5.477   -2.569  6.883   1.00 25.90 ? 8   MET A C   1 
ATOM   59   O O   . MET A 1 8   ? 5.268   -2.113  8.009   1.00 26.03 ? 8   MET A O   1 
ATOM   60   C CB  . MET A 1 8   ? 6.881   -1.452  5.134   1.00 26.21 ? 8   MET A CB  1 
ATOM   61   C CG  . MET A 1 8   ? 7.167   -0.041  5.569   1.00 27.07 ? 8   MET A CG  1 
ATOM   62   S SD  . MET A 1 8   ? 7.357   1.045   4.135   1.00 25.93 ? 8   MET A SD  1 
ATOM   63   C CE  . MET A 1 8   ? 9.127   1.060   3.955   1.00 24.58 ? 8   MET A CE  1 
ATOM   64   N N   . ILE A 1 9   ? 4.528   -3.159  6.157   1.00 24.89 ? 9   ILE A N   1 
ATOM   65   C CA  . ILE A 1 9   ? 3.157   -3.304  6.642   1.00 24.10 ? 9   ILE A CA  1 
ATOM   66   C C   . ILE A 1 9   ? 3.095   -4.168  7.903   1.00 24.40 ? 9   ILE A C   1 
ATOM   67   O O   . ILE A 1 9   ? 2.451   -3.798  8.887   1.00 23.73 ? 9   ILE A O   1 
ATOM   68   C CB  . ILE A 1 9   ? 2.245   -3.930  5.552   1.00 23.93 ? 9   ILE A CB  1 
ATOM   69   C CG1 . ILE A 1 9   ? 2.143   -2.985  4.354   1.00 24.58 ? 9   ILE A CG1 1 
ATOM   70   C CG2 . ILE A 1 9   ? 0.860   -4.184  6.109   1.00 21.90 ? 9   ILE A CG2 1 
ATOM   71   C CD1 . ILE A 1 9   ? 1.406   -3.567  3.155   1.00 26.79 ? 9   ILE A CD1 1 
ATOM   72   N N   . LEU A 1 10  ? 3.769   -5.316  7.870   1.00 25.10 ? 10  LEU A N   1 
ATOM   73   C CA  . LEU A 1 10  ? 3.796   -6.230  9.010   1.00 23.87 ? 10  LEU A CA  1 
ATOM   74   C C   . LEU A 1 10  ? 4.371   -5.538  10.243  1.00 23.66 ? 10  LEU A C   1 
ATOM   75   O O   . LEU A 1 10  ? 3.820   -5.655  11.336  1.00 25.70 ? 10  LEU A O   1 
ATOM   76   C CB  . LEU A 1 10  ? 4.635   -7.471  8.680   1.00 22.56 ? 10  LEU A CB  1 
ATOM   77   C CG  . LEU A 1 10  ? 4.954   -8.427  9.844   1.00 25.45 ? 10  LEU A CG  1 
ATOM   78   C CD1 . LEU A 1 10  ? 3.690   -9.133  10.344  1.00 22.56 ? 10  LEU A CD1 1 
ATOM   79   C CD2 . LEU A 1 10  ? 5.961   -9.452  9.382   1.00 24.41 ? 10  LEU A CD2 1 
ATOM   80   N N   . GLU A 1 11  ? 5.479   -4.820  10.064  1.00 22.95 ? 11  GLU A N   1 
ATOM   81   C CA  . GLU A 1 11  ? 6.126   -4.111  11.169  1.00 22.12 ? 11  GLU A CA  1 
ATOM   82   C C   . GLU A 1 11  ? 5.209   -3.044  11.738  1.00 23.13 ? 11  GLU A C   1 
ATOM   83   O O   . GLU A 1 11  ? 5.174   -2.812  12.942  1.00 21.73 ? 11  GLU A O   1 
ATOM   84   C CB  . GLU A 1 11  ? 7.395   -3.396  10.708  1.00 22.98 ? 11  GLU A CB  1 
ATOM   85   C CG  . GLU A 1 11  ? 8.381   -4.216  9.917   1.00 25.80 ? 11  GLU A CG  1 
ATOM   86   C CD  . GLU A 1 11  ? 9.683   -3.472  9.705   1.00 26.87 ? 11  GLU A CD  1 
ATOM   87   O OE1 . GLU A 1 11  ? 9.647   -2.247  9.483   1.00 27.19 ? 11  GLU A OE1 1 
ATOM   88   O OE2 . GLU A 1 11  ? 10.750  -4.109  9.758   1.00 31.16 ? 11  GLU A OE2 1 
ATOM   89   N N   . GLU A 1 12  ? 4.472   -2.389  10.851  1.00 23.77 ? 12  GLU A N   1 
ATOM   90   C CA  . GLU A 1 12  ? 3.590   -1.310  11.247  1.00 23.48 ? 12  GLU A CA  1 
ATOM   91   C C   . GLU A 1 12  ? 2.253   -1.734  11.850  1.00 24.70 ? 12  GLU A C   1 
ATOM   92   O O   . GLU A 1 12  ? 1.843   -1.215  12.885  1.00 24.44 ? 12  GLU A O   1 
ATOM   93   C CB  . GLU A 1 12  ? 3.341   -0.398  10.042  1.00 22.30 ? 12  GLU A CB  1 
ATOM   94   C CG  . GLU A 1 12  ? 3.155   1.060   10.400  1.00 24.00 ? 12  GLU A CG  1 
ATOM   95   C CD  . GLU A 1 12  ? 4.437   1.715   10.880  1.00 22.61 ? 12  GLU A CD  1 
ATOM   96   O OE1 . GLU A 1 12  ? 4.362   2.837   11.414  1.00 25.02 ? 12  GLU A OE1 1 
ATOM   97   O OE2 . GLU A 1 12  ? 5.519   1.117   10.718  1.00 24.38 ? 12  GLU A OE2 1 
ATOM   98   N N   . THR A 1 13  ? 1.578   -2.681  11.215  1.00 25.43 ? 13  THR A N   1 
ATOM   99   C CA  . THR A 1 13  ? 0.270   -3.104  11.690  1.00 27.93 ? 13  THR A CA  1 
ATOM   100  C C   . THR A 1 13  ? 0.232   -4.423  12.449  1.00 28.93 ? 13  THR A C   1 
ATOM   101  O O   . THR A 1 13  ? -0.667  -4.656  13.251  1.00 30.19 ? 13  THR A O   1 
ATOM   102  C CB  . THR A 1 13  ? -0.719  -3.217  10.513  1.00 27.82 ? 13  THR A CB  1 
ATOM   103  O OG1 . THR A 1 13  ? -0.328  -4.307  9.669   1.00 30.90 ? 13  THR A OG1 1 
ATOM   104  C CG2 . THR A 1 13  ? -0.719  -1.938  9.690   1.00 27.35 ? 13  THR A CG2 1 
ATOM   105  N N   . GLY A 1 14  ? 1.202   -5.290  12.201  1.00 30.21 ? 14  GLY A N   1 
ATOM   106  C CA  . GLY A 1 14  ? 1.193   -6.577  12.860  1.00 29.72 ? 14  GLY A CA  1 
ATOM   107  C C   . GLY A 1 14  ? 0.505   -7.572  11.944  1.00 32.12 ? 14  GLY A C   1 
ATOM   108  O O   . GLY A 1 14  ? 0.630   -8.782  12.130  1.00 33.84 ? 14  GLY A O   1 
ATOM   109  N N   . LYS A 1 15  ? -0.224  -7.064  10.948  1.00 32.60 ? 16  LYS A N   1 
ATOM   110  C CA  . LYS A 1 15  ? -0.931  -7.913  9.979   1.00 32.30 ? 16  LYS A CA  1 
ATOM   111  C C   . LYS A 1 15  ? -0.047  -8.260  8.775   1.00 31.19 ? 16  LYS A C   1 
ATOM   112  O O   . LYS A 1 15  ? 0.824   -7.485  8.387   1.00 30.08 ? 16  LYS A O   1 
ATOM   113  C CB  . LYS A 1 15  ? -2.190  -7.209  9.463   1.00 31.67 ? 16  LYS A CB  1 
ATOM   114  C CG  . LYS A 1 15  ? -3.297  -7.021  10.483  1.00 34.32 ? 16  LYS A CG  1 
ATOM   115  C CD  . LYS A 1 15  ? -4.457  -6.239  9.870   1.00 37.67 ? 16  LYS A CD  1 
ATOM   116  C CE  . LYS A 1 15  ? -5.634  -6.126  10.821  1.00 40.20 ? 16  LYS A CE  1 
ATOM   117  N NZ  . LYS A 1 15  ? -6.163  -7.470  11.201  1.00 45.01 ? 16  LYS A NZ  1 
ATOM   118  N N   . LEU A 1 16  ? -0.278  -9.427  8.187   1.00 31.52 ? 17  LEU A N   1 
ATOM   119  C CA  . LEU A 1 16  ? 0.491   -9.852  7.018   1.00 31.89 ? 17  LEU A CA  1 
ATOM   120  C C   . LEU A 1 16  ? -0.121  -9.235  5.763   1.00 31.24 ? 17  LEU A C   1 
ATOM   121  O O   . LEU A 1 16  ? -1.338  -9.303  5.568   1.00 31.28 ? 17  LEU A O   1 
ATOM   122  C CB  . LEU A 1 16  ? 0.480   -11.381 6.909   1.00 33.03 ? 17  LEU A CB  1 
ATOM   123  C CG  . LEU A 1 16  ? 1.334   -12.163 7.920   1.00 34.43 ? 17  LEU A CG  1 
ATOM   124  C CD1 . LEU A 1 16  ? 0.745   -13.555 8.120   1.00 32.86 ? 17  LEU A CD1 1 
ATOM   125  C CD2 . LEU A 1 16  ? 2.782   -12.241 7.432   1.00 32.47 ? 17  LEU A CD2 1 
ATOM   126  N N   . ALA A 1 17  ? 0.718   -8.628  4.923   1.00 29.59 ? 18  ALA A N   1 
ATOM   127  C CA  . ALA A 1 17  ? 0.259   -7.985  3.690   1.00 29.24 ? 18  ALA A CA  1 
ATOM   128  C C   . ALA A 1 17  ? -0.689  -8.888  2.902   1.00 29.97 ? 18  ALA A C   1 
ATOM   129  O O   . ALA A 1 17  ? -1.750  -8.451  2.459   1.00 29.15 ? 18  ALA A O   1 
ATOM   130  C CB  . ALA A 1 17  ? 1.449   -7.594  2.839   1.00 30.11 ? 18  ALA A CB  1 
ATOM   131  N N   . ILE A 1 18  ? -0.283  -10.137 2.705   1.00 30.78 ? 19  ILE A N   1 
ATOM   132  C CA  . ILE A 1 18  ? -1.117  -11.129 2.038   1.00 33.67 ? 19  ILE A CA  1 
ATOM   133  C C   . ILE A 1 18  ? -1.522  -11.982 3.232   1.00 35.36 ? 19  ILE A C   1 
ATOM   134  O O   . ILE A 1 18  ? -0.658  -12.486 3.945   1.00 37.70 ? 19  ILE A O   1 
ATOM   135  C CB  . ILE A 1 18  ? -0.308  -12.027 1.075   1.00 34.50 ? 19  ILE A CB  1 
ATOM   136  C CG1 . ILE A 1 18  ? 0.399   -11.181 0.021   1.00 33.27 ? 19  ILE A CG1 1 
ATOM   137  C CG2 . ILE A 1 18  ? -1.235  -13.040 0.406   1.00 33.21 ? 19  ILE A CG2 1 
ATOM   138  C CD1 . ILE A 1 18  ? 1.313   -11.990 -0.872  1.00 33.06 ? 19  ILE A CD1 1 
ATOM   139  N N   . PRO A 1 19  ? -2.826  -12.207 3.452   1.00 35.40 ? 20  PRO A N   1 
ATOM   140  C CA  . PRO A 1 19  ? -4.025  -11.771 2.741   1.00 35.34 ? 20  PRO A CA  1 
ATOM   141  C C   . PRO A 1 19  ? -4.805  -10.607 3.355   1.00 34.79 ? 20  PRO A C   1 
ATOM   142  O O   . PRO A 1 19  ? -5.946  -10.356 2.955   1.00 36.02 ? 20  PRO A O   1 
ATOM   143  C CB  . PRO A 1 19  ? -4.862  -13.030 2.761   1.00 37.95 ? 20  PRO A CB  1 
ATOM   144  C CG  . PRO A 1 19  ? -4.667  -13.456 4.206   1.00 38.27 ? 20  PRO A CG  1 
ATOM   145  C CD  . PRO A 1 19  ? -3.172  -13.222 4.460   1.00 36.11 ? 20  PRO A CD  1 
ATOM   146  N N   . SER A 1 20  ? -4.231  -9.908  4.327   1.00 32.89 ? 21  SER A N   1 
ATOM   147  C CA  . SER A 1 20  ? -4.948  -8.793  4.946   1.00 31.03 ? 21  SER A CA  1 
ATOM   148  C C   . SER A 1 20  ? -5.144  -7.595  4.020   1.00 30.21 ? 21  SER A C   1 
ATOM   149  O O   . SER A 1 20  ? -6.192  -6.953  4.045   1.00 28.96 ? 21  SER A O   1 
ATOM   150  C CB  . SER A 1 20  ? -4.228  -8.333  6.216   1.00 32.42 ? 21  SER A CB  1 
ATOM   151  O OG  . SER A 1 20  ? -4.314  -9.312  7.235   1.00 34.33 ? 21  SER A OG  1 
ATOM   152  N N   . TYR A 1 21  ? -4.139  -7.302  3.198   1.00 30.61 ? 22  TYR A N   1 
ATOM   153  C CA  . TYR A 1 21  ? -4.203  -6.159  2.285   1.00 29.82 ? 22  TYR A CA  1 
ATOM   154  C C   . TYR A 1 21  ? -4.053  -6.505  0.801   1.00 29.77 ? 22  TYR A C   1 
ATOM   155  O O   . TYR A 1 21  ? -4.042  -5.613  -0.050  1.00 32.48 ? 22  TYR A O   1 
ATOM   156  C CB  . TYR A 1 21  ? -3.127  -5.137  2.669   1.00 27.49 ? 22  TYR A CB  1 
ATOM   157  C CG  . TYR A 1 21  ? -3.293  -4.572  4.060   1.00 25.65 ? 22  TYR A CG  1 
ATOM   158  C CD1 . TYR A 1 21  ? -4.275  -3.626  4.338   1.00 22.74 ? 22  TYR A CD1 1 
ATOM   159  C CD2 . TYR A 1 21  ? -2.470  -4.994  5.102   1.00 24.48 ? 22  TYR A CD2 1 
ATOM   160  C CE1 . TYR A 1 21  ? -4.434  -3.113  5.617   1.00 22.16 ? 22  TYR A CE1 1 
ATOM   161  C CE2 . TYR A 1 21  ? -2.622  -4.489  6.387   1.00 24.92 ? 22  TYR A CE2 1 
ATOM   162  C CZ  . TYR A 1 21  ? -3.605  -3.548  6.636   1.00 23.35 ? 22  TYR A CZ  1 
ATOM   163  O OH  . TYR A 1 21  ? -3.740  -3.040  7.903   1.00 20.90 ? 22  TYR A OH  1 
ATOM   164  N N   . SER A 1 22  ? -3.936  -7.787  0.482   1.00 28.71 ? 23  SER A N   1 
ATOM   165  C CA  . SER A 1 22  ? -3.782  -8.195  -0.911  1.00 27.26 ? 23  SER A CA  1 
ATOM   166  C C   . SER A 1 22  ? -5.106  -8.202  -1.685  1.00 26.33 ? 23  SER A C   1 
ATOM   167  O O   . SER A 1 22  ? -5.108  -8.175  -2.911  1.00 26.05 ? 23  SER A O   1 
ATOM   168  C CB  . SER A 1 22  ? -3.122  -9.578  -0.976  1.00 26.40 ? 23  SER A CB  1 
ATOM   169  O OG  . SER A 1 22  ? -3.731  -10.476 -0.055  1.00 28.85 ? 23  SER A OG  1 
ATOM   170  N N   . SER A 1 23  ? -6.228  -8.231  -0.972  1.00 26.12 ? 24  SER A N   1 
ATOM   171  C CA  . SER A 1 23  ? -7.542  -8.245  -1.621  1.00 26.87 ? 24  SER A CA  1 
ATOM   172  C C   . SER A 1 23  ? -8.594  -7.532  -0.777  1.00 26.70 ? 24  SER A C   1 
ATOM   173  O O   . SER A 1 23  ? -9.721  -8.010  -0.629  1.00 27.25 ? 24  SER A O   1 
ATOM   174  C CB  . SER A 1 23  ? -7.992  -9.683  -1.864  1.00 27.63 ? 24  SER A CB  1 
ATOM   175  O OG  . SER A 1 23  ? -8.063  -10.389 -0.636  1.00 29.85 ? 24  SER A OG  1 
ATOM   176  N N   . TYR A 1 24  ? -8.219  -6.381  -0.237  1.00 25.83 ? 25  TYR A N   1 
ATOM   177  C CA  . TYR A 1 24  ? -9.109  -5.590  0.600   1.00 24.74 ? 25  TYR A CA  1 
ATOM   178  C C   . TYR A 1 24  ? -9.793  -4.478  -0.208  1.00 25.22 ? 25  TYR A C   1 
ATOM   179  O O   . TYR A 1 24  ? -9.166  -3.823  -1.043  1.00 26.23 ? 25  TYR A O   1 
ATOM   180  C CB  . TYR A 1 24  ? -8.295  -5.000  1.759   1.00 23.25 ? 25  TYR A CB  1 
ATOM   181  C CG  . TYR A 1 24  ? -9.108  -4.339  2.845   1.00 22.72 ? 25  TYR A CG  1 
ATOM   182  C CD1 . TYR A 1 24  ? -9.694  -3.092  2.643   1.00 22.30 ? 25  TYR A CD1 1 
ATOM   183  C CD2 . TYR A 1 24  ? -9.286  -4.961  4.082   1.00 22.93 ? 25  TYR A CD2 1 
ATOM   184  C CE1 . TYR A 1 24  ? -10.440 -2.478  3.650   1.00 23.77 ? 25  TYR A CE1 1 
ATOM   185  C CE2 . TYR A 1 24  ? -10.030 -4.359  5.096   1.00 21.73 ? 25  TYR A CE2 1 
ATOM   186  C CZ  . TYR A 1 24  ? -10.605 -3.117  4.871   1.00 21.96 ? 25  TYR A CZ  1 
ATOM   187  O OH  . TYR A 1 24  ? -11.354 -2.516  5.853   1.00 20.56 ? 25  TYR A OH  1 
ATOM   188  N N   . GLY A 1 25  ? -11.085 -4.288  0.031   1.00 23.29 ? 26  GLY A N   1 
ATOM   189  C CA  . GLY A 1 25  ? -11.827 -3.248  -0.657  1.00 23.83 ? 26  GLY A CA  1 
ATOM   190  C C   . GLY A 1 25  ? -11.715 -3.241  -2.169  1.00 26.60 ? 26  GLY A C   1 
ATOM   191  O O   . GLY A 1 25  ? -11.629 -4.294  -2.804  1.00 28.14 ? 26  GLY A O   1 
ATOM   192  N N   . CYS A 1 26  ? -11.711 -2.041  -2.746  1.00 26.82 ? 27  CYS A N   1 
ATOM   193  C CA  . CYS A 1 26  ? -11.634 -1.876  -4.190  1.00 25.41 ? 27  CYS A CA  1 
ATOM   194  C C   . CYS A 1 26  ? -10.265 -1.523  -4.745  1.00 25.62 ? 27  CYS A C   1 
ATOM   195  O O   . CYS A 1 26  ? -10.057 -1.614  -5.954  1.00 25.29 ? 27  CYS A O   1 
ATOM   196  C CB  . CYS A 1 26  ? -12.639 -0.817  -4.646  1.00 26.57 ? 27  CYS A CB  1 
ATOM   197  S SG  . CYS A 1 26  ? -14.373 -1.335  -4.446  1.00 25.92 ? 27  CYS A SG  1 
ATOM   198  N N   . TYR A 1 27  ? -9.333  -1.131  -3.878  1.00 26.19 ? 28  TYR A N   1 
ATOM   199  C CA  . TYR A 1 27  ? -8.001  -0.744  -4.334  1.00 24.55 ? 28  TYR A CA  1 
ATOM   200  C C   . TYR A 1 27  ? -6.818  -1.456  -3.711  1.00 26.18 ? 28  TYR A C   1 
ATOM   201  O O   . TYR A 1 27  ? -5.711  -1.375  -4.233  1.00 30.00 ? 28  TYR A O   1 
ATOM   202  C CB  . TYR A 1 27  ? -7.811  0.761   -4.170  1.00 21.70 ? 28  TYR A CB  1 
ATOM   203  C CG  . TYR A 1 27  ? -8.640  1.538   -5.143  1.00 21.45 ? 28  TYR A CG  1 
ATOM   204  C CD1 . TYR A 1 27  ? -9.942  1.931   -4.831  1.00 20.34 ? 28  TYR A CD1 1 
ATOM   205  C CD2 . TYR A 1 27  ? -8.147  1.826   -6.415  1.00 22.06 ? 28  TYR A CD2 1 
ATOM   206  C CE1 . TYR A 1 27  ? -10.735 2.592   -5.770  1.00 20.47 ? 28  TYR A CE1 1 
ATOM   207  C CE2 . TYR A 1 27  ? -8.931  2.481   -7.357  1.00 23.05 ? 28  TYR A CE2 1 
ATOM   208  C CZ  . TYR A 1 27  ? -10.219 2.861   -7.030  1.00 20.43 ? 28  TYR A CZ  1 
ATOM   209  O OH  . TYR A 1 27  ? -10.972 3.514   -7.971  1.00 22.12 ? 28  TYR A OH  1 
ATOM   210  N N   . CYS A 1 28  ? -7.029  -2.138  -2.595  1.00 26.76 ? 29  CYS A N   1 
ATOM   211  C CA  . CYS A 1 28  ? -5.934  -2.851  -1.962  1.00 29.61 ? 29  CYS A CA  1 
ATOM   212  C C   . CYS A 1 28  ? -5.700  -4.153  -2.702  1.00 33.71 ? 29  CYS A C   1 
ATOM   213  O O   . CYS A 1 28  ? -6.515  -5.072  -2.651  1.00 35.01 ? 29  CYS A O   1 
ATOM   214  C CB  . CYS A 1 28  ? -6.256  -3.153  -0.503  1.00 26.48 ? 29  CYS A CB  1 
ATOM   215  S SG  . CYS A 1 28  ? -6.534  -1.675  0.515   1.00 23.77 ? 29  CYS A SG  1 
ATOM   216  N N   . GLY A 1 29  ? -4.581  -4.226  -3.400  1.00 38.13 ? 30  GLY A N   1 
ATOM   217  C CA  . GLY A 1 29  ? -4.267  -5.431  -4.131  1.00 46.30 ? 30  GLY A CA  1 
ATOM   218  C C   . GLY A 1 29  ? -4.303  -5.184  -5.611  1.00 50.97 ? 30  GLY A C   1 
ATOM   219  O O   . GLY A 1 29  ? -3.787  -4.185  -6.118  1.00 52.20 ? 30  GLY A O   1 
ATOM   220  N N   . TRP A 1 30  ? -4.936  -6.119  -6.296  1.00 55.88 ? 31  TRP A N   1 
ATOM   221  C CA  . TRP A 1 30  ? -5.080  -6.068  -7.730  1.00 61.07 ? 31  TRP A CA  1 
ATOM   222  C C   . TRP A 1 30  ? -6.096  -4.993  -8.101  1.00 60.32 ? 31  TRP A C   1 
ATOM   223  O O   . TRP A 1 30  ? -6.939  -4.604  -7.286  1.00 60.72 ? 31  TRP A O   1 
ATOM   224  C CB  . TRP A 1 30  ? -5.565  -7.430  -8.220  1.00 65.87 ? 31  TRP A CB  1 
ATOM   225  C CG  . TRP A 1 30  ? -5.412  -7.635  -9.671  1.00 72.99 ? 31  TRP A CG  1 
ATOM   226  C CD1 . TRP A 1 30  ? -4.276  -8.008  -10.331 1.00 75.06 ? 31  TRP A CD1 1 
ATOM   227  C CD2 . TRP A 1 30  ? -6.421  -7.456  -10.667 1.00 75.69 ? 31  TRP A CD2 1 
ATOM   228  N NE1 . TRP A 1 30  ? -4.519  -8.084  -11.682 1.00 77.32 ? 31  TRP A NE1 1 
ATOM   229  C CE2 . TRP A 1 30  ? -5.831  -7.760  -11.916 1.00 77.46 ? 31  TRP A CE2 1 
ATOM   230  C CE3 . TRP A 1 30  ? -7.776  -7.095  -10.624 1.00 76.50 ? 31  TRP A CE3 1 
ATOM   231  C CZ2 . TRP A 1 30  ? -6.541  -7.682  -13.120 1.00 77.79 ? 31  TRP A CZ2 1 
ATOM   232  C CZ3 . TRP A 1 30  ? -8.483  -7.020  -11.822 1.00 77.99 ? 31  TRP A CZ3 1 
ATOM   233  C CH2 . TRP A 1 30  ? -7.864  -7.324  -13.052 1.00 78.54 ? 31  TRP A CH2 1 
ATOM   234  N N   . GLY A 1 31  ? -5.985  -4.509  -9.332  1.00 58.89 ? 32  GLY A N   1 
ATOM   235  C CA  . GLY A 1 31  ? -6.906  -3.517  -9.851  1.00 57.38 ? 32  GLY A CA  1 
ATOM   236  C C   . GLY A 1 31  ? -7.107  -2.190  -9.150  1.00 55.30 ? 32  GLY A C   1 
ATOM   237  O O   . GLY A 1 31  ? -6.569  -1.911  -8.074  1.00 54.62 ? 32  GLY A O   1 
ATOM   238  N N   . GLY A 1 32  ? -7.911  -1.364  -9.806  1.00 53.68 ? 33  GLY A N   1 
ATOM   239  C CA  . GLY A 1 32  ? -8.231  -0.049  -9.299  1.00 52.36 ? 33  GLY A CA  1 
ATOM   240  C C   . GLY A 1 32  ? -9.458  0.483   -10.006 1.00 50.80 ? 33  GLY A C   1 
ATOM   241  O O   . GLY A 1 32  ? -9.371  0.974   -11.132 1.00 51.44 ? 33  GLY A O   1 
ATOM   242  N N   . LYS A 1 33  ? -10.607 0.380   -9.345  1.00 48.94 ? 34  LYS A N   1 
ATOM   243  C CA  . LYS A 1 33  ? -11.868 0.853   -9.907  1.00 47.26 ? 34  LYS A CA  1 
ATOM   244  C C   . LYS A 1 33  ? -12.856 1.104   -8.781  1.00 43.74 ? 34  LYS A C   1 
ATOM   245  O O   . LYS A 1 33  ? -12.813 0.439   -7.749  1.00 42.42 ? 34  LYS A O   1 
ATOM   246  C CB  . LYS A 1 33  ? -12.458 -0.198  -10.851 1.00 50.21 ? 34  LYS A CB  1 
ATOM   247  C CG  . LYS A 1 33  ? -12.689 0.260   -12.279 1.00 52.97 ? 34  LYS A CG  1 
ATOM   248  C CD  . LYS A 1 33  ? -13.178 -0.914  -13.114 1.00 57.12 ? 34  LYS A CD  1 
ATOM   249  C CE  . LYS A 1 33  ? -12.465 -0.996  -14.460 1.00 59.64 ? 34  LYS A CE  1 
ATOM   250  N NZ  . LYS A 1 33  ? -12.736 -2.296  -15.147 1.00 60.79 ? 34  LYS A NZ  1 
ATOM   251  N N   . GLY A 1 34  ? -13.741 2.071   -8.982  1.00 40.86 ? 35  GLY A N   1 
ATOM   252  C CA  . GLY A 1 34  ? -14.743 2.354   -7.979  1.00 38.24 ? 35  GLY A CA  1 
ATOM   253  C C   . GLY A 1 34  ? -14.393 3.359   -6.902  1.00 37.17 ? 35  GLY A C   1 
ATOM   254  O O   . GLY A 1 34  ? -13.421 4.107   -6.994  1.00 36.69 ? 35  GLY A O   1 
ATOM   255  N N   . THR A 1 35  ? -15.220 3.350   -5.866  1.00 35.32 ? 36  THR A N   1 
ATOM   256  C CA  . THR A 1 35  ? -15.106 4.239   -4.729  1.00 33.77 ? 36  THR A CA  1 
ATOM   257  C C   . THR A 1 35  ? -14.503 3.498   -3.544  1.00 32.72 ? 36  THR A C   1 
ATOM   258  O O   . THR A 1 35  ? -15.018 2.457   -3.145  1.00 31.51 ? 36  THR A O   1 
ATOM   259  C CB  . THR A 1 35  ? -16.508 4.752   -4.330  1.00 34.33 ? 36  THR A CB  1 
ATOM   260  O OG1 . THR A 1 35  ? -17.083 5.461   -5.432  1.00 36.31 ? 36  THR A OG1 1 
ATOM   261  C CG2 . THR A 1 35  ? -16.430 5.664   -3.114  1.00 34.26 ? 36  THR A CG2 1 
ATOM   262  N N   . PRO A 1 36  ? -13.403 4.021   -2.968  1.00 32.71 ? 37  PRO A N   1 
ATOM   263  C CA  . PRO A 1 36  ? -12.791 3.346   -1.820  1.00 31.47 ? 37  PRO A CA  1 
ATOM   264  C C   . PRO A 1 36  ? -13.871 3.098   -0.773  1.00 30.76 ? 37  PRO A C   1 
ATOM   265  O O   . PRO A 1 36  ? -14.626 4.008   -0.427  1.00 31.63 ? 37  PRO A O   1 
ATOM   266  C CB  . PRO A 1 36  ? -11.738 4.347   -1.358  1.00 32.07 ? 37  PRO A CB  1 
ATOM   267  C CG  . PRO A 1 36  ? -11.308 4.977   -2.647  1.00 31.88 ? 37  PRO A CG  1 
ATOM   268  C CD  . PRO A 1 36  ? -12.632 5.223   -3.336  1.00 31.89 ? 37  PRO A CD  1 
ATOM   269  N N   . LYS A 1 37  ? -13.947 1.864   -0.290  1.00 29.40 ? 38  LYS A N   1 
ATOM   270  C CA  . LYS A 1 37  ? -14.951 1.470   0.690   1.00 28.59 ? 38  LYS A CA  1 
ATOM   271  C C   . LYS A 1 37  ? -14.777 2.114   2.058   1.00 28.25 ? 38  LYS A C   1 
ATOM   272  O O   . LYS A 1 37  ? -15.755 2.369   2.756   1.00 29.15 ? 38  LYS A O   1 
ATOM   273  C CB  . LYS A 1 37  ? -14.957 -0.055  0.844   1.00 29.43 ? 38  LYS A CB  1 
ATOM   274  C CG  . LYS A 1 37  ? -15.032 -0.810  -0.481  1.00 31.14 ? 38  LYS A CG  1 
ATOM   275  C CD  . LYS A 1 37  ? -16.154 -0.284  -1.373  1.00 32.09 ? 38  LYS A CD  1 
ATOM   276  C CE  . LYS A 1 37  ? -17.498 -0.342  -0.669  1.00 33.12 ? 38  LYS A CE  1 
ATOM   277  N NZ  . LYS A 1 37  ? -18.590 0.214   -1.515  1.00 37.48 ? 38  LYS A NZ  1 
ATOM   278  N N   . ASP A 1 38  ? -13.535 2.381   2.445   1.00 27.33 ? 39  ASP A N   1 
ATOM   279  C CA  . ASP A 1 38  ? -13.280 2.982   3.742   1.00 25.90 ? 39  ASP A CA  1 
ATOM   280  C C   . ASP A 1 38  ? -11.885 3.608   3.817   1.00 26.80 ? 39  ASP A C   1 
ATOM   281  O O   . ASP A 1 38  ? -11.170 3.673   2.813   1.00 26.75 ? 39  ASP A O   1 
ATOM   282  C CB  . ASP A 1 38  ? -13.448 1.921   4.830   1.00 24.68 ? 39  ASP A CB  1 
ATOM   283  C CG  . ASP A 1 38  ? -12.382 0.855   4.768   1.00 25.54 ? 39  ASP A CG  1 
ATOM   284  O OD1 . ASP A 1 38  ? -11.779 0.685   3.694   1.00 27.58 ? 39  ASP A OD1 1 
ATOM   285  O OD2 . ASP A 1 38  ? -12.149 0.179   5.787   1.00 25.03 ? 39  ASP A OD2 1 
ATOM   286  N N   . ALA A 1 39  ? -11.505 4.066   5.011   1.00 24.71 ? 40  ALA A N   1 
ATOM   287  C CA  . ALA A 1 39  ? -10.208 4.702   5.214   1.00 22.49 ? 40  ALA A CA  1 
ATOM   288  C C   . ALA A 1 39  ? -9.044  3.845   4.731   1.00 21.52 ? 40  ALA A C   1 
ATOM   289  O O   . ALA A 1 39  ? -8.163  4.340   4.029   1.00 21.03 ? 40  ALA A O   1 
ATOM   290  C CB  . ALA A 1 39  ? -10.021 5.060   6.684   1.00 20.54 ? 40  ALA A CB  1 
ATOM   291  N N   . THR A 1 40  ? -9.032  2.564   5.103   1.00 20.90 ? 41  THR A N   1 
ATOM   292  C CA  . THR A 1 40  ? -7.956  1.667   4.678   1.00 21.18 ? 41  THR A CA  1 
ATOM   293  C C   . THR A 1 40  ? -7.930  1.528   3.150   1.00 21.15 ? 41  THR A C   1 
ATOM   294  O O   . THR A 1 40  ? -6.866  1.471   2.539   1.00 19.82 ? 41  THR A O   1 
ATOM   295  C CB  . THR A 1 40  ? -8.108  0.274   5.327   1.00 21.50 ? 41  THR A CB  1 
ATOM   296  O OG1 . THR A 1 40  ? -8.007  0.411   6.745   1.00 22.77 ? 41  THR A OG1 1 
ATOM   297  C CG2 . THR A 1 40  ? -7.007  -0.672  4.861   1.00 20.93 ? 41  THR A CG2 1 
ATOM   298  N N   . ASP A 1 41  ? -9.109  1.492   2.538   1.00 21.71 ? 42  ASP A N   1 
ATOM   299  C CA  . ASP A 1 41  ? -9.208  1.378   1.092   1.00 20.55 ? 42  ASP A CA  1 
ATOM   300  C C   . ASP A 1 41  ? -8.687  2.678   0.486   1.00 20.10 ? 42  ASP A C   1 
ATOM   301  O O   . ASP A 1 41  ? -8.077  2.663   -0.582  1.00 20.47 ? 42  ASP A O   1 
ATOM   302  C CB  . ASP A 1 41  ? -10.666 1.123   0.682   1.00 18.54 ? 42  ASP A CB  1 
ATOM   303  C CG  . ASP A 1 41  ? -10.787 0.416   -0.662  1.00 20.62 ? 42  ASP A CG  1 
ATOM   304  O OD1 . ASP A 1 41  ? -9.772  -0.131  -1.154  1.00 19.23 ? 42  ASP A OD1 1 
ATOM   305  O OD2 . ASP A 1 41  ? -11.907 0.390   -1.221  1.00 20.46 ? 42  ASP A OD2 1 
ATOM   306  N N   . ARG A 1 42  ? -8.915  3.800   1.167   1.00 20.76 ? 43  ARG A N   1 
ATOM   307  C CA  . ARG A 1 42  ? -8.425  5.088   0.667   1.00 21.86 ? 43  ARG A CA  1 
ATOM   308  C C   . ARG A 1 42  ? -6.903  5.095   0.697   1.00 19.51 ? 43  ARG A C   1 
ATOM   309  O O   . ARG A 1 42  ? -6.261  5.615   -0.210  1.00 21.31 ? 43  ARG A O   1 
ATOM   310  C CB  . ARG A 1 42  ? -8.959  6.264   1.494   1.00 25.04 ? 43  ARG A CB  1 
ATOM   311  C CG  . ARG A 1 42  ? -10.297 6.812   1.003   1.00 30.58 ? 43  ARG A CG  1 
ATOM   312  C CD  . ARG A 1 42  ? -10.667 8.110   1.717   1.00 35.22 ? 43  ARG A CD  1 
ATOM   313  N NE  . ARG A 1 42  ? -10.995 7.898   3.130   1.00 37.78 ? 43  ARG A NE  1 
ATOM   314  C CZ  . ARG A 1 42  ? -12.176 7.464   3.566   1.00 37.81 ? 43  ARG A CZ  1 
ATOM   315  N NH1 . ARG A 1 42  ? -13.148 7.199   2.704   1.00 37.06 ? 43  ARG A NH1 1 
ATOM   316  N NH2 . ARG A 1 42  ? -12.382 7.294   4.864   1.00 36.45 ? 43  ARG A NH2 1 
ATOM   317  N N   . CYS A 1 43  ? -6.326  4.510   1.739   1.00 16.51 ? 44  CYS A N   1 
ATOM   318  C CA  . CYS A 1 43  ? -4.879  4.429   1.835   1.00 16.03 ? 44  CYS A CA  1 
ATOM   319  C C   . CYS A 1 43  ? -4.328  3.751   0.568   1.00 16.48 ? 44  CYS A C   1 
ATOM   320  O O   . CYS A 1 43  ? -3.361  4.226   -0.029  1.00 16.95 ? 44  CYS A O   1 
ATOM   321  C CB  . CYS A 1 43  ? -4.464  3.602   3.052   1.00 14.31 ? 44  CYS A CB  1 
ATOM   322  S SG  . CYS A 1 43  ? -4.834  4.285   4.696   1.00 17.91 ? 44  CYS A SG  1 
ATOM   323  N N   . CYS A 1 44  ? -4.941  2.639   0.171   1.00 16.01 ? 45  CYS A N   1 
ATOM   324  C CA  . CYS A 1 44  ? -4.503  1.908   -1.014  1.00 18.04 ? 45  CYS A CA  1 
ATOM   325  C C   . CYS A 1 44  ? -4.723  2.725   -2.278  1.00 19.63 ? 45  CYS A C   1 
ATOM   326  O O   . CYS A 1 44  ? -3.881  2.721   -3.181  1.00 20.28 ? 45  CYS A O   1 
ATOM   327  C CB  . CYS A 1 44  ? -5.234  0.558   -1.133  1.00 18.83 ? 45  CYS A CB  1 
ATOM   328  S SG  . CYS A 1 44  ? -4.845  -0.589  0.224   1.00 20.99 ? 45  CYS A SG  1 
ATOM   329  N N   . PHE A 1 45  ? -5.848  3.431   -2.342  1.00 19.49 ? 46  PHE A N   1 
ATOM   330  C CA  . PHE A 1 45  ? -6.141  4.251   -3.507  1.00 19.89 ? 46  PHE A CA  1 
ATOM   331  C C   . PHE A 1 45  ? -5.072  5.320   -3.678  1.00 20.11 ? 46  PHE A C   1 
ATOM   332  O O   . PHE A 1 45  ? -4.610  5.576   -4.789  1.00 21.13 ? 46  PHE A O   1 
ATOM   333  C CB  . PHE A 1 45  ? -7.499  4.930   -3.359  1.00 22.89 ? 46  PHE A CB  1 
ATOM   334  C CG  . PHE A 1 45  ? -7.795  5.923   -4.443  1.00 24.86 ? 46  PHE A CG  1 
ATOM   335  C CD1 . PHE A 1 45  ? -8.169  5.498   -5.713  1.00 25.21 ? 46  PHE A CD1 1 
ATOM   336  C CD2 . PHE A 1 45  ? -7.666  7.287   -4.201  1.00 26.09 ? 46  PHE A CD2 1 
ATOM   337  C CE1 . PHE A 1 45  ? -8.416  6.422   -6.731  1.00 26.61 ? 46  PHE A CE1 1 
ATOM   338  C CE2 . PHE A 1 45  ? -7.910  8.220   -5.211  1.00 29.04 ? 46  PHE A CE2 1 
ATOM   339  C CZ  . PHE A 1 45  ? -8.285  7.787   -6.479  1.00 26.84 ? 46  PHE A CZ  1 
ATOM   340  N N   . VAL A 1 46  ? -4.691  5.952   -2.571  1.00 19.20 ? 47  VAL A N   1 
ATOM   341  C CA  . VAL A 1 46  ? -3.681  6.999   -2.609  1.00 18.45 ? 47  VAL A CA  1 
ATOM   342  C C   . VAL A 1 46  ? -2.344  6.381   -2.986  1.00 19.75 ? 47  VAL A C   1 
ATOM   343  O O   . VAL A 1 46  ? -1.584  6.963   -3.762  1.00 20.40 ? 47  VAL A O   1 
ATOM   344  C CB  . VAL A 1 46  ? -3.566  7.724   -1.241  1.00 17.41 ? 47  VAL A CB  1 
ATOM   345  C CG1 . VAL A 1 46  ? -2.381  8.661   -1.237  1.00 14.46 ? 47  VAL A CG1 1 
ATOM   346  C CG2 . VAL A 1 46  ? -4.836  8.514   -0.968  1.00 18.01 ? 47  VAL A CG2 1 
ATOM   347  N N   . HIS A 1 47  ? -2.071  5.194   -2.443  1.00 19.80 ? 48  HIS A N   1 
ATOM   348  C CA  . HIS A 1 47  ? -0.831  4.473   -2.729  1.00 17.78 ? 48  HIS A CA  1 
ATOM   349  C C   . HIS A 1 47  ? -0.780  4.191   -4.231  1.00 17.48 ? 48  HIS A C   1 
ATOM   350  O O   . HIS A 1 47  ? 0.226   4.452   -4.882  1.00 17.86 ? 48  HIS A O   1 
ATOM   351  C CB  . HIS A 1 47  ? -0.789  3.165   -1.929  1.00 15.13 ? 48  HIS A CB  1 
ATOM   352  C CG  . HIS A 1 47  ? 0.510   2.432   -2.031  1.00 14.54 ? 48  HIS A CG  1 
ATOM   353  N ND1 . HIS A 1 47  ? 0.630   1.205   -2.656  1.00 15.14 ? 48  HIS A ND1 1 
ATOM   354  C CD2 . HIS A 1 47  ? 1.748   2.733   -1.571  1.00 12.82 ? 48  HIS A CD2 1 
ATOM   355  C CE1 . HIS A 1 47  ? 1.876   0.787   -2.575  1.00 12.56 ? 48  HIS A CE1 1 
ATOM   356  N NE2 . HIS A 1 47  ? 2.579   1.697   -1.919  1.00 13.45 ? 48  HIS A NE2 1 
ATOM   357  N N   . ASP A 1 48  ? -1.871  3.666   -4.779  1.00 16.91 ? 49  ASP A N   1 
ATOM   358  C CA  . ASP A 1 48  ? -1.932  3.395   -6.204  1.00 18.82 ? 49  ASP A CA  1 
ATOM   359  C C   . ASP A 1 48  ? -1.598  4.705   -6.933  1.00 21.19 ? 49  ASP A C   1 
ATOM   360  O O   . ASP A 1 48  ? -0.744  4.735   -7.828  1.00 20.57 ? 49  ASP A O   1 
ATOM   361  C CB  . ASP A 1 48  ? -3.332  2.907   -6.590  1.00 22.31 ? 49  ASP A CB  1 
ATOM   362  C CG  . ASP A 1 48  ? -3.511  1.398   -6.412  1.00 26.71 ? 49  ASP A CG  1 
ATOM   363  O OD1 . ASP A 1 48  ? -2.711  0.767   -5.690  1.00 31.95 ? 49  ASP A OD1 1 
ATOM   364  O OD2 . ASP A 1 48  ? -4.469  0.837   -6.987  1.00 27.73 ? 49  ASP A OD2 1 
ATOM   365  N N   . CYS A 1 49  ? -2.259  5.792   -6.536  1.00 19.83 ? 50  CYS A N   1 
ATOM   366  C CA  . CYS A 1 49  ? -2.011  7.099   -7.148  1.00 20.33 ? 50  CYS A CA  1 
ATOM   367  C C   . CYS A 1 49  ? -0.547  7.503   -7.038  1.00 19.21 ? 50  CYS A C   1 
ATOM   368  O O   . CYS A 1 49  ? 0.025   8.081   -7.963  1.00 19.45 ? 50  CYS A O   1 
ATOM   369  C CB  . CYS A 1 49  ? -2.858  8.178   -6.483  1.00 21.45 ? 50  CYS A CB  1 
ATOM   370  S SG  . CYS A 1 49  ? -4.622  8.077   -6.871  1.00 25.32 ? 50  CYS A SG  1 
ATOM   371  N N   . CYS A 1 50  ? 0.054   7.201   -5.898  1.00 16.18 ? 51  CYS A N   1 
ATOM   372  C CA  . CYS A 1 50  ? 1.446   7.537   -5.680  1.00 17.06 ? 51  CYS A CA  1 
ATOM   373  C C   . CYS A 1 50  ? 2.323   6.836   -6.712  1.00 17.76 ? 51  CYS A C   1 
ATOM   374  O O   . CYS A 1 50  ? 3.205   7.455   -7.299  1.00 19.77 ? 51  CYS A O   1 
ATOM   375  C CB  . CYS A 1 50  ? 1.850   7.134   -4.275  1.00 15.86 ? 51  CYS A CB  1 
ATOM   376  S SG  . CYS A 1 50  ? 3.279   8.020   -3.597  1.00 16.82 ? 51  CYS A SG  1 
ATOM   377  N N   . TYR A 1 51  ? 2.081   5.549   -6.943  1.00 17.84 ? 52  TYR A N   1 
ATOM   378  C CA  . TYR A 1 51  ? 2.859   4.812   -7.937  1.00 19.70 ? 52  TYR A CA  1 
ATOM   379  C C   . TYR A 1 51  ? 2.576   5.427   -9.308  1.00 20.89 ? 52  TYR A C   1 
ATOM   380  O O   . TYR A 1 51  ? 3.459   5.503   -10.163 1.00 21.01 ? 52  TYR A O   1 
ATOM   381  C CB  . TYR A 1 51  ? 2.468   3.323   -7.957  1.00 18.86 ? 52  TYR A CB  1 
ATOM   382  C CG  . TYR A 1 51  ? 3.053   2.472   -6.846  1.00 17.44 ? 52  TYR A CG  1 
ATOM   383  C CD1 . TYR A 1 51  ? 3.948   3.012   -5.919  1.00 15.49 ? 52  TYR A CD1 1 
ATOM   384  C CD2 . TYR A 1 51  ? 2.740   1.111   -6.748  1.00 16.44 ? 52  TYR A CD2 1 
ATOM   385  C CE1 . TYR A 1 51  ? 4.521   2.228   -4.925  1.00 15.17 ? 52  TYR A CE1 1 
ATOM   386  C CE2 . TYR A 1 51  ? 3.308   0.309   -5.753  1.00 17.06 ? 52  TYR A CE2 1 
ATOM   387  C CZ  . TYR A 1 51  ? 4.199   0.881   -4.844  1.00 17.98 ? 52  TYR A CZ  1 
ATOM   388  O OH  . TYR A 1 51  ? 4.757   0.120   -3.844  1.00 19.20 ? 52  TYR A OH  1 
ATOM   389  N N   . GLY A 1 52  ? 1.336   5.869   -9.500  1.00 21.15 ? 53  GLY A N   1 
ATOM   390  C CA  . GLY A 1 52  ? 0.946   6.478   -10.756 1.00 20.95 ? 53  GLY A CA  1 
ATOM   391  C C   . GLY A 1 52  ? 1.816   7.656   -11.157 1.00 23.36 ? 53  GLY A C   1 
ATOM   392  O O   . GLY A 1 52  ? 1.948   7.944   -12.342 1.00 23.28 ? 53  GLY A O   1 
ATOM   393  N N   . ASN A 1 53  ? 2.406   8.341   -10.178 1.00 25.72 ? 54  ASN A N   1 
ATOM   394  C CA  . ASN A 1 53  ? 3.274   9.483   -10.458 1.00 26.85 ? 54  ASN A CA  1 
ATOM   395  C C   . ASN A 1 53  ? 4.675   9.058   -10.901 1.00 29.18 ? 54  ASN A C   1 
ATOM   396  O O   . ASN A 1 53  ? 5.482   9.904   -11.284 1.00 32.37 ? 54  ASN A O   1 
ATOM   397  C CB  . ASN A 1 53  ? 3.425   10.377  -9.222  1.00 29.27 ? 54  ASN A CB  1 
ATOM   398  C CG  . ASN A 1 53  ? 2.129   11.065  -8.816  1.00 31.89 ? 54  ASN A CG  1 
ATOM   399  O OD1 . ASN A 1 53  ? 1.334   11.482  -9.660  1.00 30.05 ? 54  ASN A OD1 1 
ATOM   400  N ND2 . ASN A 1 53  ? 1.928   11.209  -7.509  1.00 33.95 ? 54  ASN A ND2 1 
ATOM   401  N N   . LEU A 1 54  ? 4.970   7.759   -10.843 1.00 29.31 ? 55  LEU A N   1 
ATOM   402  C CA  . LEU A 1 54  ? 6.292   7.236   -11.218 1.00 28.45 ? 55  LEU A CA  1 
ATOM   403  C C   . LEU A 1 54  ? 6.169   6.270   -12.401 1.00 29.44 ? 55  LEU A C   1 
ATOM   404  O O   . LEU A 1 54  ? 6.392   5.067   -12.267 1.00 28.86 ? 55  LEU A O   1 
ATOM   405  C CB  . LEU A 1 54  ? 6.907   6.506   -10.022 1.00 25.12 ? 55  LEU A CB  1 
ATOM   406  C CG  . LEU A 1 54  ? 6.733   7.198   -8.668  1.00 20.63 ? 55  LEU A CG  1 
ATOM   407  C CD1 . LEU A 1 54  ? 7.258   6.299   -7.565  1.00 20.65 ? 55  LEU A CD1 1 
ATOM   408  C CD2 . LEU A 1 54  ? 7.459   8.522   -8.676  1.00 18.93 ? 55  LEU A CD2 1 
ATOM   409  N N   . PRO A 1 55  ? 5.838   6.799   -13.584 1.00 30.74 ? 56  PRO A N   1 
ATOM   410  C CA  . PRO A 1 55  ? 5.662   6.025   -14.816 1.00 31.89 ? 56  PRO A CA  1 
ATOM   411  C C   . PRO A 1 55  ? 6.838   5.160   -15.241 1.00 32.08 ? 56  PRO A C   1 
ATOM   412  O O   . PRO A 1 55  ? 6.657   3.990   -15.594 1.00 32.84 ? 56  PRO A O   1 
ATOM   413  C CB  . PRO A 1 55  ? 5.345   7.096   -15.864 1.00 32.11 ? 56  PRO A CB  1 
ATOM   414  C CG  . PRO A 1 55  ? 4.820   8.248   -15.047 1.00 32.96 ? 56  PRO A CG  1 
ATOM   415  C CD  . PRO A 1 55  ? 5.734   8.240   -13.862 1.00 30.55 ? 56  PRO A CD  1 
ATOM   416  N N   . ASP A 1 56  ? 8.040   5.725   -15.220 1.00 30.39 ? 59  ASP A N   1 
ATOM   417  C CA  . ASP A 1 56  ? 9.197   4.957   -15.648 1.00 32.71 ? 59  ASP A CA  1 
ATOM   418  C C   . ASP A 1 56  ? 9.962   4.250   -14.531 1.00 30.75 ? 59  ASP A C   1 
ATOM   419  O O   . ASP A 1 56  ? 11.161  3.989   -14.647 1.00 31.90 ? 59  ASP A O   1 
ATOM   420  C CB  . ASP A 1 56  ? 10.115  5.847   -16.490 1.00 36.07 ? 59  ASP A CB  1 
ATOM   421  C CG  . ASP A 1 56  ? 9.492   6.208   -17.840 1.00 38.87 ? 59  ASP A CG  1 
ATOM   422  O OD1 . ASP A 1 56  ? 9.899   7.229   -18.431 1.00 41.74 ? 59  ASP A OD1 1 
ATOM   423  O OD2 . ASP A 1 56  ? 8.600   5.467   -18.316 1.00 38.39 ? 59  ASP A OD2 1 
ATOM   424  N N   . CYS A 1 57  ? 9.247   3.932   -13.455 1.00 27.42 ? 61  CYS A N   1 
ATOM   425  C CA  . CYS A 1 57  ? 9.822   3.205   -12.333 1.00 25.35 ? 61  CYS A CA  1 
ATOM   426  C C   . CYS A 1 57  ? 9.117   1.847   -12.284 1.00 24.75 ? 61  CYS A C   1 
ATOM   427  O O   . CYS A 1 57  ? 8.148   1.627   -13.002 1.00 24.59 ? 61  CYS A O   1 
ATOM   428  C CB  . CYS A 1 57  ? 9.594   3.944   -11.014 1.00 23.88 ? 61  CYS A CB  1 
ATOM   429  S SG  . CYS A 1 57  ? 10.417  5.560   -10.814 1.00 20.93 ? 61  CYS A SG  1 
ATOM   430  N N   . ASN A 1 58  ? 9.606   0.940   -11.442 1.00 24.28 ? 67  ASN A N   1 
ATOM   431  C CA  . ASN A 1 58  ? 9.012   -0.388  -11.312 1.00 24.37 ? 67  ASN A CA  1 
ATOM   432  C C   . ASN A 1 58  ? 8.903   -0.737  -9.830  1.00 25.33 ? 67  ASN A C   1 
ATOM   433  O O   . ASN A 1 58  ? 9.725   -1.480  -9.291  1.00 25.38 ? 67  ASN A O   1 
ATOM   434  C CB  . ASN A 1 58  ? 9.878   -1.402  -12.050 1.00 25.64 ? 67  ASN A CB  1 
ATOM   435  C CG  . ASN A 1 58  ? 10.002  -1.082  -13.525 1.00 27.63 ? 67  ASN A CG  1 
ATOM   436  O OD1 . ASN A 1 58  ? 9.067   -1.286  -14.291 1.00 28.93 ? 67  ASN A OD1 1 
ATOM   437  N ND2 . ASN A 1 58  ? 11.153  -0.553  -13.925 1.00 29.83 ? 67  ASN A ND2 1 
ATOM   438  N N   . PRO A 1 59  ? 7.852   -0.219  -9.163  1.00 26.59 ? 68  PRO A N   1 
ATOM   439  C CA  . PRO A 1 59  ? 7.517   -0.375  -7.740  1.00 25.71 ? 68  PRO A CA  1 
ATOM   440  C C   . PRO A 1 59  ? 7.440   -1.784  -7.186  1.00 26.30 ? 68  PRO A C   1 
ATOM   441  O O   . PRO A 1 59  ? 7.774   -2.008  -6.023  1.00 26.46 ? 68  PRO A O   1 
ATOM   442  C CB  . PRO A 1 59  ? 6.176   0.345   -7.615  1.00 26.20 ? 68  PRO A CB  1 
ATOM   443  C CG  . PRO A 1 59  ? 6.157   1.287   -8.775  1.00 25.78 ? 68  PRO A CG  1 
ATOM   444  C CD  . PRO A 1 59  ? 6.749   0.456   -9.868  1.00 24.52 ? 68  PRO A CD  1 
ATOM   445  N N   . LYS A 1 60  ? 6.995   -2.734  -8.000  1.00 26.66 ? 69  LYS A N   1 
ATOM   446  C CA  . LYS A 1 60  ? 6.876   -4.112  -7.538  1.00 26.83 ? 69  LYS A CA  1 
ATOM   447  C C   . LYS A 1 60  ? 8.186   -4.881  -7.517  1.00 24.65 ? 69  LYS A C   1 
ATOM   448  O O   . LYS A 1 60  ? 8.345   -5.809  -6.731  1.00 22.62 ? 69  LYS A O   1 
ATOM   449  C CB  . LYS A 1 60  ? 5.867   -4.880  -8.394  1.00 30.21 ? 69  LYS A CB  1 
ATOM   450  C CG  . LYS A 1 60  ? 4.446   -4.327  -8.345  1.00 36.09 ? 69  LYS A CG  1 
ATOM   451  C CD  . LYS A 1 60  ? 3.504   -5.164  -9.214  1.00 41.73 ? 69  LYS A CD  1 
ATOM   452  C CE  . LYS A 1 60  ? 2.072   -4.629  -9.183  1.00 44.04 ? 69  LYS A CE  1 
ATOM   453  N NZ  . LYS A 1 60  ? 1.087   -5.642  -9.684  1.00 44.71 ? 69  LYS A NZ  1 
ATOM   454  N N   . SER A 1 61  ? 9.135   -4.500  -8.366  1.00 24.77 ? 70  SER A N   1 
ATOM   455  C CA  . SER A 1 61  ? 10.397  -5.229  -8.413  1.00 24.96 ? 70  SER A CA  1 
ATOM   456  C C   . SER A 1 61  ? 11.648  -4.454  -8.034  1.00 23.82 ? 70  SER A C   1 
ATOM   457  O O   . SER A 1 61  ? 12.662  -5.062  -7.705  1.00 24.11 ? 70  SER A O   1 
ATOM   458  C CB  . SER A 1 61  ? 10.594  -5.838  -9.799  1.00 25.96 ? 70  SER A CB  1 
ATOM   459  O OG  . SER A 1 61  ? 10.681  -4.833  -10.791 1.00 30.51 ? 70  SER A OG  1 
ATOM   460  N N   . ASP A 1 62  ? 11.592  -3.125  -8.088  1.00 21.69 ? 71  ASP A N   1 
ATOM   461  C CA  . ASP A 1 62  ? 12.760  -2.325  -7.733  1.00 21.21 ? 71  ASP A CA  1 
ATOM   462  C C   . ASP A 1 62  ? 12.869  -2.295  -6.213  1.00 22.29 ? 71  ASP A C   1 
ATOM   463  O O   . ASP A 1 62  ? 11.981  -1.786  -5.524  1.00 24.50 ? 71  ASP A O   1 
ATOM   464  C CB  . ASP A 1 62  ? 12.636  -0.894  -8.283  1.00 17.19 ? 71  ASP A CB  1 
ATOM   465  C CG  . ASP A 1 62  ? 13.967  -0.125  -8.259  1.00 15.81 ? 71  ASP A CG  1 
ATOM   466  O OD1 . ASP A 1 62  ? 14.984  -0.650  -7.756  1.00 11.91 ? 71  ASP A OD1 1 
ATOM   467  O OD2 . ASP A 1 62  ? 13.994  1.022   -8.749  1.00 14.97 ? 71  ASP A OD2 1 
ATOM   468  N N   . ARG A 1 63  ? 13.956  -2.846  -5.690  1.00 22.51 ? 72  ARG A N   1 
ATOM   469  C CA  . ARG A 1 63  ? 14.161  -2.876  -4.253  1.00 24.09 ? 72  ARG A CA  1 
ATOM   470  C C   . ARG A 1 63  ? 14.859  -1.623  -3.751  1.00 23.60 ? 72  ARG A C   1 
ATOM   471  O O   . ARG A 1 63  ? 15.698  -1.045  -4.441  1.00 22.56 ? 72  ARG A O   1 
ATOM   472  C CB  . ARG A 1 63  ? 14.962  -4.124  -3.865  1.00 27.39 ? 72  ARG A CB  1 
ATOM   473  C CG  . ARG A 1 63  ? 14.184  -5.415  -4.095  1.00 34.25 ? 72  ARG A CG  1 
ATOM   474  C CD  . ARG A 1 63  ? 14.997  -6.661  -3.811  1.00 36.98 ? 72  ARG A CD  1 
ATOM   475  N NE  . ARG A 1 63  ? 15.665  -6.597  -2.518  1.00 43.44 ? 72  ARG A NE  1 
ATOM   476  C CZ  . ARG A 1 63  ? 16.271  -7.631  -1.941  1.00 45.74 ? 72  ARG A CZ  1 
ATOM   477  N NH1 . ARG A 1 63  ? 16.285  -8.816  -2.543  1.00 46.60 ? 72  ARG A NH1 1 
ATOM   478  N NH2 . ARG A 1 63  ? 16.876  -7.474  -0.768  1.00 46.93 ? 72  ARG A NH2 1 
ATOM   479  N N   . TYR A 1 64  ? 14.477  -1.191  -2.554  1.00 23.88 ? 73  TYR A N   1 
ATOM   480  C CA  . TYR A 1 64  ? 15.077  -0.023  -1.925  1.00 23.86 ? 73  TYR A CA  1 
ATOM   481  C C   . TYR A 1 64  ? 15.479  -0.379  -0.491  1.00 24.71 ? 73  TYR A C   1 
ATOM   482  O O   . TYR A 1 64  ? 15.151  -1.454  0.012   1.00 25.99 ? 73  TYR A O   1 
ATOM   483  C CB  . TYR A 1 64  ? 14.100  1.161   -1.940  1.00 22.09 ? 73  TYR A CB  1 
ATOM   484  C CG  . TYR A 1 64  ? 12.750  0.873   -1.324  1.00 20.79 ? 73  TYR A CG  1 
ATOM   485  C CD1 . TYR A 1 64  ? 12.569  0.881   0.062   1.00 19.60 ? 73  TYR A CD1 1 
ATOM   486  C CD2 . TYR A 1 64  ? 11.650  0.571   -2.131  1.00 21.25 ? 73  TYR A CD2 1 
ATOM   487  C CE1 . TYR A 1 64  ? 11.327  0.592   0.628   1.00 19.26 ? 73  TYR A CE1 1 
ATOM   488  C CE2 . TYR A 1 64  ? 10.402  0.279   -1.577  1.00 20.22 ? 73  TYR A CE2 1 
ATOM   489  C CZ  . TYR A 1 64  ? 10.250  0.291   -0.198  1.00 21.07 ? 73  TYR A CZ  1 
ATOM   490  O OH  . TYR A 1 64  ? 9.025   -0.010  0.348   1.00 19.92 ? 73  TYR A OH  1 
ATOM   491  N N   . LYS A 1 65  ? 16.194  0.523   0.161   1.00 26.47 ? 74  LYS A N   1 
ATOM   492  C CA  . LYS A 1 65  ? 16.642  0.286   1.521   1.00 27.36 ? 74  LYS A CA  1 
ATOM   493  C C   . LYS A 1 65  ? 16.010  1.296   2.460   1.00 27.48 ? 74  LYS A C   1 
ATOM   494  O O   . LYS A 1 65  ? 15.900  2.477   2.128   1.00 26.98 ? 74  LYS A O   1 
ATOM   495  C CB  . LYS A 1 65  ? 18.163  0.419   1.599   1.00 30.05 ? 74  LYS A CB  1 
ATOM   496  C CG  . LYS A 1 65  ? 18.931  -0.556  0.725   1.00 33.40 ? 74  LYS A CG  1 
ATOM   497  C CD  . LYS A 1 65  ? 18.902  -1.962  1.301   1.00 38.23 ? 74  LYS A CD  1 
ATOM   498  C CE  . LYS A 1 65  ? 19.732  -2.921  0.452   1.00 42.73 ? 74  LYS A CE  1 
ATOM   499  N NZ  . LYS A 1 65  ? 19.780  -4.307  1.019   1.00 45.56 ? 74  LYS A NZ  1 
ATOM   500  N N   . TYR A 1 66  ? 15.587  0.833   3.631   1.00 27.51 ? 75  TYR A N   1 
ATOM   501  C CA  . TYR A 1 66  ? 15.000  1.729   4.612   1.00 27.87 ? 75  TYR A CA  1 
ATOM   502  C C   . TYR A 1 66  ? 15.383  1.269   6.004   1.00 28.58 ? 75  TYR A C   1 
ATOM   503  O O   . TYR A 1 66  ? 15.619  0.085   6.229   1.00 28.82 ? 75  TYR A O   1 
ATOM   504  C CB  . TYR A 1 66  ? 13.474  1.782   4.454   1.00 26.13 ? 75  TYR A CB  1 
ATOM   505  C CG  . TYR A 1 66  ? 12.707  0.629   5.060   1.00 22.04 ? 75  TYR A CG  1 
ATOM   506  C CD1 . TYR A 1 66  ? 12.383  0.620   6.413   1.00 20.33 ? 75  TYR A CD1 1 
ATOM   507  C CD2 . TYR A 1 66  ? 12.295  -0.446  4.275   1.00 21.92 ? 75  TYR A CD2 1 
ATOM   508  C CE1 . TYR A 1 66  ? 11.663  -0.431  6.970   1.00 21.15 ? 75  TYR A CE1 1 
ATOM   509  C CE2 . TYR A 1 66  ? 11.578  -1.504  4.821   1.00 20.11 ? 75  TYR A CE2 1 
ATOM   510  C CZ  . TYR A 1 66  ? 11.266  -1.490  6.169   1.00 20.50 ? 75  TYR A CZ  1 
ATOM   511  O OH  . TYR A 1 66  ? 10.569  -2.536  6.722   1.00 20.91 ? 75  TYR A OH  1 
ATOM   512  N N   . LYS A 1 67  ? 15.466  2.214   6.932   1.00 29.66 ? 76  LYS A N   1 
ATOM   513  C CA  . LYS A 1 67  ? 15.817  1.895   8.305   1.00 30.66 ? 76  LYS A CA  1 
ATOM   514  C C   . LYS A 1 67  ? 14.783  2.487   9.238   1.00 32.37 ? 76  LYS A C   1 
ATOM   515  O O   . LYS A 1 67  ? 13.938  3.284   8.829   1.00 33.62 ? 76  LYS A O   1 
ATOM   516  C CB  . LYS A 1 67  ? 17.191  2.462   8.653   1.00 30.70 ? 76  LYS A CB  1 
ATOM   517  C CG  . LYS A 1 67  ? 17.271  3.971   8.596   1.00 31.51 ? 76  LYS A CG  1 
ATOM   518  C CD  . LYS A 1 67  ? 18.677  4.443   8.927   1.00 33.44 ? 76  LYS A CD  1 
ATOM   519  C CE  . LYS A 1 67  ? 18.816  5.952   8.764   1.00 35.46 ? 76  LYS A CE  1 
ATOM   520  N NZ  . LYS A 1 67  ? 20.187  6.424   9.121   1.00 37.48 ? 76  LYS A NZ  1 
ATOM   521  N N   . ARG A 1 68  ? 14.844  2.095   10.500  1.00 33.81 ? 77  ARG A N   1 
ATOM   522  C CA  . ARG A 1 68  ? 13.904  2.610   11.468  1.00 34.58 ? 77  ARG A CA  1 
ATOM   523  C C   . ARG A 1 68  ? 14.663  3.331   12.562  1.00 36.33 ? 77  ARG A C   1 
ATOM   524  O O   . ARG A 1 68  ? 15.446  2.725   13.288  1.00 37.87 ? 77  ARG A O   1 
ATOM   525  C CB  . ARG A 1 68  ? 13.066  1.472   12.049  1.00 33.48 ? 77  ARG A CB  1 
ATOM   526  C CG  . ARG A 1 68  ? 12.458  0.586   10.979  1.00 34.56 ? 77  ARG A CG  1 
ATOM   527  C CD  . ARG A 1 68  ? 11.116  -0.002  11.379  1.00 31.54 ? 77  ARG A CD  1 
ATOM   528  N NE  . ARG A 1 68  ? 10.095  1.027   11.525  1.00 31.01 ? 77  ARG A NE  1 
ATOM   529  C CZ  . ARG A 1 68  ? 8.849   0.908   11.081  1.00 30.77 ? 77  ARG A CZ  1 
ATOM   530  N NH1 . ARG A 1 68  ? 8.463   -0.195  10.459  1.00 30.03 ? 77  ARG A NH1 1 
ATOM   531  N NH2 . ARG A 1 68  ? 7.987   1.896   11.259  1.00 32.24 ? 77  ARG A NH2 1 
ATOM   532  N N   . VAL A 1 69  ? 14.458  4.640   12.637  1.00 38.02 ? 78  VAL A N   1 
ATOM   533  C CA  . VAL A 1 69  ? 15.090  5.466   13.651  1.00 40.86 ? 78  VAL A CA  1 
ATOM   534  C C   . VAL A 1 69  ? 14.072  5.482   14.782  1.00 43.05 ? 78  VAL A C   1 
ATOM   535  O O   . VAL A 1 69  ? 13.158  6.312   14.807  1.00 43.63 ? 78  VAL A O   1 
ATOM   536  C CB  . VAL A 1 69  ? 15.351  6.888   13.117  1.00 40.77 ? 78  VAL A CB  1 
ATOM   537  C CG1 . VAL A 1 69  ? 15.942  7.763   14.210  1.00 39.34 ? 78  VAL A CG1 1 
ATOM   538  C CG2 . VAL A 1 69  ? 16.307  6.817   11.935  1.00 40.30 ? 78  VAL A CG2 1 
ATOM   539  N N   . ASN A 1 70  ? 14.532  4.670   15.740  1.00 44.47 ? 79  ASN A N   1 
ATOM   540  C CA  . ASN A 1 70  ? 13.577  4.473   16.826  1.00 45.12 ? 79  ASN A CA  1 
ATOM   541  C C   . ASN A 1 70  ? 12.283  3.946   16.213  1.00 43.86 ? 79  ASN A C   1 
ATOM   542  O O   . ASN A 1 70  ? 12.257  2.838   15.678  1.00 44.85 ? 79  ASN A O   1 
ATOM   543  C CB  . ASN A 1 70  ? 13.403  5.729   17.679  1.00 47.06 ? 79  ASN A CB  1 
ATOM   544  C CG  . ASN A 1 70  ? 14.241  5.991   18.922  1.00 49.59 ? 79  ASN A CG  1 
ATOM   545  O OD1 . ASN A 1 70  ? 14.910  5.086   19.440  1.00 49.28 ? 79  ASN A OD1 1 
ATOM   546  N ND2 . ASN A 1 70  ? 14.198  7.227   19.419  1.00 49.86 ? 79  ASN A ND2 1 
ATOM   547  N N   . GLY A 1 71  ? 11.012  4.328   16.229  1.00 41.53 ? 80  GLY A N   1 
ATOM   548  C CA  . GLY A 1 71  ? 9.910   3.939   15.277  1.00 38.09 ? 80  GLY A CA  1 
ATOM   549  C C   . GLY A 1 71  ? 9.692   4.467   13.871  1.00 36.49 ? 80  GLY A C   1 
ATOM   550  O O   . GLY A 1 71  ? 8.951   3.891   13.073  1.00 35.59 ? 80  GLY A O   1 
ATOM   551  N N   . ALA A 1 72  ? 10.368  5.569   13.570  1.00 33.16 ? 81  ALA A N   1 
ATOM   552  C CA  . ALA A 1 72  ? 10.261  6.230   12.280  1.00 31.20 ? 81  ALA A CA  1 
ATOM   553  C C   . ALA A 1 72  ? 10.836  5.439   11.111  1.00 29.97 ? 81  ALA A C   1 
ATOM   554  O O   . ALA A 1 72  ? 11.871  4.782   11.226  1.00 29.01 ? 81  ALA A O   1 
ATOM   555  C CB  . ALA A 1 72  ? 10.933  7.591   12.353  1.00 30.03 ? 81  ALA A CB  1 
ATOM   556  N N   . ILE A 1 73  ? 10.143  5.503   9.980   1.00 27.02 ? 82  ILE A N   1 
ATOM   557  C CA  . ILE A 1 73  ? 10.606  4.827   8.784   1.00 25.16 ? 82  ILE A CA  1 
ATOM   558  C C   . ILE A 1 73  ? 11.486  5.852   8.082   1.00 24.12 ? 82  ILE A C   1 
ATOM   559  O O   . ILE A 1 73  ? 11.089  6.999   7.887   1.00 24.53 ? 82  ILE A O   1 
ATOM   560  C CB  . ILE A 1 73  ? 9.434   4.420   7.864   1.00 23.67 ? 82  ILE A CB  1 
ATOM   561  C CG1 . ILE A 1 73  ? 8.530   3.414   8.587   1.00 23.61 ? 82  ILE A CG1 1 
ATOM   562  C CG2 . ILE A 1 73  ? 9.974   3.811   6.578   1.00 22.89 ? 82  ILE A CG2 1 
ATOM   563  C CD1 . ILE A 1 73  ? 7.281   3.019   7.812   1.00 19.34 ? 82  ILE A CD1 1 
ATOM   564  N N   . VAL A 1 74  ? 12.697  5.449   7.736   1.00 23.01 ? 83  VAL A N   1 
ATOM   565  C CA  . VAL A 1 74  ? 13.617  6.356   7.064   1.00 22.64 ? 83  VAL A CA  1 
ATOM   566  C C   . VAL A 1 74  ? 14.124  5.711   5.781   1.00 21.69 ? 83  VAL A C   1 
ATOM   567  O O   . VAL A 1 74  ? 14.802  4.685   5.808   1.00 22.25 ? 83  VAL A O   1 
ATOM   568  C CB  . VAL A 1 74  ? 14.818  6.706   7.971   1.00 22.77 ? 83  VAL A CB  1 
ATOM   569  C CG1 . VAL A 1 74  ? 15.779  7.618   7.231   1.00 22.19 ? 83  VAL A CG1 1 
ATOM   570  C CG2 . VAL A 1 74  ? 14.324  7.368   9.256   1.00 22.56 ? 83  VAL A CG2 1 
ATOM   571  N N   . CYS A 1 75  ? 13.762  6.308   4.658   1.00 20.74 ? 84  CYS A N   1 
ATOM   572  C CA  . CYS A 1 75  ? 14.182  5.805   3.362   1.00 21.06 ? 84  CYS A CA  1 
ATOM   573  C C   . CYS A 1 75  ? 15.649  6.170   3.137   1.00 20.88 ? 84  CYS A C   1 
ATOM   574  O O   . CYS A 1 75  ? 16.049  7.308   3.374   1.00 21.58 ? 84  CYS A O   1 
ATOM   575  C CB  . CYS A 1 75  ? 13.301  6.413   2.267   1.00 15.40 ? 84  CYS A CB  1 
ATOM   576  S SG  . CYS A 1 75  ? 11.553  5.893   2.337   1.00 17.17 ? 84  CYS A SG  1 
ATOM   577  N N   . GLU A 1 76  ? 16.451  5.204   2.695   1.00 23.15 ? 85  GLU A N   1 
ATOM   578  C CA  . GLU A 1 76  ? 17.873  5.453   2.457   1.00 26.48 ? 85  GLU A CA  1 
ATOM   579  C C   . GLU A 1 76  ? 18.139  5.864   1.018   1.00 25.91 ? 85  GLU A C   1 
ATOM   580  O O   . GLU A 1 76  ? 17.361  5.547   0.125   1.00 26.18 ? 85  GLU A O   1 
ATOM   581  C CB  . GLU A 1 76  ? 18.691  4.209   2.808   1.00 28.34 ? 85  GLU A CB  1 
ATOM   582  C CG  . GLU A 1 76  ? 18.340  3.657   4.178   1.00 34.51 ? 85  GLU A CG  1 
ATOM   583  C CD  . GLU A 1 76  ? 19.520  3.035   4.881   1.00 37.98 ? 85  GLU A CD  1 
ATOM   584  O OE1 . GLU A 1 76  ? 19.850  1.861   4.595   1.00 39.97 ? 85  GLU A OE1 1 
ATOM   585  O OE2 . GLU A 1 76  ? 20.126  3.737   5.718   1.00 40.43 ? 85  GLU A OE2 1 
ATOM   586  N N   . LYS A 1 77  ? 19.237  6.581   0.806   1.00 26.36 ? 86  LYS A N   1 
ATOM   587  C CA  . LYS A 1 77  ? 19.613  7.045   -0.521  1.00 26.99 ? 86  LYS A CA  1 
ATOM   588  C C   . LYS A 1 77  ? 19.826  5.875   -1.482  1.00 26.17 ? 86  LYS A C   1 
ATOM   589  O O   . LYS A 1 77  ? 20.612  4.960   -1.219  1.00 25.81 ? 86  LYS A O   1 
ATOM   590  C CB  . LYS A 1 77  ? 20.887  7.902   -0.430  1.00 30.64 ? 86  LYS A CB  1 
ATOM   591  C CG  . LYS A 1 77  ? 21.356  8.545   -1.745  1.00 35.85 ? 86  LYS A CG  1 
ATOM   592  C CD  . LYS A 1 77  ? 22.519  9.514   -1.487  1.00 38.73 ? 86  LYS A CD  1 
ATOM   593  C CE  . LYS A 1 77  ? 23.242  9.931   -2.769  1.00 41.26 ? 86  LYS A CE  1 
ATOM   594  N NZ  . LYS A 1 77  ? 24.343  10.924  -2.534  1.00 42.11 ? 86  LYS A NZ  1 
ATOM   595  N N   . GLY A 1 78  ? 19.091  5.912   -2.588  1.00 23.74 ? 88  GLY A N   1 
ATOM   596  C CA  . GLY A 1 78  ? 19.191  4.892   -3.611  1.00 20.70 ? 88  GLY A CA  1 
ATOM   597  C C   . GLY A 1 78  ? 19.014  5.653   -4.906  1.00 20.93 ? 88  GLY A C   1 
ATOM   598  O O   . GLY A 1 78  ? 19.320  6.847   -4.960  1.00 18.92 ? 88  GLY A O   1 
ATOM   599  N N   . THR A 1 79  ? 18.528  4.992   -5.949  1.00 20.11 ? 89  THR A N   1 
ATOM   600  C CA  . THR A 1 79  ? 18.317  5.688   -7.210  1.00 19.44 ? 89  THR A CA  1 
ATOM   601  C C   . THR A 1 79  ? 17.140  6.620   -6.984  1.00 20.74 ? 89  THR A C   1 
ATOM   602  O O   . THR A 1 79  ? 16.511  6.594   -5.924  1.00 19.89 ? 89  THR A O   1 
ATOM   603  C CB  . THR A 1 79  ? 17.968  4.717   -8.346  1.00 20.37 ? 89  THR A CB  1 
ATOM   604  O OG1 . THR A 1 79  ? 16.732  4.052   -8.047  1.00 17.23 ? 89  THR A OG1 1 
ATOM   605  C CG2 . THR A 1 79  ? 19.076  3.682   -8.515  1.00 18.91 ? 89  THR A CG2 1 
ATOM   606  N N   . SER A 1 80  ? 16.842  7.450   -7.975  1.00 21.95 ? 90  SER A N   1 
ATOM   607  C CA  . SER A 1 80  ? 15.729  8.379   -7.858  1.00 22.60 ? 90  SER A CA  1 
ATOM   608  C C   . SER A 1 80  ? 14.417  7.612   -7.693  1.00 21.46 ? 90  SER A C   1 
ATOM   609  O O   . SER A 1 80  ? 13.598  7.960   -6.840  1.00 20.99 ? 90  SER A O   1 
ATOM   610  C CB  . SER A 1 80  ? 15.664  9.275   -9.090  1.00 23.55 ? 90  SER A CB  1 
ATOM   611  O OG  . SER A 1 80  ? 14.476  10.039  -9.081  1.00 32.62 ? 90  SER A OG  1 
ATOM   612  N N   . CYS A 1 81  ? 14.237  6.564   -8.497  1.00 20.05 ? 91  CYS A N   1 
ATOM   613  C CA  . CYS A 1 81  ? 13.029  5.736   -8.440  1.00 19.66 ? 91  CYS A CA  1 
ATOM   614  C C   . CYS A 1 81  ? 12.868  5.054   -7.089  1.00 19.44 ? 91  CYS A C   1 
ATOM   615  O O   . CYS A 1 81  ? 11.778  5.018   -6.519  1.00 17.63 ? 91  CYS A O   1 
ATOM   616  C CB  . CYS A 1 81  ? 13.032  4.668   -9.542  1.00 19.13 ? 91  CYS A CB  1 
ATOM   617  S SG  . CYS A 1 81  ? 12.387  5.200   -11.164 1.00 21.56 ? 91  CYS A SG  1 
ATOM   618  N N   . GLU A 1 82  ? 13.960  4.508   -6.575  1.00 18.96 ? 92  GLU A N   1 
ATOM   619  C CA  . GLU A 1 82  ? 13.908  3.845   -5.291  1.00 19.24 ? 92  GLU A CA  1 
ATOM   620  C C   . GLU A 1 82  ? 13.510  4.805   -4.174  1.00 20.39 ? 92  GLU A C   1 
ATOM   621  O O   . GLU A 1 82  ? 12.748  4.436   -3.277  1.00 20.31 ? 92  GLU A O   1 
ATOM   622  C CB  . GLU A 1 82  ? 15.253  3.188   -5.006  1.00 18.71 ? 92  GLU A CB  1 
ATOM   623  C CG  . GLU A 1 82  ? 15.449  1.904   -5.810  1.00 21.55 ? 92  GLU A CG  1 
ATOM   624  C CD  . GLU A 1 82  ? 16.904  1.572   -6.056  1.00 20.88 ? 92  GLU A CD  1 
ATOM   625  O OE1 . GLU A 1 82  ? 17.758  2.071   -5.297  1.00 23.97 ? 92  GLU A OE1 1 
ATOM   626  O OE2 . GLU A 1 82  ? 17.192  0.808   -7.001  1.00 18.83 ? 92  GLU A OE2 1 
ATOM   627  N N   . ASN A 1 83  ? 14.001  6.040   -4.224  1.00 20.48 ? 93  ASN A N   1 
ATOM   628  C CA  . ASN A 1 83  ? 13.638  6.996   -3.187  1.00 20.70 ? 93  ASN A CA  1 
ATOM   629  C C   . ASN A 1 83  ? 12.133  7.262   -3.215  1.00 20.31 ? 93  ASN A C   1 
ATOM   630  O O   . ASN A 1 83  ? 11.457  7.128   -2.194  1.00 18.63 ? 93  ASN A O   1 
ATOM   631  C CB  . ASN A 1 83  ? 14.399  8.315   -3.359  1.00 23.41 ? 93  ASN A CB  1 
ATOM   632  C CG  . ASN A 1 83  ? 15.909  8.139   -3.298  1.00 25.17 ? 93  ASN A CG  1 
ATOM   633  O OD1 . ASN A 1 83  ? 16.412  7.205   -2.678  1.00 24.39 ? 93  ASN A OD1 1 
ATOM   634  N ND2 . ASN A 1 83  ? 16.640  9.055   -3.932  1.00 27.12 ? 93  ASN A ND2 1 
ATOM   635  N N   . ARG A 1 84  ? 11.606  7.619   -4.386  1.00 20.22 ? 94  ARG A N   1 
ATOM   636  C CA  . ARG A 1 84  ? 10.181  7.909   -4.511  1.00 20.58 ? 94  ARG A CA  1 
ATOM   637  C C   . ARG A 1 84  ? 9.276   6.710   -4.238  1.00 20.27 ? 94  ARG A C   1 
ATOM   638  O O   . ARG A 1 84  ? 8.172   6.874   -3.711  1.00 23.59 ? 94  ARG A O   1 
ATOM   639  C CB  . ARG A 1 84  ? 9.876   8.508   -5.889  1.00 22.98 ? 94  ARG A CB  1 
ATOM   640  C CG  . ARG A 1 84  ? 10.430  9.924   -6.074  1.00 25.51 ? 94  ARG A CG  1 
ATOM   641  C CD  . ARG A 1 84  ? 10.965  10.169  -7.485  1.00 30.72 ? 94  ARG A CD  1 
ATOM   642  N NE  . ARG A 1 84  ? 9.964   10.695  -8.413  1.00 36.27 ? 94  ARG A NE  1 
ATOM   643  C CZ  . ARG A 1 84  ? 9.985   10.501  -9.732  1.00 38.97 ? 94  ARG A CZ  1 
ATOM   644  N NH1 . ARG A 1 84  ? 10.954  9.779   -10.295 1.00 37.64 ? 94  ARG A NH1 1 
ATOM   645  N NH2 . ARG A 1 84  ? 9.040   11.039  -10.493 1.00 40.29 ? 94  ARG A NH2 1 
ATOM   646  N N   . ILE A 1 85  ? 9.726   5.510   -4.583  1.00 16.16 ? 95  ILE A N   1 
ATOM   647  C CA  . ILE A 1 85  ? 8.921   4.327   -4.327  1.00 13.69 ? 95  ILE A CA  1 
ATOM   648  C C   . ILE A 1 85  ? 8.849   4.138   -2.819  1.00 15.39 ? 95  ILE A C   1 
ATOM   649  O O   . ILE A 1 85  ? 7.784   3.881   -2.248  1.00 16.51 ? 95  ILE A O   1 
ATOM   650  C CB  . ILE A 1 85  ? 9.538   3.072   -4.975  1.00 13.98 ? 95  ILE A CB  1 
ATOM   651  C CG1 . ILE A 1 85  ? 9.388   3.157   -6.497  1.00 13.58 ? 95  ILE A CG1 1 
ATOM   652  C CG2 . ILE A 1 85  ? 8.855   1.812   -4.446  1.00 12.32 ? 95  ILE A CG2 1 
ATOM   653  C CD1 . ILE A 1 85  ? 10.186  2.112   -7.251  1.00 16.08 ? 95  ILE A CD1 1 
ATOM   654  N N   . CYS A 1 86  ? 9.988   4.285   -2.165  1.00 13.51 ? 96  CYS A N   1 
ATOM   655  C CA  . CYS A 1 86  ? 10.021  4.132   -0.726  1.00 15.77 ? 96  CYS A CA  1 
ATOM   656  C C   . CYS A 1 86  ? 9.097   5.127   -0.015  1.00 17.09 ? 96  CYS A C   1 
ATOM   657  O O   . CYS A 1 86  ? 8.417   4.761   0.944   1.00 19.82 ? 96  CYS A O   1 
ATOM   658  C CB  . CYS A 1 86  ? 11.446  4.294   -0.222  1.00 14.86 ? 96  CYS A CB  1 
ATOM   659  S SG  . CYS A 1 86  ? 11.607  4.020   1.558   1.00 18.23 ? 96  CYS A SG  1 
ATOM   660  N N   . GLU A 1 87  ? 9.063   6.376   -0.476  1.00 16.02 ? 97  GLU A N   1 
ATOM   661  C CA  . GLU A 1 87  ? 8.204   7.376   0.158   1.00 17.45 ? 97  GLU A CA  1 
ATOM   662  C C   . GLU A 1 87  ? 6.731   7.021   0.009   1.00 18.64 ? 97  GLU A C   1 
ATOM   663  O O   . GLU A 1 87  ? 5.937   7.263   0.918   1.00 17.80 ? 97  GLU A O   1 
ATOM   664  C CB  . GLU A 1 87  ? 8.458   8.768   -0.422  1.00 18.04 ? 97  GLU A CB  1 
ATOM   665  C CG  . GLU A 1 87  ? 9.740   9.434   0.072   1.00 20.32 ? 97  GLU A CG  1 
ATOM   666  C CD  . GLU A 1 87  ? 9.781   9.596   1.585   1.00 24.02 ? 97  GLU A CD  1 
ATOM   667  O OE1 . GLU A 1 87  ? 8.712   9.816   2.192   1.00 25.31 ? 97  GLU A OE1 1 
ATOM   668  O OE2 . GLU A 1 87  ? 10.882  9.519   2.168   1.00 26.16 ? 97  GLU A OE2 1 
ATOM   669  N N   . CYS A 1 88  ? 6.374   6.448   -1.138  1.00 17.97 ? 98  CYS A N   1 
ATOM   670  C CA  . CYS A 1 88  ? 5.004   6.035   -1.401  1.00 17.17 ? 98  CYS A CA  1 
ATOM   671  C C   . CYS A 1 88  ? 4.582   4.892   -0.473  1.00 17.90 ? 98  CYS A C   1 
ATOM   672  O O   . CYS A 1 88  ? 3.464   4.879   0.047   1.00 18.38 ? 98  CYS A O   1 
ATOM   673  C CB  . CYS A 1 88  ? 4.861   5.562   -2.845  1.00 19.27 ? 98  CYS A CB  1 
ATOM   674  S SG  . CYS A 1 88  ? 4.840   6.844   -4.133  1.00 20.03 ? 98  CYS A SG  1 
ATOM   675  N N   . ASP A 1 89  ? 5.473   3.923   -0.286  1.00 16.78 ? 99  ASP A N   1 
ATOM   676  C CA  . ASP A 1 89  ? 5.187   2.779   0.573   1.00 17.08 ? 99  ASP A CA  1 
ATOM   677  C C   . ASP A 1 89  ? 5.109   3.189   2.040   1.00 18.74 ? 99  ASP A C   1 
ATOM   678  O O   . ASP A 1 89  ? 4.236   2.728   2.783   1.00 19.99 ? 99  ASP A O   1 
ATOM   679  C CB  . ASP A 1 89  ? 6.266   1.715   0.399   1.00 15.11 ? 99  ASP A CB  1 
ATOM   680  C CG  . ASP A 1 89  ? 6.192   1.030   -0.945  1.00 17.55 ? 99  ASP A CG  1 
ATOM   681  O OD1 . ASP A 1 89  ? 5.340   1.427   -1.767  1.00 16.41 ? 99  ASP A OD1 1 
ATOM   682  O OD2 . ASP A 1 89  ? 6.987   0.095   -1.179  1.00 18.95 ? 99  ASP A OD2 1 
ATOM   683  N N   . LYS A 1 90  ? 6.028   4.055   2.449   1.00 16.60 ? 100 LYS A N   1 
ATOM   684  C CA  . LYS A 1 90  ? 6.076   4.539   3.814   1.00 17.86 ? 100 LYS A CA  1 
ATOM   685  C C   . LYS A 1 90  ? 4.727   5.147   4.186   1.00 18.49 ? 100 LYS A C   1 
ATOM   686  O O   . LYS A 1 90  ? 4.137   4.796   5.209   1.00 21.02 ? 100 LYS A O   1 
ATOM   687  C CB  . LYS A 1 90  ? 7.184   5.586   3.941   1.00 19.07 ? 100 LYS A CB  1 
ATOM   688  C CG  . LYS A 1 90  ? 7.280   6.277   5.283   1.00 18.86 ? 100 LYS A CG  1 
ATOM   689  C CD  . LYS A 1 90  ? 8.331   7.374   5.202   1.00 21.37 ? 100 LYS A CD  1 
ATOM   690  C CE  . LYS A 1 90  ? 8.469   8.134   6.505   1.00 22.97 ? 100 LYS A CE  1 
ATOM   691  N NZ  . LYS A 1 90  ? 9.503   9.204   6.391   1.00 24.62 ? 100 LYS A NZ  1 
ATOM   692  N N   . ALA A 1 91  ? 4.239   6.049   3.340   1.00 15.30 ? 101 ALA A N   1 
ATOM   693  C CA  . ALA A 1 91  ? 2.965   6.708   3.578   1.00 15.84 ? 101 ALA A CA  1 
ATOM   694  C C   . ALA A 1 91  ? 1.807   5.723   3.722   1.00 16.00 ? 101 ALA A C   1 
ATOM   695  O O   . ALA A 1 91  ? 0.941   5.893   4.574   1.00 16.26 ? 101 ALA A O   1 
ATOM   696  C CB  . ALA A 1 91  ? 2.671   7.694   2.454   1.00 14.96 ? 101 ALA A CB  1 
ATOM   697  N N   . ALA A 1 92  ? 1.780   4.699   2.882   1.00 15.89 ? 102 ALA A N   1 
ATOM   698  C CA  . ALA A 1 92  ? 0.703   3.723   2.960   1.00 17.19 ? 102 ALA A CA  1 
ATOM   699  C C   . ALA A 1 92  ? 0.780   2.945   4.279   1.00 17.69 ? 102 ALA A C   1 
ATOM   700  O O   . ALA A 1 92  ? -0.247  2.700   4.912   1.00 16.25 ? 102 ALA A O   1 
ATOM   701  C CB  . ALA A 1 92  ? 0.766   2.757   1.759   1.00 14.54 ? 102 ALA A CB  1 
ATOM   702  N N   . ALA A 1 93  ? 1.994   2.572   4.693   1.00 16.76 ? 103 ALA A N   1 
ATOM   703  C CA  . ALA A 1 93  ? 2.187   1.813   5.933   1.00 17.34 ? 103 ALA A CA  1 
ATOM   704  C C   . ALA A 1 93  ? 1.678   2.586   7.142   1.00 17.60 ? 103 ALA A C   1 
ATOM   705  O O   . ALA A 1 93  ? 1.045   2.021   8.037   1.00 15.84 ? 103 ALA A O   1 
ATOM   706  C CB  . ALA A 1 93  ? 3.659   1.476   6.123   1.00 15.90 ? 103 ALA A CB  1 
ATOM   707  N N   . ILE A 1 94  ? 1.973   3.880   7.159   1.00 17.91 ? 104 ILE A N   1 
ATOM   708  C CA  . ILE A 1 94  ? 1.551   4.760   8.236   1.00 18.20 ? 104 ILE A CA  1 
ATOM   709  C C   . ILE A 1 94  ? 0.041   4.924   8.144   1.00 18.03 ? 104 ILE A C   1 
ATOM   710  O O   . ILE A 1 94  ? -0.673  4.847   9.135   1.00 18.05 ? 104 ILE A O   1 
ATOM   711  C CB  . ILE A 1 94  ? 2.254   6.129   8.109   1.00 17.84 ? 104 ILE A CB  1 
ATOM   712  C CG1 . ILE A 1 94  ? 3.693   6.005   8.611   1.00 19.99 ? 104 ILE A CG1 1 
ATOM   713  C CG2 . ILE A 1 94  ? 1.491   7.197   8.875   1.00 17.67 ? 104 ILE A CG2 1 
ATOM   714  C CD1 . ILE A 1 94  ? 4.550   7.206   8.318   1.00 20.24 ? 104 ILE A CD1 1 
ATOM   715  N N   . CYS A 1 95  ? -0.439  5.139   6.932   1.00 18.06 ? 105 CYS A N   1 
ATOM   716  C CA  . CYS A 1 95  ? -1.861  5.291   6.705   1.00 18.56 ? 105 CYS A CA  1 
ATOM   717  C C   . CYS A 1 95  ? -2.588  4.037   7.206   1.00 21.55 ? 105 CYS A C   1 
ATOM   718  O O   . CYS A 1 95  ? -3.683  4.139   7.768   1.00 22.63 ? 105 CYS A O   1 
ATOM   719  C CB  . CYS A 1 95  ? -2.107  5.499   5.220   1.00 15.66 ? 105 CYS A CB  1 
ATOM   720  S SG  . CYS A 1 95  ? -3.776  6.017   4.742   1.00 18.62 ? 105 CYS A SG  1 
ATOM   721  N N   . PHE A 1 96  ? -1.981  2.863   7.005   1.00 20.50 ? 106 PHE A N   1 
ATOM   722  C CA  . PHE A 1 96  ? -2.571  1.605   7.468   1.00 22.15 ? 106 PHE A CA  1 
ATOM   723  C C   . PHE A 1 96  ? -2.608  1.543   8.993   1.00 23.67 ? 106 PHE A C   1 
ATOM   724  O O   . PHE A 1 96  ? -3.598  1.105   9.578   1.00 23.33 ? 106 PHE A O   1 
ATOM   725  C CB  . PHE A 1 96  ? -1.786  0.394   6.950   1.00 20.53 ? 106 PHE A CB  1 
ATOM   726  C CG  . PHE A 1 96  ? -2.007  0.100   5.499   1.00 19.14 ? 106 PHE A CG  1 
ATOM   727  C CD1 . PHE A 1 96  ? -3.210  0.421   4.885   1.00 20.54 ? 106 PHE A CD1 1 
ATOM   728  C CD2 . PHE A 1 96  ? -1.014  -0.506  4.744   1.00 17.93 ? 106 PHE A CD2 1 
ATOM   729  C CE1 . PHE A 1 96  ? -3.418  0.144   3.535   1.00 20.44 ? 106 PHE A CE1 1 
ATOM   730  C CE2 . PHE A 1 96  ? -1.209  -0.787  3.400   1.00 18.51 ? 106 PHE A CE2 1 
ATOM   731  C CZ  . PHE A 1 96  ? -2.416  -0.460  2.793   1.00 20.86 ? 106 PHE A CZ  1 
ATOM   732  N N   . ARG A 1 97  ? -1.516  1.969   9.624   1.00 24.83 ? 107 ARG A N   1 
ATOM   733  C CA  . ARG A 1 97  ? -1.408  1.988   11.080  1.00 26.87 ? 107 ARG A CA  1 
ATOM   734  C C   . ARG A 1 97  ? -2.483  2.909   11.635  1.00 28.53 ? 107 ARG A C   1 
ATOM   735  O O   . ARG A 1 97  ? -3.220  2.551   12.555  1.00 31.76 ? 107 ARG A O   1 
ATOM   736  C CB  . ARG A 1 97  ? -0.032  2.515   11.498  1.00 25.97 ? 107 ARG A CB  1 
ATOM   737  C CG  . ARG A 1 97  ? 0.123   2.804   12.990  1.00 25.70 ? 107 ARG A CG  1 
ATOM   738  C CD  . ARG A 1 97  ? 0.096   1.531   13.813  1.00 27.06 ? 107 ARG A CD  1 
ATOM   739  N NE  . ARG A 1 97  ? -1.086  1.453   14.665  1.00 32.93 ? 107 ARG A NE  1 
ATOM   740  C CZ  . ARG A 1 97  ? -1.082  1.666   15.978  1.00 34.40 ? 107 ARG A CZ  1 
ATOM   741  N NH1 . ARG A 1 97  ? 0.048   1.968   16.600  1.00 36.09 ? 107 ARG A NH1 1 
ATOM   742  N NH2 . ARG A 1 97  ? -2.212  1.582   16.672  1.00 35.21 ? 107 ARG A NH2 1 
ATOM   743  N N   . GLN A 1 98  ? -2.568  4.094   11.048  1.00 28.21 ? 108 GLN A N   1 
ATOM   744  C CA  . GLN A 1 98  ? -3.521  5.112   11.457  1.00 28.55 ? 108 GLN A CA  1 
ATOM   745  C C   . GLN A 1 98  ? -4.985  4.721   11.311  1.00 28.49 ? 108 GLN A C   1 
ATOM   746  O O   . GLN A 1 98  ? -5.845  5.343   11.926  1.00 29.00 ? 108 GLN A O   1 
ATOM   747  C CB  . GLN A 1 98  ? -3.255  6.388   10.663  1.00 29.76 ? 108 GLN A CB  1 
ATOM   748  C CG  . GLN A 1 98  ? -4.007  7.609   11.137  1.00 30.85 ? 108 GLN A CG  1 
ATOM   749  C CD  . GLN A 1 98  ? -3.345  8.889   10.663  1.00 32.91 ? 108 GLN A CD  1 
ATOM   750  O OE1 . GLN A 1 98  ? -3.250  9.148   9.464   1.00 32.15 ? 108 GLN A OE1 1 
ATOM   751  N NE2 . GLN A 1 98  ? -2.866  9.691   11.607  1.00 33.71 ? 108 GLN A NE2 1 
ATOM   752  N N   . ASN A 1 99  ? -5.278  3.702   10.505  1.00 27.51 ? 109 ASN A N   1 
ATOM   753  C CA  . ASN A 1 99  ? -6.665  3.289   10.306  1.00 26.46 ? 109 ASN A CA  1 
ATOM   754  C C   . ASN A 1 99  ? -6.985  1.854   10.712  1.00 27.66 ? 109 ASN A C   1 
ATOM   755  O O   . ASN A 1 99  ? -8.012  1.307   10.306  1.00 29.21 ? 109 ASN A O   1 
ATOM   756  C CB  . ASN A 1 99  ? -7.080  3.518   8.851   1.00 24.79 ? 109 ASN A CB  1 
ATOM   757  C CG  . ASN A 1 99  ? -7.209  4.989   8.509   1.00 25.61 ? 109 ASN A CG  1 
ATOM   758  O OD1 . ASN A 1 99  ? -8.049  5.696   9.064   1.00 25.76 ? 109 ASN A OD1 1 
ATOM   759  N ND2 . ASN A 1 99  ? -6.371  5.458   7.596   1.00 27.52 ? 109 ASN A ND2 1 
ATOM   760  N N   . LEU A 1 100 ? -6.115  1.244   11.508  1.00 28.58 ? 110 LEU A N   1 
ATOM   761  C CA  . LEU A 1 100 ? -6.357  -0.116  11.969  1.00 30.80 ? 110 LEU A CA  1 
ATOM   762  C C   . LEU A 1 100 ? -7.709  -0.201  12.672  1.00 33.17 ? 110 LEU A C   1 
ATOM   763  O O   . LEU A 1 100 ? -8.500  -1.106  12.406  1.00 35.19 ? 110 LEU A O   1 
ATOM   764  C CB  . LEU A 1 100 ? -5.266  -0.560  12.941  1.00 29.69 ? 110 LEU A CB  1 
ATOM   765  C CG  . LEU A 1 100 ? -4.003  -1.179  12.350  1.00 30.12 ? 110 LEU A CG  1 
ATOM   766  C CD1 . LEU A 1 100 ? -3.032  -1.532  13.468  1.00 28.99 ? 110 LEU A CD1 1 
ATOM   767  C CD2 . LEU A 1 100 ? -4.377  -2.420  11.557  1.00 30.46 ? 110 LEU A CD2 1 
ATOM   768  N N   . ASN A 1 101 ? -7.972  0.753   13.560  1.00 33.79 ? 111 ASN A N   1 
ATOM   769  C CA  . ASN A 1 101 ? -9.218  0.773   14.315  1.00 35.24 ? 111 ASN A CA  1 
ATOM   770  C C   . ASN A 1 101 ? -10.495 0.574   13.497  1.00 33.67 ? 111 ASN A C   1 
ATOM   771  O O   . ASN A 1 101 ? -11.512 0.156   14.051  1.00 35.31 ? 111 ASN A O   1 
ATOM   772  C CB  . ASN A 1 101 ? -9.334  2.066   15.140  1.00 39.34 ? 111 ASN A CB  1 
ATOM   773  C CG  . ASN A 1 101 ? -9.308  3.326   14.288  1.00 44.37 ? 111 ASN A CG  1 
ATOM   774  O OD1 . ASN A 1 101 ? -9.714  4.398   14.743  1.00 47.78 ? 111 ASN A OD1 1 
ATOM   775  N ND2 . ASN A 1 101 ? -8.817  3.210   13.057  1.00 45.96 ? 111 ASN A ND2 1 
ATOM   776  N N   . THR A 1 102 ? -10.462 0.868   12.199  1.00 31.39 ? 112 THR A N   1 
ATOM   777  C CA  . THR A 1 102 ? -11.655 0.682   11.367  1.00 30.14 ? 112 THR A CA  1 
ATOM   778  C C   . THR A 1 102 ? -11.484 -0.402  10.305  1.00 30.98 ? 112 THR A C   1 
ATOM   779  O O   . THR A 1 102 ? -12.299 -0.515  9.389   1.00 29.93 ? 112 THR A O   1 
ATOM   780  C CB  . THR A 1 102 ? -12.087 1.978   10.647  1.00 28.63 ? 112 THR A CB  1 
ATOM   781  O OG1 . THR A 1 102 ? -11.100 2.347   9.679   1.00 27.46 ? 112 THR A OG1 1 
ATOM   782  C CG2 . THR A 1 102 ? -12.285 3.105   11.648  1.00 28.29 ? 112 THR A CG2 1 
ATOM   783  N N   . TYR A 1 103 ? -10.425 -1.194  10.422  1.00 31.27 ? 113 TYR A N   1 
ATOM   784  C CA  . TYR A 1 103 ? -10.195 -2.269  9.469   1.00 32.52 ? 113 TYR A CA  1 
ATOM   785  C C   . TYR A 1 103 ? -11.387 -3.211  9.606   1.00 33.44 ? 113 TYR A C   1 
ATOM   786  O O   . TYR A 1 103 ? -11.752 -3.591  10.718  1.00 34.04 ? 113 TYR A O   1 
ATOM   787  C CB  . TYR A 1 103 ? -8.883  -2.993  9.805   1.00 31.58 ? 113 TYR A CB  1 
ATOM   788  C CG  . TYR A 1 103 ? -8.539  -4.130  8.873   1.00 31.70 ? 113 TYR A CG  1 
ATOM   789  C CD1 . TYR A 1 103 ? -9.268  -5.319  8.893   1.00 32.47 ? 113 TYR A CD1 1 
ATOM   790  C CD2 . TYR A 1 103 ? -7.498  -4.014  7.956   1.00 32.81 ? 113 TYR A CD2 1 
ATOM   791  C CE1 . TYR A 1 103 ? -8.972  -6.361  8.025   1.00 32.67 ? 113 TYR A CE1 1 
ATOM   792  C CE2 . TYR A 1 103 ? -7.191  -5.056  7.078   1.00 32.36 ? 113 TYR A CE2 1 
ATOM   793  C CZ  . TYR A 1 103 ? -7.935  -6.225  7.121   1.00 33.03 ? 113 TYR A CZ  1 
ATOM   794  O OH  . TYR A 1 103 ? -7.648  -7.258  6.257   1.00 35.27 ? 113 TYR A OH  1 
ATOM   795  N N   . SER A 1 104 ? -11.996 -3.583  8.484   1.00 34.89 ? 114 SER A N   1 
ATOM   796  C CA  . SER A 1 104 ? -13.159 -4.468  8.515   1.00 36.06 ? 114 SER A CA  1 
ATOM   797  C C   . SER A 1 104 ? -13.001 -5.739  7.672   1.00 36.84 ? 114 SER A C   1 
ATOM   798  O O   . SER A 1 104 ? -12.757 -5.680  6.466   1.00 34.50 ? 114 SER A O   1 
ATOM   799  C CB  . SER A 1 104 ? -14.400 -3.701  8.059   1.00 37.10 ? 114 SER A CB  1 
ATOM   800  O OG  . SER A 1 104 ? -15.567 -4.486  8.216   1.00 41.64 ? 114 SER A OG  1 
ATOM   801  N N   . LYS A 1 105 ? -13.160 -6.888  8.320   1.00 38.66 ? 115 LYS A N   1 
ATOM   802  C CA  . LYS A 1 105 ? -13.041 -8.178  7.651   1.00 41.16 ? 115 LYS A CA  1 
ATOM   803  C C   . LYS A 1 105 ? -14.108 -8.403  6.583   1.00 41.25 ? 115 LYS A C   1 
ATOM   804  O O   . LYS A 1 105 ? -13.990 -9.313  5.770   1.00 42.75 ? 115 LYS A O   1 
ATOM   805  C CB  . LYS A 1 105 ? -13.115 -9.312  8.675   1.00 43.40 ? 115 LYS A CB  1 
ATOM   806  C CG  . LYS A 1 105 ? -11.964 -9.339  9.666   1.00 48.22 ? 115 LYS A CG  1 
ATOM   807  C CD  . LYS A 1 105 ? -12.205 -10.385 10.753  1.00 51.36 ? 115 LYS A CD  1 
ATOM   808  C CE  . LYS A 1 105 ? -11.023 -10.480 11.706  1.00 53.40 ? 115 LYS A CE  1 
ATOM   809  N NZ  . LYS A 1 105 ? -9.767  -10.866 10.991  1.00 55.48 ? 115 LYS A NZ  1 
ATOM   810  N N   . LYS A 1 106 ? -15.158 -7.589  6.576   1.00 40.46 ? 116 LYS A N   1 
ATOM   811  C CA  . LYS A 1 106 ? -16.194 -7.772  5.569   1.00 40.71 ? 116 LYS A CA  1 
ATOM   812  C C   . LYS A 1 106 ? -15.744 -7.196  4.226   1.00 39.93 ? 116 LYS A C   1 
ATOM   813  O O   . LYS A 1 106 ? -16.459 -7.295  3.223   1.00 40.16 ? 116 LYS A O   1 
ATOM   814  C CB  . LYS A 1 106 ? -17.505 -7.107  6.005   1.00 41.88 ? 116 LYS A CB  1 
ATOM   815  C CG  . LYS A 1 106 ? -17.525 -5.600  5.877   1.00 43.90 ? 116 LYS A CG  1 
ATOM   816  C CD  . LYS A 1 106 ? -18.941 -5.079  6.025   1.00 47.43 ? 116 LYS A CD  1 
ATOM   817  C CE  . LYS A 1 106 ? -19.018 -3.578  5.786   1.00 49.04 ? 116 LYS A CE  1 
ATOM   818  N NZ  . LYS A 1 106 ? -20.433 -3.100  5.831   1.00 51.83 ? 116 LYS A NZ  1 
ATOM   819  N N   . TYR A 1 107 ? -14.559 -6.590  4.210   1.00 37.00 ? 117 TYR A N   1 
ATOM   820  C CA  . TYR A 1 107 ? -14.032 -6.011  2.987   1.00 33.63 ? 117 TYR A CA  1 
ATOM   821  C C   . TYR A 1 107 ? -12.928 -6.854  2.361   1.00 31.93 ? 117 TYR A C   1 
ATOM   822  O O   . TYR A 1 107 ? -12.448 -6.536  1.279   1.00 30.87 ? 117 TYR A O   1 
ATOM   823  C CB  . TYR A 1 107 ? -13.550 -4.576  3.234   1.00 33.57 ? 117 TYR A CB  1 
ATOM   824  C CG  . TYR A 1 107 ? -14.688 -3.591  3.420   1.00 33.81 ? 117 TYR A CG  1 
ATOM   825  C CD1 . TYR A 1 107 ? -15.686 -3.462  2.456   1.00 35.35 ? 117 TYR A CD1 1 
ATOM   826  C CD2 . TYR A 1 107 ? -14.773 -2.793  4.562   1.00 34.43 ? 117 TYR A CD2 1 
ATOM   827  C CE1 . TYR A 1 107 ? -16.741 -2.560  2.623   1.00 35.55 ? 117 TYR A CE1 1 
ATOM   828  C CE2 . TYR A 1 107 ? -15.826 -1.888  4.740   1.00 32.60 ? 117 TYR A CE2 1 
ATOM   829  C CZ  . TYR A 1 107 ? -16.803 -1.776  3.767   1.00 34.31 ? 117 TYR A CZ  1 
ATOM   830  O OH  . TYR A 1 107 ? -17.832 -0.872  3.921   1.00 32.81 ? 117 TYR A OH  1 
ATOM   831  N N   . MET A 1 108 ? -12.518 -7.926  3.034   1.00 31.42 ? 118 MET A N   1 
ATOM   832  C CA  . MET A 1 108 ? -11.498 -8.805  2.468   1.00 31.85 ? 118 MET A CA  1 
ATOM   833  C C   . MET A 1 108 ? -12.187 -9.565  1.334   1.00 32.31 ? 118 MET A C   1 
ATOM   834  O O   . MET A 1 108 ? -13.391 -9.823  1.403   1.00 32.81 ? 118 MET A O   1 
ATOM   835  C CB  . MET A 1 108 ? -11.000 -9.819  3.499   1.00 32.33 ? 118 MET A CB  1 
ATOM   836  C CG  . MET A 1 108 ? -10.377 -9.256  4.766   1.00 35.70 ? 118 MET A CG  1 
ATOM   837  S SD  . MET A 1 108 ? -9.946  -10.596 5.931   1.00 36.82 ? 118 MET A SD  1 
ATOM   838  C CE  . MET A 1 108 ? -8.545  -11.294 5.129   1.00 33.44 ? 118 MET A CE  1 
ATOM   839  N N   . LEU A 1 109 ? -11.439 -9.926  0.297   1.00 32.50 ? 119 LEU A N   1 
ATOM   840  C CA  . LEU A 1 109 ? -12.014 -10.661 -0.836  1.00 33.09 ? 119 LEU A CA  1 
ATOM   841  C C   . LEU A 1 109 ? -13.271 -9.977  -1.389  1.00 32.43 ? 119 LEU A C   1 
ATOM   842  O O   . LEU A 1 109 ? -14.194 -10.645 -1.866  1.00 34.57 ? 119 LEU A O   1 
ATOM   843  C CB  . LEU A 1 109 ? -12.374 -12.094 -0.414  1.00 31.31 ? 119 LEU A CB  1 
ATOM   844  C CG  . LEU A 1 109 ? -11.275 -13.012 0.127   1.00 31.50 ? 119 LEU A CG  1 
ATOM   845  C CD1 . LEU A 1 109 ? -11.896 -14.295 0.661   1.00 29.63 ? 119 LEU A CD1 1 
ATOM   846  C CD2 . LEU A 1 109 ? -10.279 -13.324 -0.970  1.00 30.11 ? 119 LEU A CD2 1 
ATOM   847  N N   . TYR A 1 110 ? -13.301 -8.650  -1.331  1.00 30.53 ? 120 TYR A N   1 
ATOM   848  C CA  . TYR A 1 110 ? -14.446 -7.879  -1.811  1.00 30.26 ? 120 TYR A CA  1 
ATOM   849  C C   . TYR A 1 110 ? -14.707 -8.133  -3.301  1.00 29.79 ? 120 TYR A C   1 
ATOM   850  O O   . TYR A 1 110 ? -13.813 -7.984  -4.127  1.00 29.38 ? 120 TYR A O   1 
ATOM   851  C CB  . TYR A 1 110 ? -14.195 -6.388  -1.569  1.00 27.87 ? 120 TYR A CB  1 
ATOM   852  C CG  . TYR A 1 110 ? -15.447 -5.543  -1.513  1.00 29.58 ? 120 TYR A CG  1 
ATOM   853  C CD1 . TYR A 1 110 ? -16.334 -5.640  -0.436  1.00 29.39 ? 120 TYR A CD1 1 
ATOM   854  C CD2 . TYR A 1 110 ? -15.746 -4.637  -2.532  1.00 28.77 ? 120 TYR A CD2 1 
ATOM   855  C CE1 . TYR A 1 110 ? -17.485 -4.853  -0.376  1.00 28.38 ? 120 TYR A CE1 1 
ATOM   856  C CE2 . TYR A 1 110 ? -16.892 -3.848  -2.479  1.00 28.81 ? 120 TYR A CE2 1 
ATOM   857  C CZ  . TYR A 1 110 ? -17.753 -3.962  -1.401  1.00 28.38 ? 120 TYR A CZ  1 
ATOM   858  O OH  . TYR A 1 110 ? -18.880 -3.180  -1.349  1.00 30.68 ? 120 TYR A OH  1 
ATOM   859  N N   . PRO A 1 111 ? -15.944 -8.511  -3.664  1.00 30.78 ? 121 PRO A N   1 
ATOM   860  C CA  . PRO A 1 111 ? -16.264 -8.775  -5.071  1.00 29.93 ? 121 PRO A CA  1 
ATOM   861  C C   . PRO A 1 111 ? -16.099 -7.557  -5.971  1.00 29.31 ? 121 PRO A C   1 
ATOM   862  O O   . PRO A 1 111 ? -16.377 -6.432  -5.574  1.00 31.49 ? 121 PRO A O   1 
ATOM   863  C CB  . PRO A 1 111 ? -17.708 -9.271  -5.012  1.00 28.93 ? 121 PRO A CB  1 
ATOM   864  C CG  . PRO A 1 111 ? -18.269 -8.513  -3.872  1.00 30.19 ? 121 PRO A CG  1 
ATOM   865  C CD  . PRO A 1 111 ? -17.156 -8.610  -2.831  1.00 31.95 ? 121 PRO A CD  1 
ATOM   866  N N   . ASP A 1 112 ? -15.655 -7.804  -7.193  1.00 29.27 ? 122 ASP A N   1 
ATOM   867  C CA  . ASP A 1 112 ? -15.418 -6.759  -8.178  1.00 28.89 ? 122 ASP A CA  1 
ATOM   868  C C   . ASP A 1 112 ? -16.627 -5.912  -8.613  1.00 29.90 ? 122 ASP A C   1 
ATOM   869  O O   . ASP A 1 112 ? -16.525 -4.689  -8.707  1.00 29.36 ? 122 ASP A O   1 
ATOM   870  C CB  . ASP A 1 112 ? -14.753 -7.396  -9.406  1.00 28.12 ? 122 ASP A CB  1 
ATOM   871  C CG  . ASP A 1 112 ? -14.548 -6.416  -10.548 1.00 28.74 ? 122 ASP A CG  1 
ATOM   872  O OD1 . ASP A 1 112 ? -15.553 -5.956  -11.137 1.00 26.82 ? 122 ASP A OD1 1 
ATOM   873  O OD2 . ASP A 1 112 ? -13.377 -6.114  -10.861 1.00 29.69 ? 122 ASP A OD2 1 
ATOM   874  N N   . PHE A 1 113 ? -17.768 -6.545  -8.878  1.00 30.94 ? 124 PHE A N   1 
ATOM   875  C CA  . PHE A 1 113 ? -18.943 -5.803  -9.338  1.00 30.93 ? 124 PHE A CA  1 
ATOM   876  C C   . PHE A 1 113 ? -19.416 -4.724  -8.369  1.00 32.31 ? 124 PHE A C   1 
ATOM   877  O O   . PHE A 1 113 ? -20.174 -3.832  -8.752  1.00 33.76 ? 124 PHE A O   1 
ATOM   878  C CB  . PHE A 1 113 ? -20.109 -6.759  -9.651  1.00 28.92 ? 124 PHE A CB  1 
ATOM   879  C CG  . PHE A 1 113 ? -20.831 -7.254  -8.432  1.00 28.33 ? 124 PHE A CG  1 
ATOM   880  C CD1 . PHE A 1 113 ? -20.232 -8.169  -7.573  1.00 28.52 ? 124 PHE A CD1 1 
ATOM   881  C CD2 . PHE A 1 113 ? -22.108 -6.787  -8.130  1.00 27.71 ? 124 PHE A CD2 1 
ATOM   882  C CE1 . PHE A 1 113 ? -20.893 -8.607  -6.422  1.00 27.96 ? 124 PHE A CE1 1 
ATOM   883  C CE2 . PHE A 1 113 ? -22.775 -7.214  -6.987  1.00 24.84 ? 124 PHE A CE2 1 
ATOM   884  C CZ  . PHE A 1 113 ? -22.167 -8.129  -6.131  1.00 27.44 ? 124 PHE A CZ  1 
ATOM   885  N N   . LEU A 1 114 ? -18.979 -4.796  -7.116  1.00 33.55 ? 125 LEU A N   1 
ATOM   886  C CA  . LEU A 1 114 ? -19.381 -3.798  -6.132  1.00 34.95 ? 125 LEU A CA  1 
ATOM   887  C C   . LEU A 1 114 ? -18.457 -2.576  -6.094  1.00 35.04 ? 125 LEU A C   1 
ATOM   888  O O   . LEU A 1 114 ? -18.602 -1.700  -5.242  1.00 34.82 ? 125 LEU A O   1 
ATOM   889  C CB  . LEU A 1 114 ? -19.478 -4.427  -4.741  1.00 35.76 ? 125 LEU A CB  1 
ATOM   890  C CG  . LEU A 1 114 ? -20.691 -5.335  -4.525  1.00 37.87 ? 125 LEU A CG  1 
ATOM   891  C CD1 . LEU A 1 114 ? -20.620 -5.953  -3.142  1.00 38.68 ? 125 LEU A CD1 1 
ATOM   892  C CD2 . LEU A 1 114 ? -21.971 -4.533  -4.684  1.00 38.01 ? 125 LEU A CD2 1 
ATOM   893  N N   . CYS A 1 115 ? -17.503 -2.522  -7.015  1.00 35.27 ? 126 CYS A N   1 
ATOM   894  C CA  . CYS A 1 115 ? -16.601 -1.387  -7.083  1.00 37.36 ? 126 CYS A CA  1 
ATOM   895  C C   . CYS A 1 115 ? -17.089 -0.492  -8.216  1.00 42.20 ? 126 CYS A C   1 
ATOM   896  O O   . CYS A 1 115 ? -16.581 -0.537  -9.340  1.00 41.99 ? 126 CYS A O   1 
ATOM   897  C CB  . CYS A 1 115 ? -15.175 -1.873  -7.310  1.00 32.42 ? 126 CYS A CB  1 
ATOM   898  S SG  . CYS A 1 115 ? -14.583 -2.787  -5.849  1.00 25.98 ? 126 CYS A SG  1 
ATOM   899  N N   . LYS A 1 116 ? -18.091 0.323   -7.887  1.00 47.60 ? 127 LYS A N   1 
ATOM   900  C CA  . LYS A 1 116 ? -18.739 1.221   -8.837  1.00 53.77 ? 127 LYS A CA  1 
ATOM   901  C C   . LYS A 1 116 ? -18.356 2.694   -8.788  1.00 56.34 ? 127 LYS A C   1 
ATOM   902  O O   . LYS A 1 116 ? -18.430 3.341   -7.737  1.00 57.07 ? 127 LYS A O   1 
ATOM   903  C CB  . LYS A 1 116 ? -20.259 1.107   -8.682  1.00 55.70 ? 127 LYS A CB  1 
ATOM   904  C CG  . LYS A 1 116 ? -20.843 -0.160  -9.276  1.00 58.54 ? 127 LYS A CG  1 
ATOM   905  C CD  . LYS A 1 116 ? -22.163 -0.534  -8.619  1.00 60.98 ? 127 LYS A CD  1 
ATOM   906  C CE  . LYS A 1 116 ? -22.670 -1.865  -9.159  1.00 62.25 ? 127 LYS A CE  1 
ATOM   907  N NZ  . LYS A 1 116 ? -23.643 -2.514  -8.236  1.00 61.99 ? 127 LYS A NZ  1 
ATOM   908  N N   . GLY A 1 117 ? -17.973 3.219   -9.948  1.00 57.94 ? 128 GLY A N   1 
ATOM   909  C CA  . GLY A 1 117 ? -17.615 4.619   -10.046 1.00 60.33 ? 128 GLY A CA  1 
ATOM   910  C C   . GLY A 1 117 ? -16.224 4.889   -10.577 1.00 62.25 ? 128 GLY A C   1 
ATOM   911  O O   . GLY A 1 117 ? -15.475 3.970   -10.913 1.00 62.69 ? 128 GLY A O   1 
ATOM   912  N N   . GLU A 1 118 ? -15.890 6.170   -10.665 1.00 63.85 ? 129 GLU A N   1 
ATOM   913  C CA  . GLU A 1 118 ? -14.581 6.597   -11.130 1.00 64.85 ? 129 GLU A CA  1 
ATOM   914  C C   . GLU A 1 118 ? -14.059 7.577   -10.091 1.00 63.34 ? 129 GLU A C   1 
ATOM   915  O O   . GLU A 1 118 ? -14.831 8.138   -9.310  1.00 63.25 ? 129 GLU A O   1 
ATOM   916  C CB  . GLU A 1 118 ? -14.681 7.283   -12.498 1.00 67.81 ? 129 GLU A CB  1 
ATOM   917  C CG  . GLU A 1 118 ? -15.268 8.688   -12.461 1.00 72.38 ? 129 GLU A CG  1 
ATOM   918  C CD  . GLU A 1 118 ? -15.303 9.339   -13.835 1.00 75.47 ? 129 GLU A CD  1 
ATOM   919  O OE1 . GLU A 1 118 ? -16.152 8.942   -14.663 1.00 76.33 ? 129 GLU A OE1 1 
ATOM   920  O OE2 . GLU A 1 118 ? -14.474 10.241  -14.091 1.00 76.93 ? 129 GLU A OE2 1 
ATOM   921  N N   . LEU A 1 119 ? -12.748 7.777   -10.076 1.00 61.31 ? 130 LEU A N   1 
ATOM   922  C CA  . LEU A 1 119 ? -12.133 8.687   -9.124  1.00 58.37 ? 130 LEU A CA  1 
ATOM   923  C C   . LEU A 1 119 ? -10.755 9.057   -9.640  1.00 56.44 ? 130 LEU A C   1 
ATOM   924  O O   . LEU A 1 119 ? -9.863  8.212   -9.706  1.00 56.75 ? 130 LEU A O   1 
ATOM   925  C CB  . LEU A 1 119 ? -12.010 8.012   -7.757  1.00 58.02 ? 130 LEU A CB  1 
ATOM   926  C CG  . LEU A 1 119 ? -12.579 8.752   -6.545  1.00 58.49 ? 130 LEU A CG  1 
ATOM   927  C CD1 . LEU A 1 119 ? -12.469 7.854   -5.330  1.00 58.57 ? 130 LEU A CD1 1 
ATOM   928  C CD2 . LEU A 1 119 ? -11.835 10.061  -6.314  1.00 58.22 ? 130 LEU A CD2 1 
ATOM   929  N N   . LYS A 1 120 ? -10.586 10.313  -10.031 1.00 53.55 ? 131 LYS A N   1 
ATOM   930  C CA  . LYS A 1 120 ? -9.297  10.751  -10.524 1.00 50.15 ? 131 LYS A CA  1 
ATOM   931  C C   . LYS A 1 120 ? -8.368  11.048  -9.347  1.00 46.32 ? 131 LYS A C   1 
ATOM   932  O O   . LYS A 1 120 ? -8.799  11.541  -8.301  1.00 45.19 ? 131 LYS A O   1 
ATOM   933  C CB  . LYS A 1 120 ? -9.468  11.969  -11.439 1.00 52.49 ? 131 LYS A CB  1 
ATOM   934  C CG  . LYS A 1 120 ? -10.083 11.606  -12.796 1.00 57.91 ? 131 LYS A CG  1 
ATOM   935  C CD  . LYS A 1 120 ? -10.099 12.779  -13.777 1.00 61.25 ? 131 LYS A CD  1 
ATOM   936  C CE  . LYS A 1 120 ? -10.439 12.323  -15.204 1.00 62.44 ? 131 LYS A CE  1 
ATOM   937  N NZ  . LYS A 1 120 ? -11.790 11.699  -15.342 1.00 63.09 ? 131 LYS A NZ  1 
ATOM   938  N N   . CYS A 1 121 ? -7.097  10.699  -9.518  1.00 41.37 ? 133 CYS A N   1 
ATOM   939  C CA  . CYS A 1 121 ? -6.079  10.909  -8.498  1.00 37.14 ? 133 CYS A CA  1 
ATOM   940  C C   . CYS A 1 121 ? -5.857  12.386  -8.223  1.00 36.48 ? 133 CYS A C   1 
ATOM   941  O O   . CYS A 1 121 ? -5.610  12.737  -7.048  1.00 36.45 ? 133 CYS A O   1 
ATOM   942  C CB  . CYS A 1 121 ? -4.755  10.282  -8.931  1.00 33.97 ? 133 CYS A CB  1 
ATOM   943  S SG  . CYS A 1 121 ? -4.689  8.464   -8.863  1.00 27.49 ? 133 CYS A SG  1 
ATOM   944  N N   . PHE B 2 1   ? 8.416   -11.492 0.539   0.50 76.14 ? 1   PHE C N   1 
ATOM   945  C CA  . PHE B 2 1   ? 7.795   -12.065 1.699   0.50 75.97 ? 1   PHE C CA  1 
ATOM   946  C C   . PHE B 2 1   ? 6.662   -11.301 2.297   0.50 75.85 ? 1   PHE C C   1 
ATOM   947  O O   . PHE B 2 1   ? 6.721   -10.151 2.861   0.50 75.76 ? 1   PHE C O   1 
ATOM   948  C CB  . PHE B 2 1   ? 8.814   -12.546 2.691   0.50 75.78 ? 1   PHE C CB  1 
ATOM   949  C CG  . PHE B 2 1   ? 9.343   -13.882 2.338   0.50 75.70 ? 1   PHE C CG  1 
ATOM   950  C CD1 . PHE B 2 1   ? 8.843   -14.989 2.987   0.50 75.69 ? 1   PHE C CD1 1 
ATOM   951  C CD2 . PHE B 2 1   ? 10.213  -14.057 1.254   0.50 75.53 ? 1   PHE C CD2 1 
ATOM   952  C CE1 . PHE B 2 1   ? 9.178   -16.223 2.620   0.50 75.42 ? 1   PHE C CE1 1 
ATOM   953  C CE2 . PHE B 2 1   ? 10.572  -15.334 0.867   0.50 75.38 ? 1   PHE C CE2 1 
ATOM   954  C CZ  . PHE B 2 1   ? 10.033  -16.422 1.550   0.50 75.35 ? 1   PHE C CZ  1 
ATOM   955  N N   . LEU B 2 2   ? 5.602   -11.997 1.857   0.50 75.64 ? 2   LEU C N   1 
ATOM   956  C CA  . LEU B 2 2   ? 4.156   -11.885 2.005   0.50 75.08 ? 2   LEU C CA  1 
ATOM   957  C C   . LEU B 2 2   ? 3.414   -10.637 1.512   0.50 74.77 ? 2   LEU C C   1 
ATOM   958  O O   . LEU B 2 2   ? 2.458   -10.215 2.129   0.50 74.65 ? 2   LEU C O   1 
ATOM   959  C CB  . LEU B 2 2   ? 3.826   -12.330 3.426   0.50 75.29 ? 2   LEU C CB  1 
ATOM   960  C CG  . LEU B 2 2   ? 4.271   -13.802 3.402   0.50 75.07 ? 2   LEU C CG  1 
ATOM   961  C CD1 . LEU B 2 2   ? 5.760   -13.923 3.643   0.50 75.19 ? 2   LEU C CD1 1 
ATOM   962  C CD2 . LEU B 2 2   ? 3.514   -14.528 4.459   0.50 74.48 ? 2   LEU C CD2 1 
ATOM   963  N N   . SER B 2 3   ? 3.847   -10.042 0.394   0.50 74.37 ? 3   SER C N   1 
ATOM   964  C CA  . SER B 2 3   ? 3.068   -8.931  -0.164  0.50 73.67 ? 3   SER C CA  1 
ATOM   965  C C   . SER B 2 3   ? 2.998   -8.913  -1.673  0.50 73.52 ? 3   SER C C   1 
ATOM   966  O O   . SER B 2 3   ? 3.847   -9.465  -2.374  0.50 73.57 ? 3   SER C O   1 
ATOM   967  C CB  . SER B 2 3   ? 3.555   -7.545  0.325   0.50 73.32 ? 3   SER C CB  1 
ATOM   968  O OG  . SER B 2 3   ? 2.576   -6.540  0.133   0.50 72.22 ? 3   SER C OG  1 
ATOM   969  N N   . TYR B 2 4   ? 1.860   -8.378  -2.114  0.50 73.08 ? 4   TYR C N   1 
ATOM   970  C CA  . TYR B 2 4   ? 1.443   -8.081  -3.497  0.50 72.84 ? 4   TYR C CA  1 
ATOM   971  C C   . TYR B 2 4   ? 0.233   -7.283  -3.016  0.50 72.78 ? 4   TYR C C   1 
ATOM   972  O O   . TYR B 2 4   ? -0.798  -7.876  -2.739  0.50 73.14 ? 4   TYR C O   1 
ATOM   973  C CB  . TYR B 2 4   ? 1.001   -9.323  -4.354  0.50 72.46 ? 4   TYR C CB  1 
ATOM   974  C CG  . TYR B 2 4   ? 0.255   -8.815  -5.586  0.50 72.71 ? 4   TYR C CG  1 
ATOM   975  C CD1 . TYR B 2 4   ? -0.885  -8.048  -5.391  0.50 72.71 ? 4   TYR C CD1 1 
ATOM   976  C CD2 . TYR B 2 4   ? 0.808   -8.834  -6.882  0.50 73.12 ? 4   TYR C CD2 1 
ATOM   977  C CE1 . TYR B 2 4   ? -1.444  -7.295  -6.374  0.50 73.32 ? 4   TYR C CE1 1 
ATOM   978  C CE2 . TYR B 2 4   ? 0.235   -8.071  -7.898  0.50 73.69 ? 4   TYR C CE2 1 
ATOM   979  C CZ  . TYR B 2 4   ? -0.890  -7.299  -7.616  0.50 73.75 ? 4   TYR C CZ  1 
ATOM   980  O OH  . TYR B 2 4   ? -1.452  -6.509  -8.576  0.50 74.02 ? 4   TYR C OH  1 
ATOM   981  N N   . LYS B 2 5   ? 0.406   -5.979  -2.726  0.50 72.32 ? 5   LYS C N   1 
ATOM   982  C CA  . LYS B 2 5   ? -0.769  -5.184  -2.342  0.50 71.69 ? 5   LYS C CA  1 
ATOM   983  C C   . LYS B 2 5   ? -1.137  -4.388  -3.547  0.50 72.20 ? 5   LYS C C   1 
ATOM   984  O O   . LYS B 2 5   ? -0.263  -4.139  -4.422  0.50 72.43 ? 5   LYS C O   1 
ATOM   985  C CB  . LYS B 2 5   ? -0.539  -4.220  -1.177  0.50 70.07 ? 5   LYS C CB  1 
ATOM   986  C CG  . LYS B 2 5   ? -1.779  -3.427  -0.842  0.50 68.03 ? 5   LYS C CG  1 
ATOM   987  C CD  . LYS B 2 5   ? -1.711  -2.003  -1.148  0.50 65.97 ? 5   LYS C CD  1 
ATOM   988  C CE  . LYS B 2 5   ? -2.129  -1.787  -2.543  0.50 64.42 ? 5   LYS C CE  1 
ATOM   989  N NZ  . LYS B 2 5   ? -2.725  -0.866  -3.507  0.50 62.86 ? 5   LYS C NZ  1 
ATOM   990  O OXT . LYS B 2 5   ? -2.302  -4.052  -3.568  0.50 72.61 ? 5   LYS C OXT 1 
HETATM 991  O O1  . AJM C 3 .   ? -5.753  2.226   -9.827  0.50 97.22 ? 134 AJM A O1  1 
HETATM 992  C C15 . AJM C 3 .   ? -4.648  2.354   -10.735 0.50 97.80 ? 134 AJM A C15 1 
HETATM 993  C C5  . AJM C 3 .   ? -4.417  3.807   -11.202 0.50 97.91 ? 134 AJM A C5  1 
HETATM 994  C C4  . AJM C 3 .   ? -3.677  4.409   -10.015 0.50 97.81 ? 134 AJM A C4  1 
HETATM 995  C C6  . AJM C 3 .   ? -5.553  4.715   -11.551 0.50 97.94 ? 134 AJM A C6  1 
HETATM 996  C C7  . AJM C 3 .   ? -6.882  4.839   -11.088 0.50 97.89 ? 134 AJM A C7  1 
HETATM 997  C C8  . AJM C 3 .   ? -7.700  5.842   -11.664 0.50 97.57 ? 134 AJM A C8  1 
HETATM 998  C C9  . AJM C 3 .   ? -7.223  6.682   -12.684 0.50 97.64 ? 134 AJM A C9  1 
HETATM 999  C C11 . AJM C 3 .   ? -5.050  5.573   -12.608 0.50 97.99 ? 134 AJM A C11 1 
HETATM 1000 C C10 . AJM C 3 .   ? -5.899  6.580   -13.170 0.50 97.76 ? 134 AJM A C10 1 
HETATM 1001 C C14 . AJM C 3 .   ? -3.309  1.979   -10.068 0.50 97.86 ? 134 AJM A C14 1 
HETATM 1002 C C13 . AJM C 3 .   ? -2.428  1.090   -11.036 0.50 98.01 ? 134 AJM A C13 1 
HETATM 1003 C C16 . AJM C 3 .   ? -0.956  1.063   -10.521 0.50 97.84 ? 134 AJM A C16 1 
HETATM 1004 C C3  . AJM C 3 .   ? -2.550  3.339   -9.801  0.50 97.84 ? 134 AJM A C3  1 
HETATM 1005 N N2  . AJM C 3 .   ? -1.510  3.525   -10.884 0.50 97.77 ? 134 AJM A N2  1 
HETATM 1006 C C17 . AJM C 3 .   ? -0.418  2.528   -10.575 0.50 97.69 ? 134 AJM A C17 1 
HETATM 1007 O O2  . AJM C 3 .   ? 0.142   2.821   -9.300  0.50 97.84 ? 134 AJM A O2  1 
HETATM 1008 C C2  . AJM C 3 .   ? -2.116  3.261   -12.261 0.50 97.98 ? 134 AJM A C2  1 
HETATM 1009 C C12 . AJM C 3 .   ? -2.314  1.712   -12.467 0.50 98.07 ? 134 AJM A C12 1 
HETATM 1010 C C1  . AJM C 3 .   ? -3.515  3.841   -12.507 0.50 98.00 ? 134 AJM A C1  1 
HETATM 1011 N N1  . AJM C 3 .   ? -3.682  5.256   -12.906 0.50 98.14 ? 134 AJM A N1  1 
HETATM 1012 C C18 . AJM C 3 .   ? -3.451  5.344   -14.364 0.50 97.77 ? 134 AJM A C18 1 
HETATM 1013 O O   . HOH D 4 .   ? 12.211  1.438   -10.588 1.00 18.93 ? 15  HOH A O   1 
HETATM 1014 O O   . HOH D 4 .   ? 7.344   9.596   -3.719  1.00 33.45 ? 58  HOH A O   1 
HETATM 1015 O O   . HOH D 4 .   ? 1.003   -14.603 4.444   1.00 62.56 ? 60  HOH A O   1 
HETATM 1016 O O   . HOH D 4 .   ? 18.299  0.338   -9.868  1.00 36.34 ? 63  HOH A O   1 
HETATM 1017 O O   . HOH D 4 .   ? -1.110  5.715   0.995   1.00 13.33 ? 135 HOH A O   1 
HETATM 1018 O O   . HOH D 4 .   ? 18.513  8.646   -9.686  1.00 39.11 ? 136 HOH A O   1 
HETATM 1019 O O   . HOH D 4 .   ? -10.512 1.047   7.264   1.00 20.62 ? 137 HOH A O   1 
HETATM 1020 O O   . HOH D 4 .   ? -13.343 4.201   7.567   1.00 29.66 ? 138 HOH A O   1 
HETATM 1021 O O   . HOH D 4 .   ? 7.806   -1.250  -3.460  1.00 18.48 ? 139 HOH A O   1 
HETATM 1022 O O   . HOH D 4 .   ? -8.966  -5.137  -3.874  1.00 25.45 ? 140 HOH A O   1 
HETATM 1023 O O   . HOH D 4 .   ? 6.887   -2.198  -11.317 1.00 50.34 ? 141 HOH A O   1 
HETATM 1024 O O   . HOH D 4 .   ? 16.456  -3.444  -7.092  1.00 48.43 ? 142 HOH A O   1 
HETATM 1025 O O   . HOH D 4 .   ? 8.703   8.024   -13.296 1.00 37.43 ? 143 HOH A O   1 
HETATM 1026 O O   . HOH D 4 .   ? -5.619  -0.629  8.014   1.00 22.14 ? 144 HOH A O   1 
HETATM 1027 O O   . HOH D 4 .   ? 0.931   6.306   -0.656  1.00 31.84 ? 145 HOH A O   1 
HETATM 1028 O O   . HOH D 4 .   ? 16.131  2.252   -9.801  1.00 35.04 ? 146 HOH A O   1 
HETATM 1029 O O   . HOH D 4 .   ? 12.695  1.792   -13.565 1.00 17.10 ? 147 HOH A O   1 
HETATM 1030 O O   . HOH D 4 .   ? 15.478  6.708   -10.766 1.00 26.21 ? 148 HOH A O   1 
HETATM 1031 O O   . HOH D 4 .   ? -9.929  4.818   10.788  1.00 17.72 ? 149 HOH A O   1 
HETATM 1032 O O   . HOH D 4 .   ? 12.269  8.923   4.915   1.00 34.87 ? 150 HOH A O   1 
HETATM 1033 O O   . HOH D 4 .   ? 3.582   -8.730  5.444   1.00 42.55 ? 151 HOH A O   1 
HETATM 1034 O O   . HOH D 4 .   ? -17.442 -7.116  -12.901 1.00 73.98 ? 152 HOH A O   1 
HETATM 1035 O O   . HOH D 4 .   ? -7.443  6.895   4.585   1.00 40.40 ? 153 HOH A O   1 
HETATM 1036 O O   . HOH D 4 .   ? 21.569  6.314   2.821   1.00 37.04 ? 154 HOH A O   1 
HETATM 1037 O O   . HOH D 4 .   ? -6.211  2.941   14.673  1.00 46.21 ? 155 HOH A O   1 
HETATM 1038 O O   . HOH D 4 .   ? 15.354  8.343   -0.444  1.00 54.99 ? 156 HOH A O   1 
HETATM 1039 O O   . HOH D 4 .   ? 4.595   8.834   4.328   1.00 62.69 ? 157 HOH A O   1 
HETATM 1040 O O   . HOH D 4 .   ? -14.003 -0.563  7.301   1.00 47.88 ? 158 HOH A O   1 
HETATM 1041 O O   . HOH D 4 .   ? -11.322 -2.910  -8.160  1.00 40.14 ? 159 HOH A O   1 
HETATM 1042 O O   . HOH D 4 .   ? 14.719  6.451   22.295  1.00 65.33 ? 160 HOH A O   1 
HETATM 1043 O O   . HOH D 4 .   ? 14.880  -2.307  7.994   1.00 49.76 ? 161 HOH A O   1 
HETATM 1044 O O   . HOH D 4 .   ? 18.294  -0.564  -2.759  1.00 59.01 ? 162 HOH A O   1 
HETATM 1045 O O   . HOH D 4 .   ? 7.602   7.036   10.118  1.00 38.10 ? 163 HOH A O   1 
HETATM 1046 O O   . HOH D 4 .   ? 12.486  9.438   -0.794  1.00 66.27 ? 164 HOH A O   1 
HETATM 1047 O O   . HOH D 4 .   ? -17.783 3.411   -1.631  1.00 55.43 ? 165 HOH A O   1 
HETATM 1048 O O   . HOH D 4 .   ? 16.471  -0.178  11.072  1.00 50.72 ? 166 HOH A O   1 
HETATM 1049 O O   . HOH D 4 .   ? 13.733  -9.086  6.953   1.00 57.14 ? 167 HOH A O   1 
HETATM 1050 O O   . HOH D 4 .   ? 6.286   9.394   2.640   1.00 26.58 ? 168 HOH A O   1 
HETATM 1051 O O   . HOH D 4 .   ? 12.671  -2.420  10.134  1.00 32.62 ? 169 HOH A O   1 
HETATM 1052 O O   . HOH D 4 .   ? 13.117  6.176   -15.060 1.00 29.43 ? 170 HOH A O   1 
HETATM 1053 O O   . HOH D 4 .   ? 21.813  4.784   7.175   1.00 61.18 ? 171 HOH A O   1 
HETATM 1054 O O   . HOH D 4 .   ? -11.395 -6.634  11.939  1.00 38.75 ? 172 HOH A O   1 
HETATM 1055 O O   . HOH D 4 .   ? -3.408  8.386   6.877   1.00 56.72 ? 173 HOH A O   1 
HETATM 1056 O O   . HOH D 4 .   ? 8.869   11.362  4.740   1.00 53.03 ? 174 HOH A O   1 
HETATM 1057 O O   . HOH D 4 .   ? -13.935 6.873   0.201   1.00 38.85 ? 175 HOH A O   1 
HETATM 1058 O O   . HOH D 4 .   ? 19.137  9.739   -4.919  1.00 70.63 ? 176 HOH A O   1 
HETATM 1059 O O   . HOH D 4 .   ? 16.038  11.501  -5.319  1.00 54.10 ? 177 HOH A O   1 
HETATM 1060 O O   . HOH D 4 .   ? -14.816 -6.857  11.120  1.00 50.93 ? 178 HOH A O   1 
HETATM 1061 O O   . HOH D 4 .   ? 11.882  -7.769  -5.215  1.00 79.81 ? 179 HOH A O   1 
HETATM 1062 O O   . HOH D 4 .   ? 5.389   -2.191  -4.019  1.00 42.74 ? 180 HOH A O   1 
HETATM 1063 O O   . HOH D 4 .   ? -5.537  15.271  -7.992  1.00 85.67 ? 181 HOH A O   1 
HETATM 1064 O O   . HOH D 4 .   ? -2.567  -6.394  13.599  1.00 74.85 ? 182 HOH A O   1 
HETATM 1065 O O   . HOH D 4 .   ? 10.496  9.692   9.204   1.00 77.99 ? 183 HOH A O   1 
HETATM 1066 O O   . HOH D 4 .   ? 14.099  0.676   16.624  1.00 44.33 ? 184 HOH A O   1 
HETATM 1067 O O   . HOH D 4 .   ? 9.803   6.131   17.426  1.00 66.38 ? 185 HOH A O   1 
HETATM 1068 O O   . HOH D 4 .   ? -10.382 -3.493  13.803  1.00 66.90 ? 186 HOH A O   1 
HETATM 1069 O O   . HOH D 4 .   ? -21.761 -0.705  -5.718  1.00 89.28 ? 187 HOH A O   1 
HETATM 1070 O O   . HOH D 4 .   ? 14.145  -8.228  -6.790  1.00 55.23 ? 188 HOH A O   1 
HETATM 1071 O O   . HOH D 4 .   ? -17.529 -3.330  -11.566 1.00 45.95 ? 189 HOH A O   1 
HETATM 1072 O O   . HOH D 4 .   ? 17.489  -4.556  -0.696  1.00 59.58 ? 190 HOH A O   1 
HETATM 1073 O O   . HOH D 4 .   ? -3.915  -8.852  -6.254  1.00 54.91 ? 191 HOH A O   1 
# 
